data_9FSM
#
_entry.id   9FSM
#
_cell.length_a   1.00
_cell.length_b   1.00
_cell.length_c   1.00
_cell.angle_alpha   90.00
_cell.angle_beta   90.00
_cell.angle_gamma   90.00
#
_symmetry.space_group_name_H-M   'P 1'
#
loop_
_entity.id
_entity.type
_entity.pdbx_description
1 polymer 'TraT complement resistance protein'
2 non-polymer 'DIACYL GLYCEROL'
#
_entity_poly.entity_id   1
_entity_poly.type   'polypeptide(L)'
_entity_poly.pdbx_seq_one_letter_code
;CSAMGTAIKKRNLEVKTQMSETIWLEPSNNKTVYLQIKNTSDKDMSGLQAKIASAVTSKGYQVVSNPDTAGYWIQANVLK
ADKMDLRESQGWLSRGYEGAVTGAALGAGITAYNSSSAGATLGVGLAAGLVGMAADAMVEDVNYTMITDVQIAERTKTQV
QTDNVAVLRQGTSGTKVQTSTETGNQHKYQTRVVSNANKVNLKFPEAQPVLEDQLAKSIANILGSG
;
_entity_poly.pdbx_strand_id   A,B,C,D,E,F,G,H,I,J
#
loop_
_chem_comp.id
_chem_comp.type
_chem_comp.name
_chem_comp.formula
DGA non-polymer 'DIACYL GLYCEROL' 'C39 H76 O5'
#
# COMPACT_ATOMS: atom_id res chain seq x y z
N CYS A 1 22.74 23.82 -22.22
CA CYS A 1 21.41 24.41 -22.28
C CYS A 1 20.35 23.32 -22.49
N SER A 2 19.37 23.27 -21.58
CA SER A 2 18.28 22.31 -21.71
C SER A 2 17.46 22.57 -22.97
N ALA A 3 17.18 23.83 -23.25
CA ALA A 3 16.41 24.20 -24.43
C ALA A 3 17.14 23.81 -25.71
N MET A 4 18.44 24.10 -25.77
CA MET A 4 19.20 23.75 -26.97
C MET A 4 19.36 22.24 -27.08
N GLY A 5 19.50 21.56 -25.95
CA GLY A 5 19.57 20.11 -25.97
C GLY A 5 18.28 19.49 -26.50
N THR A 6 17.13 20.04 -26.09
CA THR A 6 15.86 19.57 -26.64
C THR A 6 15.75 19.89 -28.13
N ALA A 7 16.16 21.09 -28.53
CA ALA A 7 16.05 21.47 -29.94
C ALA A 7 16.95 20.60 -30.81
N ILE A 8 18.04 20.08 -30.24
CA ILE A 8 18.92 19.20 -30.99
C ILE A 8 18.36 17.78 -31.01
N LYS A 9 17.95 17.28 -29.84
CA LYS A 9 17.42 15.92 -29.75
C LYS A 9 16.25 15.71 -30.70
N LYS A 10 15.17 16.46 -30.49
CA LYS A 10 13.95 16.29 -31.26
C LYS A 10 13.87 17.34 -32.37
N ARG A 11 14.83 17.27 -33.29
CA ARG A 11 14.92 18.27 -34.34
C ARG A 11 14.11 17.92 -35.56
N ASN A 12 13.76 16.64 -35.75
CA ASN A 12 12.96 16.21 -36.88
C ASN A 12 11.73 15.46 -36.39
N LEU A 13 10.67 15.54 -37.16
CA LEU A 13 9.38 14.98 -36.76
C LEU A 13 9.47 13.48 -36.56
N GLU A 14 8.95 13.00 -35.44
CA GLU A 14 8.96 11.58 -35.12
C GLU A 14 7.53 11.12 -34.88
N VAL A 15 7.04 10.21 -35.72
CA VAL A 15 5.66 9.75 -35.67
C VAL A 15 5.64 8.27 -35.36
N LYS A 16 4.87 7.90 -34.34
CA LYS A 16 4.69 6.53 -33.93
C LYS A 16 3.20 6.18 -34.00
N THR A 17 2.91 4.93 -34.36
CA THR A 17 1.54 4.46 -34.49
C THR A 17 1.47 3.03 -33.99
N GLN A 18 0.77 2.81 -32.89
CA GLN A 18 0.75 1.50 -32.24
C GLN A 18 -0.68 1.03 -32.07
N MET A 19 -1.00 -0.10 -32.70
CA MET A 19 -2.27 -0.76 -32.47
C MET A 19 -2.30 -1.40 -31.09
N SER A 20 -3.46 -1.40 -30.45
CA SER A 20 -3.55 -1.91 -29.10
C SER A 20 -3.43 -3.43 -29.07
N GLU A 21 -4.35 -4.12 -29.74
CA GLU A 21 -4.34 -5.57 -29.78
C GLU A 21 -4.68 -6.03 -31.19
N THR A 22 -4.44 -7.32 -31.44
CA THR A 22 -4.62 -7.90 -32.76
C THR A 22 -6.06 -8.38 -32.95
N ILE A 23 -6.62 -8.07 -34.11
CA ILE A 23 -7.91 -8.60 -34.51
C ILE A 23 -7.64 -9.71 -35.53
N TRP A 24 -7.98 -10.94 -35.16
CA TRP A 24 -7.74 -12.09 -36.02
C TRP A 24 -8.92 -12.28 -36.97
N LEU A 25 -8.63 -12.35 -38.26
CA LEU A 25 -9.64 -12.57 -39.28
C LEU A 25 -9.33 -13.87 -40.00
N GLU A 26 -10.33 -14.71 -40.17
CA GLU A 26 -10.16 -15.95 -40.91
C GLU A 26 -9.90 -15.65 -42.38
N PRO A 27 -9.15 -16.51 -43.06
CA PRO A 27 -8.98 -16.36 -44.52
C PRO A 27 -10.34 -16.38 -45.20
N SER A 28 -10.55 -15.44 -46.11
CA SER A 28 -11.85 -15.25 -46.72
C SER A 28 -11.69 -14.78 -48.15
N ASN A 29 -12.75 -14.96 -48.93
CA ASN A 29 -12.80 -14.50 -50.30
C ASN A 29 -13.53 -13.18 -50.45
N ASN A 30 -13.94 -12.55 -49.35
CA ASN A 30 -14.60 -11.27 -49.43
C ASN A 30 -13.65 -10.21 -49.98
N LYS A 31 -14.16 -9.36 -50.86
CA LYS A 31 -13.36 -8.30 -51.44
C LYS A 31 -13.96 -6.92 -51.23
N THR A 32 -15.18 -6.82 -50.70
CA THR A 32 -15.86 -5.55 -50.55
C THR A 32 -15.68 -5.04 -49.13
N VAL A 33 -15.35 -3.76 -49.03
CA VAL A 33 -15.14 -3.08 -47.74
C VAL A 33 -15.95 -1.81 -47.72
N TYR A 34 -16.63 -1.56 -46.61
CA TYR A 34 -17.37 -0.32 -46.40
C TYR A 34 -16.68 0.48 -45.29
N LEU A 35 -16.36 1.74 -45.59
CA LEU A 35 -15.62 2.58 -44.65
C LEU A 35 -16.55 3.59 -44.00
N GLN A 36 -16.44 3.74 -42.69
CA GLN A 36 -17.15 4.75 -41.93
C GLN A 36 -16.15 5.41 -40.99
N ILE A 37 -15.63 6.56 -41.37
CA ILE A 37 -14.58 7.25 -40.63
C ILE A 37 -15.17 8.52 -40.04
N LYS A 38 -15.01 8.69 -38.73
CA LYS A 38 -15.49 9.87 -38.04
C LYS A 38 -14.36 10.47 -37.23
N ASN A 39 -14.54 11.74 -36.85
CA ASN A 39 -13.48 12.49 -36.17
C ASN A 39 -14.15 13.37 -35.11
N THR A 40 -14.16 12.92 -33.87
CA THR A 40 -14.68 13.71 -32.76
C THR A 40 -13.56 14.39 -31.98
N SER A 41 -12.46 14.72 -32.63
CA SER A 41 -11.34 15.39 -32.00
C SER A 41 -11.21 16.80 -32.53
N ASP A 42 -10.49 17.64 -31.77
CA ASP A 42 -10.29 19.02 -32.19
C ASP A 42 -9.35 19.14 -33.36
N LYS A 43 -8.49 18.16 -33.57
CA LYS A 43 -7.58 18.18 -34.71
C LYS A 43 -8.32 17.79 -35.98
N ASP A 44 -7.67 18.04 -37.12
CA ASP A 44 -8.26 17.80 -38.42
C ASP A 44 -7.55 16.64 -39.09
N MET A 45 -8.29 15.57 -39.37
CA MET A 45 -7.83 14.49 -40.25
C MET A 45 -8.93 14.26 -41.28
N SER A 46 -8.91 15.06 -42.34
CA SER A 46 -9.93 14.94 -43.37
C SER A 46 -9.50 13.98 -44.46
N GLY A 47 -8.20 13.80 -44.65
CA GLY A 47 -7.70 12.88 -45.65
C GLY A 47 -7.57 11.45 -45.20
N LEU A 48 -8.01 11.13 -43.98
CA LEU A 48 -7.84 9.79 -43.46
C LEU A 48 -8.74 8.79 -44.18
N GLN A 49 -9.96 9.20 -44.50
CA GLN A 49 -10.86 8.32 -45.25
C GLN A 49 -10.27 7.93 -46.59
N ALA A 50 -9.80 8.92 -47.35
CA ALA A 50 -9.25 8.64 -48.68
C ALA A 50 -8.00 7.79 -48.59
N LYS A 51 -7.17 8.04 -47.58
CA LYS A 51 -5.95 7.26 -47.43
C LYS A 51 -6.26 5.82 -47.05
N ILE A 52 -7.24 5.60 -46.17
CA ILE A 52 -7.64 4.25 -45.83
C ILE A 52 -8.20 3.55 -47.07
N ALA A 53 -9.02 4.25 -47.84
CA ALA A 53 -9.57 3.66 -49.06
C ALA A 53 -8.48 3.27 -50.03
N SER A 54 -7.49 4.15 -50.21
CA SER A 54 -6.40 3.85 -51.14
C SER A 54 -5.58 2.67 -50.65
N ALA A 55 -5.26 2.62 -49.35
CA ALA A 55 -4.49 1.51 -48.82
C ALA A 55 -5.25 0.19 -48.94
N VAL A 56 -6.56 0.22 -48.68
CA VAL A 56 -7.36 -0.99 -48.81
C VAL A 56 -7.42 -1.45 -50.25
N THR A 57 -7.61 -0.52 -51.19
CA THR A 57 -7.65 -0.90 -52.59
C THR A 57 -6.31 -1.42 -53.08
N SER A 58 -5.21 -0.97 -52.48
CA SER A 58 -3.90 -1.49 -52.84
C SER A 58 -3.77 -2.97 -52.52
N LYS A 59 -4.53 -3.49 -51.57
CA LYS A 59 -4.45 -4.88 -51.17
C LYS A 59 -5.38 -5.78 -51.98
N GLY A 60 -6.09 -5.25 -52.96
CA GLY A 60 -7.00 -6.03 -53.76
C GLY A 60 -8.45 -5.94 -53.35
N TYR A 61 -8.73 -5.36 -52.19
CA TYR A 61 -10.12 -5.17 -51.79
C TYR A 61 -10.76 -4.06 -52.62
N GLN A 62 -12.08 -4.03 -52.60
CA GLN A 62 -12.86 -3.04 -53.31
C GLN A 62 -13.74 -2.29 -52.33
N VAL A 63 -13.63 -0.97 -52.32
CA VAL A 63 -14.39 -0.14 -51.39
C VAL A 63 -15.75 0.14 -51.98
N VAL A 64 -16.81 -0.17 -51.22
CA VAL A 64 -18.17 -0.01 -51.68
C VAL A 64 -18.87 1.00 -50.78
N SER A 65 -19.96 1.55 -51.28
CA SER A 65 -20.74 2.55 -50.55
C SER A 65 -22.01 1.97 -49.94
N ASN A 66 -22.26 0.68 -50.12
CA ASN A 66 -23.46 0.05 -49.58
C ASN A 66 -23.09 -0.79 -48.38
N PRO A 67 -23.43 -0.38 -47.15
CA PRO A 67 -23.04 -1.15 -45.98
C PRO A 67 -23.64 -2.55 -45.93
N ASP A 68 -24.81 -2.75 -46.53
CA ASP A 68 -25.50 -4.04 -46.39
C ASP A 68 -24.81 -5.13 -47.19
N THR A 69 -24.27 -4.79 -48.35
CA THR A 69 -23.64 -5.77 -49.24
C THR A 69 -22.12 -5.69 -49.18
N ALA A 70 -21.56 -5.41 -48.02
CA ALA A 70 -20.11 -5.31 -47.84
C ALA A 70 -19.64 -6.43 -46.92
N GLY A 71 -18.66 -7.21 -47.38
CA GLY A 71 -18.14 -8.28 -46.56
C GLY A 71 -17.47 -7.77 -45.29
N TYR A 72 -16.77 -6.64 -45.40
CA TYR A 72 -16.08 -6.05 -44.26
C TYR A 72 -16.57 -4.64 -44.03
N TRP A 73 -16.59 -4.24 -42.77
CA TRP A 73 -16.77 -2.85 -42.37
C TRP A 73 -15.52 -2.40 -41.66
N ILE A 74 -15.02 -1.24 -42.02
CA ILE A 74 -13.98 -0.57 -41.26
C ILE A 74 -14.63 0.67 -40.68
N GLN A 75 -14.94 0.61 -39.39
CA GLN A 75 -15.52 1.73 -38.66
C GLN A 75 -14.42 2.31 -37.78
N ALA A 76 -14.02 3.54 -38.07
CA ALA A 76 -12.94 4.18 -37.35
C ALA A 76 -13.41 5.52 -36.82
N ASN A 77 -12.97 5.86 -35.62
CA ASN A 77 -13.28 7.14 -35.01
C ASN A 77 -12.00 7.71 -34.42
N VAL A 78 -11.57 8.86 -34.91
CA VAL A 78 -10.44 9.54 -34.31
C VAL A 78 -10.96 10.21 -33.06
N LEU A 79 -10.92 9.48 -31.95
CA LEU A 79 -11.66 9.89 -30.78
C LEU A 79 -11.05 11.09 -30.08
N LYS A 80 -9.75 11.07 -29.85
CA LYS A 80 -9.13 12.06 -28.98
C LYS A 80 -7.83 12.55 -29.56
N ALA A 81 -7.45 13.76 -29.14
CA ALA A 81 -6.15 14.32 -29.48
C ALA A 81 -5.74 15.29 -28.39
N ASP A 82 -4.54 15.11 -27.86
CA ASP A 82 -4.00 15.95 -26.81
C ASP A 82 -2.63 16.45 -27.25
N LYS A 83 -2.25 17.61 -26.73
CA LYS A 83 -0.94 18.19 -26.99
C LYS A 83 -0.28 18.50 -25.67
N MET A 84 0.96 18.04 -25.49
CA MET A 84 1.67 18.32 -24.25
C MET A 84 3.10 18.70 -24.54
N ASP A 85 3.70 19.41 -23.58
CA ASP A 85 5.12 19.71 -23.59
C ASP A 85 5.84 18.69 -22.71
N LEU A 86 6.81 17.99 -23.29
CA LEU A 86 7.55 16.98 -22.53
C LEU A 86 8.56 17.60 -21.60
N ARG A 87 9.09 18.78 -21.93
CA ARG A 87 10.06 19.44 -21.07
C ARG A 87 9.49 19.71 -19.69
N GLU A 88 8.18 19.96 -19.60
CA GLU A 88 7.56 20.22 -18.31
C GLU A 88 7.56 19.00 -17.41
N SER A 89 7.89 17.83 -17.95
CA SER A 89 8.10 16.66 -17.09
C SER A 89 9.31 16.83 -16.20
N GLN A 90 10.19 17.79 -16.49
CA GLN A 90 11.35 18.08 -15.67
C GLN A 90 11.08 19.15 -14.62
N GLY A 91 9.84 19.59 -14.48
CA GLY A 91 9.51 20.63 -13.52
C GLY A 91 10.22 21.94 -13.83
N TRP A 92 11.10 22.37 -12.93
CA TRP A 92 11.85 23.60 -13.14
C TRP A 92 12.96 23.33 -14.15
N LEU A 93 13.81 24.33 -14.39
CA LEU A 93 14.78 24.31 -15.50
C LEU A 93 14.09 24.22 -16.85
N SER A 94 12.80 24.52 -16.89
CA SER A 94 12.03 24.50 -18.12
C SER A 94 11.15 25.73 -18.28
N ARG A 95 11.17 26.66 -17.34
CA ARG A 95 10.39 27.89 -17.42
C ARG A 95 11.25 29.07 -17.86
N GLY A 96 12.50 28.83 -18.22
CA GLY A 96 13.41 29.89 -18.64
C GLY A 96 14.42 30.30 -17.59
N TYR A 97 14.47 29.63 -16.44
CA TYR A 97 15.44 29.99 -15.41
C TYR A 97 16.86 29.90 -15.96
N GLU A 98 17.28 28.71 -16.36
CA GLU A 98 18.61 28.54 -16.93
C GLU A 98 18.79 29.35 -18.20
N GLY A 99 17.73 29.55 -18.98
CA GLY A 99 17.81 30.42 -20.13
C GLY A 99 18.03 31.87 -19.75
N ALA A 100 17.51 32.28 -18.60
CA ALA A 100 17.77 33.64 -18.13
C ALA A 100 19.19 33.77 -17.60
N VAL A 101 19.66 32.76 -16.87
CA VAL A 101 21.03 32.79 -16.34
C VAL A 101 22.03 32.83 -17.47
N THR A 102 21.83 32.01 -18.49
CA THR A 102 22.66 32.05 -19.69
C THR A 102 22.16 33.21 -20.53
N GLY A 103 22.79 34.36 -20.33
CA GLY A 103 22.35 35.60 -20.93
C GLY A 103 22.45 36.71 -19.91
N ALA A 104 22.11 36.42 -18.65
CA ALA A 104 22.55 37.29 -17.57
C ALA A 104 24.06 37.24 -17.45
N ALA A 105 24.64 36.05 -17.57
CA ALA A 105 26.09 35.93 -17.65
C ALA A 105 26.64 36.58 -18.91
N LEU A 106 25.97 36.40 -20.05
CA LEU A 106 26.44 36.99 -21.30
C LEU A 106 26.33 38.50 -21.29
N GLY A 107 25.51 39.08 -20.40
CA GLY A 107 25.49 40.52 -20.26
C GLY A 107 26.78 41.07 -19.67
N ALA A 108 27.54 40.24 -18.96
CA ALA A 108 28.87 40.65 -18.51
C ALA A 108 29.85 40.72 -19.67
N GLY A 109 29.48 40.23 -20.85
CA GLY A 109 30.28 40.38 -22.04
C GLY A 109 30.35 41.79 -22.58
N ILE A 110 29.82 42.76 -21.84
CA ILE A 110 29.97 44.17 -22.18
C ILE A 110 30.92 44.89 -21.25
N THR A 111 31.16 44.38 -20.04
CA THR A 111 32.10 44.99 -19.12
C THR A 111 33.51 44.96 -19.68
N ALA A 112 33.93 43.80 -20.18
CA ALA A 112 35.26 43.66 -20.77
C ALA A 112 35.33 44.23 -22.19
N TYR A 113 34.35 45.01 -22.60
CA TYR A 113 34.31 45.56 -23.95
C TYR A 113 34.05 47.06 -23.85
N ASN A 114 33.77 47.69 -24.99
CA ASN A 114 33.76 49.14 -25.22
C ASN A 114 33.20 49.88 -24.00
N SER A 115 31.96 49.64 -23.59
CA SER A 115 31.37 50.40 -22.49
C SER A 115 31.21 49.53 -21.26
N SER A 116 31.86 49.94 -20.18
CA SER A 116 31.77 49.24 -18.89
C SER A 116 31.03 50.08 -17.85
N SER A 117 30.21 51.02 -18.30
CA SER A 117 29.42 51.84 -17.39
C SER A 117 28.47 50.96 -16.59
N ALA A 118 28.41 51.20 -15.27
CA ALA A 118 27.64 50.34 -14.39
C ALA A 118 26.17 50.30 -14.78
N GLY A 119 25.60 51.48 -15.05
CA GLY A 119 24.24 51.51 -15.55
C GLY A 119 24.09 50.82 -16.89
N ALA A 120 25.02 51.07 -17.81
CA ALA A 120 24.96 50.45 -19.13
C ALA A 120 25.10 48.94 -19.05
N THR A 121 26.07 48.46 -18.26
CA THR A 121 26.24 47.01 -18.16
C THR A 121 25.06 46.37 -17.47
N LEU A 122 24.50 47.03 -16.45
CA LEU A 122 23.32 46.47 -15.79
C LEU A 122 22.15 46.39 -16.76
N GLY A 123 21.93 47.44 -17.55
CA GLY A 123 20.82 47.42 -18.49
C GLY A 123 20.99 46.37 -19.57
N VAL A 124 22.21 46.27 -20.13
CA VAL A 124 22.45 45.28 -21.18
C VAL A 124 22.35 43.87 -20.62
N GLY A 125 22.88 43.64 -19.42
CA GLY A 125 22.75 42.33 -18.80
C GLY A 125 21.30 41.96 -18.53
N LEU A 126 20.50 42.91 -18.06
CA LEU A 126 19.10 42.64 -17.81
C LEU A 126 18.37 42.32 -19.11
N ALA A 127 18.61 43.10 -20.16
CA ALA A 127 17.97 42.84 -21.44
C ALA A 127 18.38 41.49 -22.00
N ALA A 128 19.66 41.15 -21.89
CA ALA A 128 20.14 39.86 -22.39
C ALA A 128 19.54 38.71 -21.59
N GLY A 129 19.44 38.86 -20.26
CA GLY A 129 18.80 37.82 -19.47
C GLY A 129 17.33 37.65 -19.82
N LEU A 130 16.64 38.76 -20.05
CA LEU A 130 15.24 38.67 -20.47
C LEU A 130 15.11 37.97 -21.82
N VAL A 131 15.98 38.30 -22.76
CA VAL A 131 15.92 37.67 -24.08
C VAL A 131 16.25 36.19 -23.98
N GLY A 132 17.22 35.83 -23.12
CA GLY A 132 17.55 34.44 -22.93
C GLY A 132 16.41 33.65 -22.31
N MET A 133 15.75 34.23 -21.32
CA MET A 133 14.59 33.58 -20.72
C MET A 133 13.47 33.43 -21.73
N ALA A 134 13.24 34.46 -22.57
CA ALA A 134 12.21 34.36 -23.59
C ALA A 134 12.54 33.26 -24.59
N ALA A 135 13.78 33.18 -25.04
CA ALA A 135 14.16 32.16 -26.01
C ALA A 135 14.06 30.77 -25.40
N ASP A 136 14.45 30.61 -24.14
CA ASP A 136 14.31 29.32 -23.49
C ASP A 136 12.85 28.92 -23.35
N ALA A 137 11.99 29.85 -22.91
CA ALA A 137 10.59 29.55 -22.75
C ALA A 137 9.86 29.37 -24.07
N MET A 138 10.40 29.91 -25.15
CA MET A 138 9.77 29.77 -26.45
C MET A 138 10.15 28.47 -27.16
N VAL A 139 10.97 27.63 -26.55
CA VAL A 139 11.31 26.33 -27.10
C VAL A 139 10.29 25.33 -26.59
N GLU A 140 9.43 24.87 -27.49
CA GLU A 140 8.30 24.03 -27.16
C GLU A 140 8.62 22.63 -27.66
N ASP A 141 8.71 21.68 -26.74
CA ASP A 141 9.00 20.29 -27.13
C ASP A 141 7.65 19.58 -27.13
N VAL A 142 6.95 19.68 -28.24
CA VAL A 142 5.54 19.32 -28.28
C VAL A 142 5.39 17.88 -28.74
N ASN A 143 4.42 17.21 -28.10
CA ASN A 143 4.05 15.84 -28.38
C ASN A 143 2.53 15.79 -28.52
N TYR A 144 2.05 15.43 -29.71
CA TYR A 144 0.64 15.24 -29.98
C TYR A 144 0.32 13.76 -29.84
N THR A 145 -0.61 13.43 -28.95
CA THR A 145 -1.07 12.07 -28.76
C THR A 145 -2.50 11.96 -29.28
N MET A 146 -2.71 11.04 -30.22
CA MET A 146 -4.01 10.84 -30.83
C MET A 146 -4.50 9.44 -30.52
N ILE A 147 -5.79 9.32 -30.24
CA ILE A 147 -6.40 8.03 -29.93
C ILE A 147 -7.53 7.80 -30.92
N THR A 148 -7.44 6.69 -31.64
CA THR A 148 -8.42 6.28 -32.64
C THR A 148 -9.03 4.95 -32.24
N ASP A 149 -10.35 4.86 -32.35
CA ASP A 149 -11.05 3.61 -32.09
C ASP A 149 -11.44 2.98 -33.41
N VAL A 150 -11.14 1.70 -33.57
CA VAL A 150 -11.43 0.97 -34.80
C VAL A 150 -12.39 -0.16 -34.46
N GLN A 151 -13.37 -0.37 -35.33
CA GLN A 151 -14.34 -1.45 -35.18
C GLN A 151 -14.53 -2.13 -36.53
N ILE A 152 -14.02 -3.34 -36.65
CA ILE A 152 -14.10 -4.12 -37.87
C ILE A 152 -15.31 -5.02 -37.78
N ALA A 153 -16.19 -4.97 -38.77
CA ALA A 153 -17.33 -5.86 -38.85
C ALA A 153 -17.13 -6.78 -40.04
N GLU A 154 -17.15 -8.08 -39.79
CA GLU A 154 -16.96 -9.09 -40.81
C GLU A 154 -18.25 -9.89 -40.96
N ARG A 155 -18.72 -10.02 -42.19
CA ARG A 155 -19.98 -10.72 -42.43
C ARG A 155 -19.75 -12.22 -42.48
N THR A 156 -20.54 -12.95 -41.72
CA THR A 156 -20.40 -14.40 -41.59
C THR A 156 -21.71 -15.08 -41.97
N LYS A 157 -21.69 -16.41 -41.93
CA LYS A 157 -22.91 -17.20 -42.06
C LYS A 157 -23.48 -17.61 -40.71
N THR A 158 -22.75 -17.36 -39.64
CA THR A 158 -23.20 -17.70 -38.29
C THR A 158 -24.16 -16.65 -37.79
N GLN A 159 -25.25 -17.08 -37.16
CA GLN A 159 -26.17 -16.15 -36.54
C GLN A 159 -25.52 -15.54 -35.31
N VAL A 160 -25.42 -14.22 -35.29
CA VAL A 160 -24.79 -13.49 -34.20
C VAL A 160 -25.88 -12.74 -33.45
N GLN A 161 -25.94 -12.94 -32.14
CA GLN A 161 -26.91 -12.26 -31.31
C GLN A 161 -26.24 -11.11 -30.58
N THR A 162 -26.73 -9.90 -30.79
CA THR A 162 -26.21 -8.71 -30.14
C THR A 162 -27.13 -8.35 -28.99
N ASP A 163 -26.57 -8.24 -27.80
CA ASP A 163 -27.32 -7.92 -26.59
C ASP A 163 -26.89 -6.53 -26.12
N ASN A 164 -27.61 -5.52 -26.55
CA ASN A 164 -27.32 -4.16 -26.13
C ASN A 164 -27.67 -3.99 -24.66
N VAL A 165 -26.69 -3.57 -23.87
CA VAL A 165 -26.84 -3.34 -22.43
C VAL A 165 -26.21 -2.00 -22.12
N ALA A 166 -27.04 -0.97 -21.95
CA ALA A 166 -26.57 0.37 -21.66
C ALA A 166 -26.97 0.75 -20.24
N VAL A 167 -26.00 1.16 -19.45
CA VAL A 167 -26.28 1.62 -18.09
C VAL A 167 -26.13 3.14 -18.05
N LEU A 168 -27.21 3.85 -18.31
CA LEU A 168 -27.16 5.30 -18.39
C LEU A 168 -27.20 5.88 -16.98
N ARG A 169 -26.17 6.64 -16.63
CA ARG A 169 -26.13 7.27 -15.32
C ARG A 169 -27.20 8.35 -15.23
N GLN A 170 -27.80 8.48 -14.06
CA GLN A 170 -28.90 9.42 -13.83
C GLN A 170 -28.67 10.07 -12.47
N GLY A 171 -27.96 11.20 -12.48
CA GLY A 171 -27.85 12.08 -11.34
C GLY A 171 -27.37 11.45 -10.04
N THR A 172 -26.14 10.95 -10.00
CA THR A 172 -25.47 10.61 -8.76
C THR A 172 -26.20 9.58 -7.92
N SER A 173 -27.35 9.14 -8.37
CA SER A 173 -28.16 8.22 -7.57
C SER A 173 -28.63 7.01 -8.36
N GLY A 174 -29.01 7.19 -9.63
CA GLY A 174 -29.72 6.16 -10.34
C GLY A 174 -29.03 5.78 -11.64
N THR A 175 -29.55 4.72 -12.24
CA THR A 175 -29.18 4.32 -13.58
C THR A 175 -30.43 3.84 -14.29
N LYS A 176 -30.56 4.19 -15.56
CA LYS A 176 -31.55 3.61 -16.43
C LYS A 176 -30.85 2.53 -17.25
N VAL A 177 -31.28 1.29 -17.11
CA VAL A 177 -30.65 0.16 -17.77
C VAL A 177 -31.50 -0.18 -18.99
N GLN A 178 -30.95 0.07 -20.17
CA GLN A 178 -31.60 -0.26 -21.42
C GLN A 178 -31.04 -1.58 -21.92
N THR A 179 -31.92 -2.51 -22.26
CA THR A 179 -31.51 -3.81 -22.77
C THR A 179 -32.31 -4.12 -24.02
N SER A 180 -31.64 -4.66 -25.03
CA SER A 180 -32.32 -5.09 -26.24
C SER A 180 -31.53 -6.22 -26.88
N THR A 181 -32.19 -6.96 -27.76
CA THR A 181 -31.58 -8.09 -28.43
C THR A 181 -31.86 -8.01 -29.92
N GLU A 182 -30.81 -8.18 -30.72
CA GLU A 182 -30.93 -8.21 -32.16
C GLU A 182 -30.18 -9.43 -32.68
N THR A 183 -30.52 -9.83 -33.90
CA THR A 183 -29.87 -10.96 -34.55
C THR A 183 -29.42 -10.54 -35.94
N GLY A 184 -28.16 -10.83 -36.25
CA GLY A 184 -27.62 -10.48 -37.55
C GLY A 184 -26.38 -11.28 -37.82
N ASN A 185 -25.97 -11.29 -39.09
CA ASN A 185 -24.79 -12.03 -39.53
CA ASN A 185 -24.79 -12.03 -39.51
C ASN A 185 -23.61 -11.09 -39.70
N GLN A 186 -23.05 -10.67 -38.57
CA GLN A 186 -21.90 -9.78 -38.60
C GLN A 186 -21.19 -9.85 -37.27
N HIS A 187 -19.93 -10.28 -37.29
CA HIS A 187 -19.10 -10.26 -36.10
C HIS A 187 -18.38 -8.92 -36.04
N LYS A 188 -18.49 -8.23 -34.92
CA LYS A 188 -17.84 -6.94 -34.74
C LYS A 188 -16.75 -7.07 -33.70
N TYR A 189 -15.54 -6.64 -34.07
CA TYR A 189 -14.39 -6.64 -33.20
C TYR A 189 -13.88 -5.21 -33.08
N GLN A 190 -13.31 -4.89 -31.94
CA GLN A 190 -12.82 -3.54 -31.72
C GLN A 190 -11.31 -3.56 -31.56
N THR A 191 -10.72 -2.37 -31.53
CA THR A 191 -9.31 -2.18 -31.25
C THR A 191 -9.05 -0.69 -31.15
N ARG A 192 -7.86 -0.35 -30.69
CA ARG A 192 -7.48 1.04 -30.48
C ARG A 192 -6.11 1.28 -31.07
N VAL A 193 -5.93 2.43 -31.71
CA VAL A 193 -4.64 2.83 -32.27
C VAL A 193 -4.21 4.13 -31.60
N VAL A 194 -2.99 4.14 -31.08
CA VAL A 194 -2.45 5.32 -30.42
C VAL A 194 -1.34 5.87 -31.31
N SER A 195 -1.47 7.13 -31.69
CA SER A 195 -0.50 7.82 -32.51
C SER A 195 0.20 8.88 -31.70
N ASN A 196 1.46 9.13 -32.01
CA ASN A 196 2.26 10.16 -31.36
C ASN A 196 3.04 10.90 -32.43
N ALA A 197 3.06 12.22 -32.34
CA ALA A 197 3.86 13.06 -33.21
C ALA A 197 4.68 13.98 -32.32
N ASN A 198 6.00 13.84 -32.36
CA ASN A 198 6.89 14.57 -31.48
C ASN A 198 7.84 15.44 -32.30
N LYS A 199 8.02 16.68 -31.86
CA LYS A 199 9.01 17.57 -32.47
C LYS A 199 9.13 18.81 -31.60
N VAL A 200 10.18 19.58 -31.86
CA VAL A 200 10.36 20.86 -31.18
C VAL A 200 9.57 21.92 -31.92
N ASN A 201 8.74 22.67 -31.19
CA ASN A 201 7.89 23.70 -31.78
C ASN A 201 7.05 23.14 -32.92
N LEU A 202 6.52 21.94 -32.71
CA LEU A 202 5.76 21.27 -33.76
C LEU A 202 4.37 21.87 -33.87
N LYS A 203 3.96 22.19 -35.09
CA LYS A 203 2.61 22.61 -35.39
C LYS A 203 1.88 21.44 -36.02
N PHE A 204 0.67 21.17 -35.56
CA PHE A 204 -0.04 19.97 -35.99
C PHE A 204 -0.18 19.85 -37.51
N PRO A 205 -0.51 20.90 -38.27
CA PRO A 205 -0.66 20.72 -39.72
C PRO A 205 0.56 20.13 -40.40
N GLU A 206 1.74 20.26 -39.78
CA GLU A 206 2.92 19.60 -40.33
C GLU A 206 2.89 18.09 -40.08
N ALA A 207 2.43 17.69 -38.90
CA ALA A 207 2.40 16.28 -38.55
C ALA A 207 1.17 15.55 -39.08
N GLN A 208 0.15 16.28 -39.52
CA GLN A 208 -1.10 15.63 -39.93
C GLN A 208 -0.93 14.70 -41.11
N PRO A 209 -0.24 15.05 -42.20
CA PRO A 209 -0.16 14.11 -43.34
C PRO A 209 0.46 12.77 -42.97
N VAL A 210 1.61 12.78 -42.30
CA VAL A 210 2.26 11.52 -41.94
C VAL A 210 1.45 10.77 -40.91
N LEU A 211 0.80 11.48 -39.99
CA LEU A 211 -0.07 10.85 -39.01
C LEU A 211 -1.19 10.09 -39.70
N GLU A 212 -1.85 10.74 -40.66
CA GLU A 212 -2.89 10.07 -41.42
C GLU A 212 -2.34 8.89 -42.21
N ASP A 213 -1.17 9.06 -42.82
CA ASP A 213 -0.60 7.98 -43.62
C ASP A 213 -0.36 6.74 -42.77
N GLN A 214 0.28 6.92 -41.62
CA GLN A 214 0.58 5.77 -40.77
C GLN A 214 -0.70 5.15 -40.22
N LEU A 215 -1.64 5.98 -39.77
CA LEU A 215 -2.88 5.45 -39.22
C LEU A 215 -3.66 4.67 -40.28
N ALA A 216 -3.74 5.20 -41.50
CA ALA A 216 -4.43 4.51 -42.57
C ALA A 216 -3.75 3.20 -42.91
N LYS A 217 -2.42 3.20 -42.98
CA LYS A 217 -1.72 1.97 -43.30
C LYS A 217 -1.97 0.91 -42.23
N SER A 218 -1.96 1.30 -40.95
CA SER A 218 -2.21 0.34 -39.89
C SER A 218 -3.63 -0.22 -39.97
N ILE A 219 -4.62 0.65 -40.10
CA ILE A 219 -6.01 0.21 -40.12
C ILE A 219 -6.27 -0.68 -41.33
N ALA A 220 -5.69 -0.34 -42.48
CA ALA A 220 -5.86 -1.19 -43.65
C ALA A 220 -5.12 -2.50 -43.49
N ASN A 221 -3.95 -2.50 -42.86
CA ASN A 221 -3.21 -3.73 -42.65
C ASN A 221 -3.91 -4.66 -41.69
N ILE A 222 -4.86 -4.15 -40.91
CA ILE A 222 -5.74 -5.05 -40.15
C ILE A 222 -6.30 -6.12 -41.07
N LEU A 223 -6.71 -5.73 -42.28
CA LEU A 223 -7.28 -6.69 -43.23
C LEU A 223 -6.22 -7.60 -43.81
N GLY A 224 -4.97 -7.17 -43.85
CA GLY A 224 -3.90 -7.97 -44.42
C GLY A 224 -3.91 -7.94 -45.92
N SER A 225 -2.78 -8.29 -46.54
CA SER A 225 -2.66 -8.20 -47.99
C SER A 225 -3.41 -9.33 -48.68
N GLY A 226 -4.75 -9.28 -48.63
CA GLY A 226 -5.56 -10.29 -49.25
C GLY A 226 -5.66 -10.13 -50.75
N CYS B 1 12.41 35.10 -14.32
CA CYS B 1 11.16 35.33 -13.61
C CYS B 1 10.15 34.25 -13.96
N SER B 2 9.62 33.58 -12.94
CA SER B 2 8.60 32.56 -13.17
C SER B 2 7.33 33.17 -13.76
N ALA B 3 6.94 34.34 -13.26
CA ALA B 3 5.76 35.02 -13.77
C ALA B 3 5.93 35.38 -15.24
N MET B 4 7.08 35.93 -15.60
CA MET B 4 7.30 36.31 -16.99
C MET B 4 7.45 35.07 -17.87
N GLY B 5 8.05 34.02 -17.32
CA GLY B 5 8.11 32.76 -18.06
C GLY B 5 6.73 32.21 -18.37
N THR B 6 5.83 32.28 -17.39
CA THR B 6 4.45 31.86 -17.63
C THR B 6 3.76 32.77 -18.64
N ALA B 7 3.96 34.08 -18.53
CA ALA B 7 3.32 35.01 -19.44
C ALA B 7 3.82 34.81 -20.87
N ILE B 8 5.04 34.30 -21.02
CA ILE B 8 5.57 34.03 -22.35
C ILE B 8 5.07 32.69 -22.87
N LYS B 9 5.13 31.66 -22.00
CA LYS B 9 4.70 30.32 -22.39
C LYS B 9 3.26 30.33 -22.88
N LYS B 10 2.33 30.69 -22.00
CA LYS B 10 0.91 30.65 -22.31
C LYS B 10 0.41 32.03 -22.70
N ARG B 11 0.95 32.56 -23.78
CA ARG B 11 0.63 33.91 -24.20
C ARG B 11 -0.59 33.98 -25.10
N ASN B 12 -0.97 32.88 -25.73
CA ASN B 12 -2.14 32.85 -26.60
C ASN B 12 -3.09 31.74 -26.14
N LEU B 13 -4.38 31.97 -26.39
CA LEU B 13 -5.41 31.07 -25.90
C LEU B 13 -5.24 29.67 -26.49
N GLU B 14 -5.30 28.67 -25.63
CA GLU B 14 -5.15 27.27 -26.05
C GLU B 14 -6.38 26.50 -25.59
N VAL B 15 -7.15 25.98 -26.55
CA VAL B 15 -8.41 25.30 -26.26
C VAL B 15 -8.29 23.86 -26.72
N LYS B 16 -8.62 22.94 -25.81
CA LYS B 16 -8.63 21.51 -26.08
C LYS B 16 -10.02 20.96 -25.81
N THR B 17 -10.42 19.96 -26.58
CA THR B 17 -11.74 19.35 -26.46
C THR B 17 -11.61 17.87 -26.72
N GLN B 18 -11.84 17.05 -25.70
CA GLN B 18 -11.61 15.62 -25.79
C GLN B 18 -12.86 14.84 -25.40
N MET B 19 -13.39 14.08 -26.35
CA MET B 19 -14.46 13.15 -26.04
C MET B 19 -13.94 11.99 -25.21
N SER B 20 -14.78 11.48 -24.31
CA SER B 20 -14.33 10.42 -23.42
C SER B 20 -14.20 9.10 -24.17
N GLU B 21 -15.30 8.60 -24.73
CA GLU B 21 -15.29 7.35 -25.49
C GLU B 21 -16.15 7.51 -26.73
N THR B 22 -16.04 6.52 -27.62
CA THR B 22 -16.70 6.56 -28.91
C THR B 22 -18.09 5.96 -28.83
N ILE B 23 -19.05 6.64 -29.44
CA ILE B 23 -20.40 6.11 -29.60
C ILE B 23 -20.53 5.64 -31.04
N TRP B 24 -20.70 4.33 -31.21
CA TRP B 24 -20.79 3.75 -32.54
C TRP B 24 -22.24 3.77 -33.01
N LEU B 25 -22.47 4.32 -34.20
CA LEU B 25 -23.79 4.38 -34.79
C LEU B 25 -23.78 3.61 -36.10
N GLU B 26 -24.79 2.79 -36.31
CA GLU B 26 -24.89 2.05 -37.55
C GLU B 26 -25.18 3.00 -38.70
N PRO B 27 -24.74 2.68 -39.92
CA PRO B 27 -25.12 3.47 -41.09
C PRO B 27 -26.64 3.51 -41.22
N SER B 28 -27.18 4.71 -41.39
CA SER B 28 -28.62 4.90 -41.37
C SER B 28 -29.01 5.97 -42.38
N ASN B 29 -30.29 5.94 -42.74
CA ASN B 29 -30.86 6.94 -43.63
C ASN B 29 -31.60 8.04 -42.89
N ASN B 30 -31.56 8.03 -41.56
CA ASN B 30 -32.22 9.08 -40.79
C ASN B 30 -31.56 10.41 -41.06
N LYS B 31 -32.38 11.46 -41.18
CA LYS B 31 -31.88 12.80 -41.41
C LYS B 31 -32.37 13.81 -40.38
N THR B 32 -33.27 13.43 -39.49
CA THR B 32 -33.86 14.34 -38.54
C THR B 32 -33.16 14.21 -37.19
N VAL B 33 -32.82 15.36 -36.61
CA VAL B 33 -32.13 15.42 -35.32
C VAL B 33 -32.90 16.37 -34.42
N TYR B 34 -33.09 15.98 -33.17
CA TYR B 34 -33.71 16.84 -32.16
C TYR B 34 -32.66 17.18 -31.11
N LEU B 35 -32.48 18.47 -30.86
CA LEU B 35 -31.45 18.95 -29.94
C LEU B 35 -32.07 19.38 -28.62
N GLN B 36 -31.46 18.95 -27.53
CA GLN B 36 -31.85 19.38 -26.18
C GLN B 36 -30.56 19.70 -25.43
N ILE B 37 -30.22 20.98 -25.38
CA ILE B 37 -28.96 21.44 -24.81
C ILE B 37 -29.28 22.23 -23.55
N LYS B 38 -28.66 21.83 -22.43
CA LYS B 38 -28.85 22.48 -21.15
C LYS B 38 -27.51 22.88 -20.58
N ASN B 39 -27.52 23.80 -19.63
CA ASN B 39 -26.30 24.34 -19.04
C ASN B 39 -26.53 24.52 -17.55
N THR B 40 -26.03 23.59 -16.75
CA THR B 40 -26.10 23.70 -15.30
C THR B 40 -24.79 24.17 -14.70
N SER B 41 -23.99 24.90 -15.46
CA SER B 41 -22.72 25.42 -14.99
C SER B 41 -22.83 26.93 -14.78
N ASP B 42 -21.91 27.46 -13.97
CA ASP B 42 -21.90 28.89 -13.71
C ASP B 42 -21.47 29.69 -14.93
N LYS B 43 -20.72 29.09 -15.84
CA LYS B 43 -20.32 29.79 -17.06
C LYS B 43 -21.48 29.84 -18.04
N ASP B 44 -21.31 30.65 -19.08
CA ASP B 44 -22.36 30.91 -20.05
C ASP B 44 -21.95 30.33 -21.40
N MET B 45 -22.75 29.40 -21.90
CA MET B 45 -22.71 28.98 -23.30
C MET B 45 -24.12 29.05 -23.85
N SER B 46 -24.51 30.24 -24.31
CA SER B 46 -25.82 30.41 -24.90
C SER B 46 -25.84 30.07 -26.38
N GLY B 47 -24.72 30.25 -27.06
CA GLY B 47 -24.63 29.94 -28.47
C GLY B 47 -24.28 28.52 -28.80
N LEU B 48 -24.14 27.65 -27.81
CA LEU B 48 -23.76 26.28 -28.08
C LEU B 48 -24.85 25.53 -28.85
N GLN B 49 -26.11 25.76 -28.51
CA GLN B 49 -27.20 25.02 -29.16
C GLN B 49 -27.28 25.39 -30.62
N ALA B 50 -27.16 26.68 -30.94
CA ALA B 50 -27.20 27.12 -32.33
C ALA B 50 -26.00 26.62 -33.11
N LYS B 51 -24.83 26.59 -32.47
CA LYS B 51 -23.64 26.09 -33.15
C LYS B 51 -23.76 24.60 -33.43
N ILE B 52 -24.31 23.83 -32.49
CA ILE B 52 -24.54 22.42 -32.74
C ILE B 52 -25.54 22.24 -33.88
N ALA B 53 -26.59 23.04 -33.90
CA ALA B 53 -27.56 22.95 -34.99
C ALA B 53 -26.92 23.24 -36.33
N SER B 54 -26.08 24.28 -36.39
CA SER B 54 -25.42 24.63 -37.64
C SER B 54 -24.47 23.53 -38.10
N ALA B 55 -23.68 22.99 -37.17
CA ALA B 55 -22.75 21.94 -37.53
C ALA B 55 -23.47 20.69 -38.00
N VAL B 56 -24.57 20.33 -37.33
CA VAL B 56 -25.36 19.18 -37.74
C VAL B 56 -25.96 19.40 -39.12
N THR B 57 -26.51 20.59 -39.38
CA THR B 57 -27.08 20.87 -40.69
C THR B 57 -26.02 20.86 -41.78
N SER B 58 -24.78 21.22 -41.44
CA SER B 58 -23.70 21.16 -42.43
C SER B 58 -23.44 19.75 -42.91
N LYS B 59 -23.80 18.73 -42.14
CA LYS B 59 -23.55 17.35 -42.50
C LYS B 59 -24.69 16.72 -43.28
N GLY B 60 -25.74 17.48 -43.59
CA GLY B 60 -26.87 16.96 -44.33
C GLY B 60 -28.06 16.61 -43.47
N TYR B 61 -27.91 16.57 -42.15
CA TYR B 61 -29.03 16.31 -41.28
C TYR B 61 -29.95 17.52 -41.22
N GLN B 62 -31.16 17.30 -40.72
CA GLN B 62 -32.16 18.35 -40.59
C GLN B 62 -32.61 18.39 -39.14
N VAL B 63 -32.48 19.56 -38.52
CA VAL B 63 -32.83 19.73 -37.12
C VAL B 63 -34.33 19.98 -37.02
N VAL B 64 -35.01 19.19 -36.21
CA VAL B 64 -36.45 19.28 -36.05
C VAL B 64 -36.76 19.63 -34.60
N SER B 65 -37.97 20.16 -34.39
CA SER B 65 -38.42 20.57 -33.08
C SER B 65 -39.36 19.56 -32.43
N ASN B 66 -39.64 18.45 -33.11
CA ASN B 66 -40.55 17.44 -32.57
C ASN B 66 -39.76 16.24 -32.10
N PRO B 67 -39.60 16.03 -30.80
CA PRO B 67 -38.79 14.90 -30.34
C PRO B 67 -39.33 13.54 -30.74
N ASP B 68 -40.64 13.43 -30.97
CA ASP B 68 -41.23 12.12 -31.23
C ASP B 68 -40.88 11.60 -32.61
N THR B 69 -40.80 12.48 -33.60
CA THR B 69 -40.54 12.09 -34.98
C THR B 69 -39.12 12.41 -35.41
N ALA B 70 -38.15 12.28 -34.51
CA ALA B 70 -36.75 12.55 -34.81
C ALA B 70 -35.97 11.26 -34.75
N GLY B 71 -35.24 10.97 -35.83
CA GLY B 71 -34.43 9.77 -35.86
C GLY B 71 -33.34 9.78 -34.81
N TYR B 72 -32.74 10.94 -34.58
CA TYR B 72 -31.67 11.10 -33.61
C TYR B 72 -32.04 12.15 -32.58
N TRP B 73 -31.59 11.95 -31.35
CA TRP B 73 -31.62 12.96 -30.32
C TRP B 73 -30.19 13.27 -29.92
N ILE B 74 -29.86 14.54 -29.85
CA ILE B 74 -28.62 14.98 -29.25
C ILE B 74 -29.01 15.70 -27.96
N GLN B 75 -28.80 15.04 -26.84
CA GLN B 75 -29.08 15.60 -25.53
C GLN B 75 -27.72 15.92 -24.90
N ALA B 76 -27.47 17.20 -24.66
CA ALA B 76 -26.20 17.63 -24.10
C ALA B 76 -26.45 18.49 -22.88
N ASN B 77 -25.57 18.36 -21.90
CA ASN B 77 -25.64 19.16 -20.69
C ASN B 77 -24.24 19.63 -20.36
N VAL B 78 -24.04 20.95 -20.36
CA VAL B 78 -22.76 21.50 -19.93
C VAL B 78 -22.77 21.43 -18.42
N LEU B 79 -22.31 20.32 -17.87
CA LEU B 79 -22.57 20.01 -16.47
C LEU B 79 -21.73 20.89 -15.54
N LYS B 80 -20.44 21.02 -15.80
CA LYS B 80 -19.55 21.62 -14.82
C LYS B 80 -18.56 22.54 -15.50
N ALA B 81 -18.07 23.50 -14.72
CA ALA B 81 -16.98 24.36 -15.14
C ALA B 81 -16.21 24.82 -13.93
N ASP B 82 -14.90 24.64 -13.96
CA ASP B 82 -14.00 25.02 -12.89
C ASP B 82 -12.90 25.91 -13.45
N LYS B 83 -12.40 26.80 -12.62
CA LYS B 83 -11.29 27.66 -12.98
C LYS B 83 -10.17 27.46 -11.97
N MET B 84 -8.96 27.24 -12.47
CA MET B 84 -7.83 27.06 -11.57
C MET B 84 -6.63 27.81 -12.11
N ASP B 85 -5.67 28.07 -11.23
CA ASP B 85 -4.38 28.61 -11.61
C ASP B 85 -3.34 27.49 -11.55
N LEU B 86 -2.67 27.25 -12.67
CA LEU B 86 -1.70 26.18 -12.74
C LEU B 86 -0.40 26.53 -12.01
N ARG B 87 -0.07 27.81 -11.92
CA ARG B 87 1.14 28.22 -11.20
C ARG B 87 1.11 27.75 -9.76
N GLU B 88 -0.07 27.68 -9.17
CA GLU B 88 -0.19 27.25 -7.78
C GLU B 88 0.22 25.79 -7.60
N SER B 89 0.34 25.04 -8.69
CA SER B 89 0.87 23.68 -8.58
C SER B 89 2.34 23.68 -8.17
N GLN B 90 3.03 24.82 -8.27
CA GLN B 90 4.41 24.94 -7.86
C GLN B 90 4.57 25.39 -6.41
N GLY B 91 3.46 25.53 -5.67
CA GLY B 91 3.53 26.00 -4.31
C GLY B 91 4.08 27.40 -4.20
N TRP B 92 5.22 27.56 -3.54
CA TRP B 92 5.85 28.86 -3.40
C TRP B 92 6.54 29.22 -4.72
N LEU B 93 7.19 30.40 -4.77
CA LEU B 93 7.56 31.05 -6.02
C LEU B 93 6.35 31.31 -6.90
N SER B 94 5.17 31.36 -6.30
CA SER B 94 3.94 31.68 -7.02
C SER B 94 3.07 32.68 -6.27
N ARG B 95 3.49 33.14 -5.10
CA ARG B 95 2.75 34.11 -4.32
C ARG B 95 3.37 35.50 -4.39
N GLY B 96 4.40 35.67 -5.21
CA GLY B 96 5.07 36.95 -5.36
C GLY B 96 6.40 37.05 -4.65
N TYR B 97 6.89 35.97 -4.03
CA TYR B 97 8.17 36.02 -3.34
C TYR B 97 9.29 36.43 -4.29
N GLU B 98 9.52 35.63 -5.32
CA GLU B 98 10.57 35.94 -6.28
C GLU B 98 10.28 37.24 -7.03
N GLY B 99 9.01 37.56 -7.24
CA GLY B 99 8.67 38.85 -7.83
C GLY B 99 8.95 40.02 -6.90
N ALA B 100 8.91 39.77 -5.59
CA ALA B 100 9.30 40.81 -4.65
C ALA B 100 10.81 40.97 -4.61
N VAL B 101 11.54 39.85 -4.63
CA VAL B 101 13.01 39.91 -4.62
C VAL B 101 13.52 40.62 -5.87
N THR B 102 12.95 40.28 -7.03
CA THR B 102 13.25 40.98 -8.27
C THR B 102 12.46 42.29 -8.23
N GLY B 103 13.11 43.33 -7.73
CA GLY B 103 12.47 44.60 -7.49
C GLY B 103 12.95 45.16 -6.17
N ALA B 104 13.10 44.29 -5.17
CA ALA B 104 13.91 44.67 -4.01
C ALA B 104 15.35 44.86 -4.44
N ALA B 105 15.86 43.97 -5.29
CA ALA B 105 17.18 44.18 -5.88
C ALA B 105 17.20 45.40 -6.78
N LEU B 106 16.15 45.61 -7.58
CA LEU B 106 16.11 46.76 -8.47
C LEU B 106 16.00 48.08 -7.72
N GLY B 107 15.58 48.04 -6.45
CA GLY B 107 15.60 49.25 -5.64
C GLY B 107 17.00 49.72 -5.32
N ALA B 108 17.98 48.81 -5.39
CA ALA B 108 19.38 49.23 -5.27
C ALA B 108 19.85 49.99 -6.49
N GLY B 109 19.07 50.00 -7.56
CA GLY B 109 19.37 50.81 -8.73
C GLY B 109 19.22 52.29 -8.52
N ILE B 110 18.99 52.73 -7.28
CA ILE B 110 19.00 54.15 -6.94
C ILE B 110 20.22 54.55 -6.14
N THR B 111 20.90 53.60 -5.49
CA THR B 111 22.11 53.92 -4.75
C THR B 111 23.21 54.39 -5.68
N ALA B 112 23.42 53.68 -6.79
CA ALA B 112 24.42 54.07 -7.76
C ALA B 112 23.96 55.20 -8.68
N TYR B 113 22.88 55.89 -8.32
CA TYR B 113 22.33 56.96 -9.14
C TYR B 113 22.11 58.18 -8.25
N ASN B 114 21.41 59.17 -8.79
CA ASN B 114 21.30 60.56 -8.28
C ASN B 114 21.25 60.56 -6.76
N SER B 115 20.27 59.94 -6.12
CA SER B 115 20.13 60.02 -4.67
C SER B 115 20.46 58.68 -4.02
N SER B 116 21.48 58.69 -3.16
CA SER B 116 21.88 57.51 -2.41
C SER B 116 21.59 57.65 -0.92
N SER B 117 20.64 58.51 -0.57
CA SER B 117 20.26 58.69 0.83
C SER B 117 19.68 57.40 1.37
N ALA B 118 20.13 57.01 2.57
CA ALA B 118 19.76 55.72 3.13
C ALA B 118 18.25 55.59 3.28
N GLY B 119 17.61 56.63 3.81
CA GLY B 119 16.16 56.62 3.88
C GLY B 119 15.51 56.57 2.51
N ALA B 120 16.03 57.37 1.57
CA ALA B 120 15.47 57.40 0.23
C ALA B 120 15.64 56.07 -0.47
N THR B 121 16.84 55.48 -0.39
CA THR B 121 17.06 54.21 -1.06
C THR B 121 16.23 53.11 -0.42
N LEU B 122 16.10 53.12 0.91
CA LEU B 122 15.27 52.12 1.57
C LEU B 122 13.81 52.25 1.13
N GLY B 123 13.31 53.48 1.08
CA GLY B 123 11.92 53.67 0.67
C GLY B 123 11.67 53.25 -0.76
N VAL B 124 12.58 53.64 -1.67
CA VAL B 124 12.40 53.29 -3.08
C VAL B 124 12.53 51.79 -3.28
N GLY B 125 13.48 51.16 -2.58
CA GLY B 125 13.62 49.72 -2.67
C GLY B 125 12.39 48.99 -2.15
N LEU B 126 11.82 49.47 -1.04
CA LEU B 126 10.62 48.85 -0.51
C LEU B 126 9.44 49.01 -1.47
N ALA B 127 9.27 50.21 -2.03
CA ALA B 127 8.19 50.43 -2.99
C ALA B 127 8.37 49.55 -4.22
N ALA B 128 9.60 49.44 -4.72
CA ALA B 128 9.85 48.61 -5.89
C ALA B 128 9.61 47.14 -5.59
N GLY B 129 10.00 46.68 -4.40
CA GLY B 129 9.72 45.30 -4.03
C GLY B 129 8.24 45.04 -3.93
N LEU B 130 7.49 45.98 -3.35
CA LEU B 130 6.04 45.84 -3.28
C LEU B 130 5.42 45.78 -4.66
N VAL B 131 5.87 46.65 -5.57
CA VAL B 131 5.32 46.66 -6.92
C VAL B 131 5.68 45.38 -7.66
N GLY B 132 6.89 44.88 -7.44
CA GLY B 132 7.27 43.62 -8.07
C GLY B 132 6.46 42.45 -7.56
N MET B 133 6.22 42.40 -6.24
CA MET B 133 5.37 41.35 -5.69
C MET B 133 3.96 41.45 -6.22
N ALA B 134 3.43 42.68 -6.33
CA ALA B 134 2.08 42.85 -6.86
C ALA B 134 2.00 42.39 -8.32
N ALA B 135 2.99 42.76 -9.13
CA ALA B 135 2.97 42.37 -10.53
C ALA B 135 3.13 40.86 -10.69
N ASP B 136 3.97 40.24 -9.87
CA ASP B 136 4.11 38.79 -9.92
C ASP B 136 2.81 38.11 -9.52
N ALA B 137 2.21 38.54 -8.41
CA ALA B 137 0.97 37.91 -7.96
C ALA B 137 -0.20 38.21 -8.88
N MET B 138 -0.14 39.28 -9.67
CA MET B 138 -1.22 39.60 -10.59
C MET B 138 -1.13 38.84 -11.90
N VAL B 139 -0.12 38.01 -12.09
CA VAL B 139 0.00 37.19 -13.28
C VAL B 139 -0.73 35.87 -12.99
N GLU B 140 -1.89 35.71 -13.61
CA GLU B 140 -2.78 34.58 -13.37
C GLU B 140 -2.65 33.65 -14.56
N ASP B 141 -2.22 32.41 -14.33
CA ASP B 141 -2.12 31.44 -15.41
C ASP B 141 -3.35 30.56 -15.28
N VAL B 142 -4.43 30.98 -15.93
CA VAL B 142 -5.74 30.41 -15.66
C VAL B 142 -6.06 29.31 -16.66
N ASN B 143 -6.70 28.26 -16.15
CA ASN B 143 -7.15 27.11 -16.90
C ASN B 143 -8.60 26.86 -16.53
N TYR B 144 -9.48 26.94 -17.52
CA TYR B 144 -10.89 26.63 -17.37
C TYR B 144 -11.14 25.21 -17.85
N THR B 145 -11.66 24.37 -16.97
CA THR B 145 -12.01 23.00 -17.31
C THR B 145 -13.52 22.88 -17.31
N MET B 146 -14.07 22.36 -18.40
CA MET B 146 -15.51 22.23 -18.57
C MET B 146 -15.85 20.77 -18.83
N ILE B 147 -16.92 20.30 -18.19
CA ILE B 147 -17.39 18.94 -18.34
C ILE B 147 -18.79 18.99 -18.93
N THR B 148 -18.96 18.35 -20.09
CA THR B 148 -20.23 18.26 -20.79
C THR B 148 -20.65 16.81 -20.89
N ASP B 149 -21.90 16.53 -20.60
CA ASP B 149 -22.46 15.19 -20.75
C ASP B 149 -23.31 15.15 -22.01
N VAL B 150 -23.09 14.14 -22.84
CA VAL B 150 -23.81 13.98 -24.09
C VAL B 150 -24.56 12.67 -24.04
N GLN B 151 -25.80 12.69 -24.52
CA GLN B 151 -26.63 11.49 -24.59
C GLN B 151 -27.31 11.46 -25.94
N ILE B 152 -26.90 10.52 -26.78
CA ILE B 152 -27.42 10.37 -28.13
C ILE B 152 -28.50 9.30 -28.10
N ALA B 153 -29.67 9.61 -28.63
CA ALA B 153 -30.76 8.65 -28.75
C ALA B 153 -31.00 8.36 -30.21
N GLU B 154 -30.92 7.09 -30.58
CA GLU B 154 -31.12 6.63 -31.94
C GLU B 154 -32.39 5.80 -32.00
N ARG B 155 -33.31 6.18 -32.88
CA ARG B 155 -34.57 5.47 -33.01
C ARG B 155 -34.37 4.22 -33.85
N THR B 156 -34.79 3.08 -33.31
CA THR B 156 -34.61 1.79 -33.95
C THR B 156 -35.95 1.10 -34.15
N LYS B 157 -35.91 -0.07 -34.77
CA LYS B 157 -37.07 -0.93 -34.87
C LYS B 157 -37.08 -2.00 -33.79
N THR B 158 -36.00 -2.12 -33.03
CA THR B 158 -35.90 -3.10 -31.96
C THR B 158 -36.59 -2.57 -30.71
N GLN B 159 -37.37 -3.42 -30.06
CA GLN B 159 -37.99 -3.05 -28.80
C GLN B 159 -36.91 -2.94 -27.73
N VAL B 160 -36.84 -1.78 -27.08
CA VAL B 160 -35.84 -1.51 -26.06
C VAL B 160 -36.57 -1.37 -24.73
N GLN B 161 -36.13 -2.13 -23.74
CA GLN B 161 -36.72 -2.08 -22.41
C GLN B 161 -35.81 -1.27 -21.50
N THR B 162 -36.36 -0.22 -20.91
CA THR B 162 -35.64 0.65 -20.00
C THR B 162 -36.07 0.32 -18.57
N ASP B 163 -35.11 -0.06 -17.75
CA ASP B 163 -35.37 -0.40 -16.35
C ASP B 163 -34.77 0.70 -15.48
N ASN B 164 -35.61 1.65 -15.09
CA ASN B 164 -35.16 2.71 -14.20
C ASN B 164 -34.94 2.14 -12.81
N VAL B 165 -33.74 2.36 -12.27
CA VAL B 165 -33.34 1.90 -10.96
C VAL B 165 -32.64 3.06 -10.26
N ALA B 166 -33.35 3.74 -9.37
CA ALA B 166 -32.80 4.88 -8.65
C ALA B 166 -32.65 4.52 -7.19
N VAL B 167 -31.45 4.70 -6.66
CA VAL B 167 -31.19 4.45 -5.25
C VAL B 167 -31.03 5.78 -4.53
N LEU B 168 -32.14 6.32 -4.04
CA LEU B 168 -32.13 7.64 -3.43
C LEU B 168 -31.64 7.53 -2.00
N ARG B 169 -30.54 8.21 -1.69
CA ARG B 169 -30.02 8.21 -0.33
C ARG B 169 -30.99 8.92 0.60
N GLN B 170 -31.15 8.38 1.81
CA GLN B 170 -32.08 8.92 2.80
C GLN B 170 -31.35 8.95 4.14
N GLY B 171 -30.70 10.07 4.42
CA GLY B 171 -30.17 10.38 5.74
C GLY B 171 -29.24 9.37 6.33
N THR B 172 -28.08 9.14 5.72
CA THR B 172 -26.96 8.44 6.34
C THR B 172 -27.32 7.03 6.80
N SER B 173 -28.54 6.61 6.62
CA SER B 173 -28.98 5.31 7.10
C SER B 173 -29.70 4.49 6.06
N GLY B 174 -30.52 5.11 5.22
CA GLY B 174 -31.42 4.37 4.37
C GLY B 174 -31.29 4.74 2.91
N THR B 175 -32.02 4.01 2.08
CA THR B 175 -32.18 4.31 0.68
C THR B 175 -33.60 3.97 0.29
N LYS B 176 -34.21 4.82 -0.52
CA LYS B 176 -35.45 4.49 -1.20
C LYS B 176 -35.10 4.05 -2.60
N VAL B 177 -35.45 2.81 -2.93
CA VAL B 177 -35.11 2.22 -4.22
C VAL B 177 -36.35 2.30 -5.09
N GLN B 178 -36.28 3.12 -6.13
CA GLN B 178 -37.37 3.26 -7.09
C GLN B 178 -37.03 2.43 -8.32
N THR B 179 -37.96 1.59 -8.74
CA THR B 179 -37.77 0.75 -9.91
C THR B 179 -38.99 0.86 -10.80
N SER B 180 -38.74 0.98 -12.11
CA SER B 180 -39.84 1.02 -13.06
C SER B 180 -39.34 0.45 -14.38
N THR B 181 -40.29 0.07 -15.23
CA THR B 181 -39.97 -0.51 -16.53
C THR B 181 -40.79 0.16 -17.61
N GLU B 182 -40.12 0.57 -18.67
CA GLU B 182 -40.77 1.14 -19.84
C GLU B 182 -40.28 0.42 -21.08
N THR B 183 -41.05 0.54 -22.16
CA THR B 183 -40.69 -0.05 -23.43
C THR B 183 -40.80 1.00 -24.52
N GLY B 184 -39.76 1.13 -25.33
CA GLY B 184 -39.76 2.10 -26.41
C GLY B 184 -38.71 1.75 -27.42
N ASN B 185 -38.81 2.38 -28.59
CA ASN B 185 -37.89 2.14 -29.69
CA ASN B 185 -37.88 2.12 -29.68
C ASN B 185 -36.86 3.26 -29.77
N GLN B 186 -35.92 3.23 -28.83
CA GLN B 186 -34.87 4.24 -28.82
C GLN B 186 -33.70 3.74 -28.00
N HIS B 187 -32.55 3.59 -28.63
CA HIS B 187 -31.33 3.25 -27.94
C HIS B 187 -30.65 4.53 -27.50
N LYS B 188 -30.34 4.63 -26.21
CA LYS B 188 -29.68 5.81 -25.68
C LYS B 188 -28.26 5.45 -25.27
N TYR B 189 -27.30 6.21 -25.76
CA TYR B 189 -25.89 6.05 -25.44
C TYR B 189 -25.40 7.34 -24.82
N GLN B 190 -24.41 7.23 -23.94
CA GLN B 190 -23.88 8.41 -23.28
C GLN B 190 -22.42 8.60 -23.66
N THR B 191 -21.89 9.75 -23.26
CA THR B 191 -20.47 10.05 -23.41
C THR B 191 -20.21 11.37 -22.70
N ARG B 192 -18.94 11.70 -22.56
CA ARG B 192 -18.52 12.89 -21.83
C ARG B 192 -17.46 13.61 -22.65
N VAL B 193 -17.55 14.94 -22.68
CA VAL B 193 -16.58 15.78 -23.37
C VAL B 193 -15.94 16.69 -22.35
N VAL B 194 -14.61 16.71 -22.33
CA VAL B 194 -13.86 17.56 -21.42
C VAL B 194 -13.18 18.64 -22.24
N SER B 195 -13.46 19.89 -21.91
CA SER B 195 -12.88 21.04 -22.57
C SER B 195 -11.93 21.75 -21.63
N ASN B 196 -10.90 22.35 -22.20
CA ASN B 196 -9.92 23.12 -21.45
C ASN B 196 -9.61 24.39 -22.22
N ALA B 197 -9.55 25.50 -21.52
CA ALA B 197 -9.14 26.79 -22.09
C ALA B 197 -8.06 27.36 -21.20
N ASN B 198 -6.86 27.50 -21.74
CA ASN B 198 -5.70 27.91 -20.96
C ASN B 198 -5.13 29.21 -21.53
N LYS B 199 -4.80 30.14 -20.65
CA LYS B 199 -4.13 31.37 -21.04
C LYS B 199 -3.69 32.11 -19.79
N VAL B 200 -2.82 33.09 -19.98
CA VAL B 200 -2.41 33.95 -18.88
C VAL B 200 -3.43 35.06 -18.71
N ASN B 201 -3.92 35.22 -17.48
CA ASN B 201 -4.94 36.22 -17.18
C ASN B 201 -6.15 36.07 -18.10
N LEU B 202 -6.54 34.83 -18.34
CA LEU B 202 -7.64 34.56 -19.26
C LEU B 202 -8.98 34.89 -18.60
N LYS B 203 -9.80 35.63 -19.31
CA LYS B 203 -11.18 35.89 -18.90
C LYS B 203 -12.08 35.00 -19.73
N PHE B 204 -13.03 34.34 -19.07
CA PHE B 204 -13.85 33.35 -19.77
C PHE B 204 -14.56 33.88 -21.01
N PRO B 205 -15.16 35.08 -21.01
CA PRO B 205 -15.87 35.51 -22.22
C PRO B 205 -15.00 35.53 -23.47
N GLU B 206 -13.69 35.60 -23.33
CA GLU B 206 -12.82 35.49 -24.50
C GLU B 206 -12.73 34.05 -24.98
N ALA B 207 -12.67 33.09 -24.06
CA ALA B 207 -12.55 31.69 -24.42
C ALA B 207 -13.88 31.05 -24.77
N GLN B 208 -15.00 31.70 -24.46
CA GLN B 208 -16.30 31.07 -24.69
C GLN B 208 -16.59 30.79 -26.16
N PRO B 209 -16.37 31.72 -27.11
CA PRO B 209 -16.72 31.39 -28.50
C PRO B 209 -16.00 30.17 -29.05
N VAL B 210 -14.69 30.09 -28.87
CA VAL B 210 -13.94 28.96 -29.39
C VAL B 210 -14.30 27.69 -28.65
N LEU B 211 -14.54 27.79 -27.34
CA LEU B 211 -14.96 26.64 -26.56
C LEU B 211 -16.27 26.07 -27.12
N GLU B 212 -17.25 26.94 -27.36
CA GLU B 212 -18.50 26.50 -27.96
C GLU B 212 -18.29 25.91 -29.34
N ASP B 213 -17.44 26.54 -30.15
CA ASP B 213 -17.21 26.05 -31.51
C ASP B 213 -16.67 24.64 -31.50
N GLN B 214 -15.62 24.41 -30.69
CA GLN B 214 -15.02 23.09 -30.64
C GLN B 214 -15.98 22.05 -30.07
N LEU B 215 -16.70 22.41 -29.00
CA LEU B 215 -17.62 21.47 -28.39
C LEU B 215 -18.74 21.10 -29.36
N ALA B 216 -19.28 22.09 -30.07
CA ALA B 216 -20.33 21.82 -31.04
C ALA B 216 -19.81 20.95 -32.18
N LYS B 217 -18.60 21.23 -32.66
CA LYS B 217 -18.06 20.42 -33.74
C LYS B 217 -17.89 18.97 -33.31
N SER B 218 -17.39 18.76 -32.09
CA SER B 218 -17.22 17.39 -31.60
C SER B 218 -18.55 16.67 -31.46
N ILE B 219 -19.52 17.32 -30.82
CA ILE B 219 -20.81 16.67 -30.60
C ILE B 219 -21.51 16.37 -31.91
N ALA B 220 -21.42 17.29 -32.87
CA ALA B 220 -22.01 17.02 -34.18
C ALA B 220 -21.26 15.93 -34.91
N ASN B 221 -19.93 15.89 -34.79
CA ASN B 221 -19.15 14.85 -35.44
C ASN B 221 -19.44 13.47 -34.88
N ILE B 222 -20.03 13.40 -33.68
CA ILE B 222 -20.53 12.11 -33.22
C ILE B 222 -21.41 11.47 -34.29
N LEU B 223 -22.25 12.27 -34.94
CA LEU B 223 -23.13 11.75 -35.97
C LEU B 223 -22.38 11.41 -37.24
N GLY B 224 -21.22 12.00 -37.46
CA GLY B 224 -20.45 11.74 -38.66
C GLY B 224 -21.02 12.43 -39.88
N SER B 225 -20.21 12.63 -40.91
CA SER B 225 -20.63 13.37 -42.09
C SER B 225 -21.57 12.53 -42.96
N GLY B 226 -22.77 12.27 -42.45
CA GLY B 226 -23.75 11.50 -43.20
C GLY B 226 -24.47 12.32 -44.24
N CYS C 1 5.77 39.41 0.93
CA CYS C 1 4.89 39.08 2.04
C CYS C 1 3.82 38.09 1.60
N SER C 2 3.71 36.97 2.34
CA SER C 2 2.68 35.98 2.03
C SER C 2 1.28 36.57 2.23
N ALA C 3 1.09 37.34 3.29
CA ALA C 3 -0.19 37.97 3.56
C ALA C 3 -0.55 38.96 2.47
N MET C 4 0.42 39.78 2.05
CA MET C 4 0.15 40.74 0.98
C MET C 4 -0.09 40.03 -0.34
N GLY C 5 0.65 38.95 -0.60
CA GLY C 5 0.41 38.18 -1.81
C GLY C 5 -0.99 37.59 -1.84
N THR C 6 -1.46 37.07 -0.70
CA THR C 6 -2.82 36.57 -0.62
C THR C 6 -3.84 37.69 -0.81
N ALA C 7 -3.62 38.83 -0.17
CA ALA C 7 -4.56 39.93 -0.29
C ALA C 7 -4.62 40.47 -1.71
N ILE C 8 -3.54 40.31 -2.47
CA ILE C 8 -3.54 40.74 -3.86
C ILE C 8 -4.21 39.70 -4.74
N LYS C 9 -3.83 38.43 -4.56
CA LYS C 9 -4.38 37.34 -5.37
C LYS C 9 -5.90 37.30 -5.27
N LYS C 10 -6.41 37.06 -4.07
CA LYS C 10 -7.84 36.90 -3.86
C LYS C 10 -8.47 38.19 -3.35
N ARG C 11 -8.38 39.24 -4.16
CA ARG C 11 -8.84 40.55 -3.74
C ARG C 11 -10.31 40.78 -4.02
N ASN C 12 -10.91 40.01 -4.92
CA ASN C 12 -12.32 40.14 -5.24
C ASN C 12 -13.01 38.80 -5.10
N LEU C 13 -14.30 38.85 -4.78
CA LEU C 13 -15.06 37.65 -4.48
C LEU C 13 -15.12 36.72 -5.68
N GLU C 14 -14.82 35.44 -5.45
CA GLU C 14 -14.85 34.44 -6.50
C GLU C 14 -15.80 33.32 -6.09
N VAL C 15 -16.87 33.14 -6.86
CA VAL C 15 -17.92 32.19 -6.54
C VAL C 15 -17.98 31.12 -7.64
N LYS C 16 -17.92 29.86 -7.23
CA LYS C 16 -18.02 28.72 -8.12
C LYS C 16 -19.21 27.86 -7.70
N THR C 17 -19.87 27.27 -8.68
CA THR C 17 -21.05 26.43 -8.43
C THR C 17 -21.01 25.26 -9.39
N GLN C 18 -20.81 24.06 -8.87
CA GLN C 18 -20.62 22.88 -9.72
C GLN C 18 -21.62 21.80 -9.34
N MET C 19 -22.46 21.42 -10.30
CA MET C 19 -23.34 20.28 -10.14
C MET C 19 -22.54 18.99 -10.21
N SER C 20 -22.96 17.99 -9.43
CA SER C 20 -22.20 16.74 -9.38
C SER C 20 -22.38 15.93 -10.65
N GLU C 21 -23.62 15.56 -10.97
CA GLU C 21 -23.91 14.78 -12.16
C GLU C 21 -25.16 15.32 -12.83
N THR C 22 -25.37 14.86 -14.06
CA THR C 22 -26.48 15.34 -14.88
C THR C 22 -27.72 14.51 -14.65
N ILE C 23 -28.85 15.19 -14.50
CA ILE C 23 -30.16 14.55 -14.44
C ILE C 23 -30.83 14.73 -15.79
N TRP C 24 -31.03 13.63 -16.50
CA TRP C 24 -31.61 13.67 -17.83
C TRP C 24 -33.13 13.63 -17.72
N LEU C 25 -33.80 14.60 -18.34
CA LEU C 25 -35.24 14.67 -18.36
C LEU C 25 -35.72 14.58 -19.80
N GLU C 26 -36.72 13.73 -20.04
CA GLU C 26 -37.28 13.61 -21.36
C GLU C 26 -38.00 14.91 -21.74
N PRO C 27 -38.06 15.24 -23.02
CA PRO C 27 -38.88 16.38 -23.45
C PRO C 27 -40.32 16.18 -23.03
N SER C 28 -40.92 17.22 -22.46
CA SER C 28 -42.24 17.11 -21.87
C SER C 28 -43.00 18.41 -22.05
N ASN C 29 -44.31 18.32 -21.93
CA ASN C 29 -45.19 19.48 -21.98
C ASN C 29 -45.59 19.97 -20.60
N ASN C 30 -45.06 19.38 -19.54
CA ASN C 30 -45.37 19.83 -18.19
C ASN C 30 -44.86 21.26 -17.99
N LYS C 31 -45.68 22.08 -17.34
CA LYS C 31 -45.30 23.45 -17.06
C LYS C 31 -45.36 23.80 -15.58
N THR C 32 -45.89 22.92 -14.74
CA THR C 32 -46.08 23.21 -13.33
C THR C 32 -44.91 22.63 -12.54
N VAL C 33 -44.38 23.43 -11.62
CA VAL C 33 -43.26 23.05 -10.77
C VAL C 33 -43.63 23.35 -9.33
N TYR C 34 -43.31 22.43 -8.43
CA TYR C 34 -43.50 22.62 -7.00
C TYR C 34 -42.14 22.66 -6.32
N LEU C 35 -41.89 23.71 -5.55
CA LEU C 35 -40.59 23.91 -4.93
C LEU C 35 -40.66 23.60 -3.44
N GLN C 36 -39.69 22.84 -2.96
CA GLN C 36 -39.53 22.56 -1.53
C GLN C 36 -38.06 22.75 -1.20
N ILE C 37 -37.72 23.92 -0.65
CA ILE C 37 -36.34 24.30 -0.37
C ILE C 37 -36.16 24.39 1.14
N LYS C 38 -35.19 23.66 1.66
CA LYS C 38 -34.89 23.64 3.08
C LYS C 38 -33.43 23.99 3.28
N ASN C 39 -33.09 24.36 4.51
CA ASN C 39 -31.73 24.82 4.83
C ASN C 39 -31.37 24.29 6.21
N THR C 40 -30.60 23.20 6.26
CA THR C 40 -30.11 22.65 7.51
C THR C 40 -28.68 23.05 7.80
N SER C 41 -28.22 24.17 7.24
CA SER C 41 -26.88 24.67 7.45
C SER C 41 -26.92 25.88 8.38
N ASP C 42 -25.76 26.18 8.96
CA ASP C 42 -25.67 27.32 9.86
C ASP C 42 -25.73 28.65 9.12
N LYS C 43 -25.40 28.67 7.84
CA LYS C 43 -25.48 29.88 7.05
C LYS C 43 -26.94 30.15 6.68
N ASP C 44 -27.18 31.36 6.17
CA ASP C 44 -28.52 31.81 5.84
C ASP C 44 -28.63 31.97 4.33
N MET C 45 -29.54 31.20 3.72
CA MET C 45 -29.98 31.43 2.36
C MET C 45 -31.51 31.48 2.38
N SER C 46 -32.05 32.66 2.69
CA SER C 46 -33.49 32.80 2.74
C SER C 46 -34.07 33.18 1.39
N GLY C 47 -33.28 33.84 0.54
CA GLY C 47 -33.73 34.23 -0.77
C GLY C 47 -33.58 33.18 -1.84
N LEU C 48 -33.10 31.99 -1.49
CA LEU C 48 -32.87 30.97 -2.50
C LEU C 48 -34.18 30.46 -3.08
N GLN C 49 -35.22 30.32 -2.27
CA GLN C 49 -36.50 29.84 -2.76
C GLN C 49 -37.08 30.79 -3.80
N ALA C 50 -37.08 32.09 -3.51
CA ALA C 50 -37.63 33.05 -4.44
C ALA C 50 -36.79 33.14 -5.71
N LYS C 51 -35.48 33.02 -5.57
CA LYS C 51 -34.63 33.07 -6.76
C LYS C 51 -34.83 31.86 -7.65
N ILE C 52 -34.99 30.68 -7.05
CA ILE C 52 -35.30 29.49 -7.84
C ILE C 52 -36.64 29.65 -8.53
N ALA C 53 -37.64 30.18 -7.82
CA ALA C 53 -38.94 30.39 -8.43
C ALA C 53 -38.85 31.35 -9.60
N SER C 54 -38.11 32.45 -9.44
CA SER C 54 -37.98 33.42 -10.51
C SER C 54 -37.26 32.83 -11.72
N ALA C 55 -36.18 32.09 -11.48
CA ALA C 55 -35.44 31.49 -12.58
C ALA C 55 -36.30 30.46 -13.31
N VAL C 56 -37.06 29.67 -12.57
CA VAL C 56 -37.93 28.68 -13.20
C VAL C 56 -39.02 29.36 -14.02
N THR C 57 -39.63 30.43 -13.47
CA THR C 57 -40.66 31.14 -14.21
C THR C 57 -40.10 31.81 -15.47
N SER C 58 -38.82 32.20 -15.43
CA SER C 58 -38.20 32.80 -16.60
C SER C 58 -38.12 31.81 -17.77
N LYS C 59 -38.16 30.51 -17.50
CA LYS C 59 -38.06 29.50 -18.54
C LYS C 59 -39.41 29.08 -19.09
N GLY C 60 -40.50 29.68 -18.64
CA GLY C 60 -41.81 29.34 -19.10
C GLY C 60 -42.59 28.43 -18.18
N TYR C 61 -41.94 27.84 -17.18
CA TYR C 61 -42.65 27.01 -16.22
C TYR C 61 -43.47 27.89 -15.28
N GLN C 62 -44.39 27.24 -14.57
CA GLN C 62 -45.28 27.92 -13.64
C GLN C 62 -45.15 27.25 -12.28
N VAL C 63 -44.82 28.03 -11.27
CA VAL C 63 -44.61 27.50 -9.92
C VAL C 63 -45.96 27.41 -9.23
N VAL C 64 -46.28 26.22 -8.73
CA VAL C 64 -47.56 25.95 -8.08
C VAL C 64 -47.30 25.57 -6.63
N SER C 65 -48.34 25.73 -5.81
CA SER C 65 -48.26 25.43 -4.40
C SER C 65 -48.87 24.07 -4.05
N ASN C 66 -49.40 23.35 -5.03
CA ASN C 66 -50.02 22.06 -4.77
C ASN C 66 -49.10 20.94 -5.23
N PRO C 67 -48.47 20.20 -4.32
CA PRO C 67 -47.52 19.16 -4.75
C PRO C 67 -48.16 18.05 -5.56
N ASP C 68 -49.46 17.78 -5.37
CA ASP C 68 -50.08 16.64 -6.02
C ASP C 68 -50.28 16.87 -7.50
N THR C 69 -50.60 18.10 -7.90
CA THR C 69 -50.88 18.43 -9.29
C THR C 69 -49.73 19.17 -9.94
N ALA C 70 -48.49 18.83 -9.60
CA ALA C 70 -47.32 19.46 -10.17
C ALA C 70 -46.56 18.44 -11.01
N GLY C 71 -46.30 18.79 -12.26
CA GLY C 71 -45.55 17.90 -13.12
C GLY C 71 -44.14 17.65 -12.62
N TYR C 72 -43.51 18.69 -12.08
CA TYR C 72 -42.15 18.59 -11.58
C TYR C 72 -42.10 18.99 -10.11
N TRP C 73 -41.22 18.36 -9.37
CA TRP C 73 -40.84 18.78 -8.03
C TRP C 73 -39.38 19.15 -8.03
N ILE C 74 -39.06 20.30 -7.46
CA ILE C 74 -37.68 20.65 -7.17
C ILE C 74 -37.55 20.64 -5.66
N GLN C 75 -36.94 19.60 -5.12
CA GLN C 75 -36.69 19.47 -3.70
C GLN C 75 -35.21 19.72 -3.49
N ALA C 76 -34.88 20.79 -2.77
CA ALA C 76 -33.50 21.17 -2.54
C ALA C 76 -33.28 21.35 -1.05
N ASN C 77 -32.09 20.97 -0.59
CA ASN C 77 -31.71 21.14 0.80
C ASN C 77 -30.29 21.68 0.82
N VAL C 78 -30.12 22.87 1.39
CA VAL C 78 -28.79 23.41 1.59
C VAL C 78 -28.21 22.69 2.78
N LEU C 79 -27.56 21.56 2.53
CA LEU C 79 -27.27 20.62 3.62
C LEU C 79 -26.16 21.13 4.52
N LYS C 80 -25.07 21.61 3.95
CA LYS C 80 -23.87 21.86 4.74
C LYS C 80 -23.21 23.16 4.32
N ALA C 81 -22.44 23.73 5.25
CA ALA C 81 -21.61 24.88 4.96
C ALA C 81 -20.42 24.87 5.90
N ASP C 82 -19.23 25.00 5.33
CA ASP C 82 -17.98 25.03 6.08
C ASP C 82 -17.20 26.26 5.68
N LYS C 83 -16.43 26.79 6.62
CA LYS C 83 -15.55 27.91 6.36
C LYS C 83 -14.13 27.51 6.72
N MET C 84 -13.20 27.72 5.80
CA MET C 84 -11.81 27.39 6.08
C MET C 84 -10.92 28.52 5.60
N ASP C 85 -9.70 28.55 6.13
CA ASP C 85 -8.66 29.44 5.64
C ASP C 85 -7.67 28.62 4.82
N LEU C 86 -7.47 29.02 3.57
CA LEU C 86 -6.59 28.29 2.68
C LEU C 86 -5.12 28.51 3.01
N ARG C 87 -4.78 29.65 3.61
CA ARG C 87 -3.39 29.91 3.97
C ARG C 87 -2.84 28.86 4.92
N GLU C 88 -3.69 28.30 5.78
CA GLU C 88 -3.23 27.29 6.71
C GLU C 88 -2.82 26.01 6.01
N SER C 89 -3.15 25.86 4.72
CA SER C 89 -2.63 24.75 3.95
C SER C 89 -1.12 24.83 3.79
N GLN C 90 -0.52 25.99 4.03
CA GLN C 90 0.92 26.17 3.97
C GLN C 90 1.60 25.93 5.31
N GLY C 91 0.87 25.50 6.32
CA GLY C 91 1.45 25.28 7.63
C GLY C 91 1.97 26.56 8.25
N TRP C 92 3.28 26.62 8.48
CA TRP C 92 3.89 27.82 9.04
C TRP C 92 4.01 28.88 7.94
N LEU C 93 4.64 30.02 8.26
CA LEU C 93 4.62 31.21 7.40
C LEU C 93 3.21 31.74 7.20
N SER C 94 2.28 31.32 8.06
CA SER C 94 0.90 31.78 8.00
C SER C 94 0.33 32.14 9.35
N ARG C 95 1.11 32.04 10.43
CA ARG C 95 0.67 32.42 11.76
C ARG C 95 1.23 33.77 12.19
N GLY C 96 1.88 34.49 11.27
CA GLY C 96 2.44 35.79 11.56
C GLY C 96 3.93 35.81 11.76
N TYR C 97 4.62 34.67 11.59
CA TYR C 97 6.07 34.65 11.74
C TYR C 97 6.73 35.64 10.79
N GLU C 98 6.56 35.43 9.49
CA GLU C 98 7.16 36.32 8.51
C GLU C 98 6.59 37.73 8.62
N GLY C 99 5.33 37.87 9.03
CA GLY C 99 4.80 39.20 9.28
C GLY C 99 5.40 39.86 10.49
N ALA C 100 5.86 39.07 11.46
CA ALA C 100 6.58 39.64 12.59
C ALA C 100 7.99 40.05 12.20
N VAL C 101 8.67 39.21 11.40
CA VAL C 101 10.01 39.54 10.94
C VAL C 101 10.00 40.81 10.10
N THR C 102 9.05 40.91 9.18
CA THR C 102 8.85 42.13 8.41
C THR C 102 8.12 43.11 9.32
N GLY C 103 8.90 43.93 10.01
CA GLY C 103 8.39 44.82 11.03
C GLY C 103 9.33 44.82 12.22
N ALA C 104 9.86 43.64 12.57
CA ALA C 104 11.04 43.62 13.43
C ALA C 104 12.22 44.25 12.70
N ALA C 105 12.36 43.94 11.40
CA ALA C 105 13.36 44.63 10.59
C ALA C 105 13.03 46.10 10.42
N LEU C 106 11.75 46.43 10.23
CA LEU C 106 11.36 47.84 10.07
C LEU C 106 11.55 48.64 11.34
N GLY C 107 11.63 47.97 12.50
CA GLY C 107 11.94 48.68 13.73
C GLY C 107 13.36 49.22 13.75
N ALA C 108 14.25 48.63 12.93
CA ALA C 108 15.58 49.21 12.77
C ALA C 108 15.55 50.51 11.98
N GLY C 109 14.41 50.85 11.37
CA GLY C 109 14.23 52.12 10.71
C GLY C 109 14.18 53.30 11.65
N ILE C 110 14.44 53.09 12.93
CA ILE C 110 14.57 54.19 13.89
C ILE C 110 16.02 54.42 14.32
N THR C 111 16.89 53.43 14.16
CA THR C 111 18.30 53.60 14.52
C THR C 111 18.95 54.64 13.61
N ALA C 112 18.72 54.54 12.31
CA ALA C 112 19.27 55.50 11.36
C ALA C 112 18.48 56.80 11.32
N TYR C 113 17.62 57.05 12.30
CA TYR C 113 16.80 58.25 12.32
C TYR C 113 16.93 58.88 13.70
N ASN C 114 16.07 59.87 13.98
CA ASN C 114 16.16 60.83 15.09
C ASN C 114 16.70 60.16 16.34
N SER C 115 16.03 59.15 16.90
CA SER C 115 16.47 58.55 18.15
C SER C 115 17.01 57.15 17.92
N SER C 116 18.28 56.96 18.28
CA SER C 116 18.96 55.67 18.18
C SER C 116 19.25 55.10 19.56
N SER C 117 18.50 55.53 20.56
CA SER C 117 18.67 55.01 21.92
C SER C 117 18.35 53.52 21.95
N ALA C 118 19.21 52.75 22.60
CA ALA C 118 19.09 51.29 22.57
C ALA C 118 17.75 50.84 23.13
N GLY C 119 17.35 51.41 24.28
CA GLY C 119 16.04 51.10 24.80
C GLY C 119 14.92 51.54 23.87
N ALA C 120 15.03 52.75 23.31
CA ALA C 120 14.01 53.25 22.41
C ALA C 120 13.92 52.41 21.14
N THR C 121 15.07 52.08 20.54
CA THR C 121 15.02 51.29 19.32
C THR C 121 14.50 49.88 19.60
N LEU C 122 14.88 49.30 20.74
CA LEU C 122 14.36 47.98 21.09
C LEU C 122 12.85 48.02 21.26
N GLY C 123 12.35 49.03 21.97
CA GLY C 123 10.91 49.13 22.18
C GLY C 123 10.15 49.35 20.90
N VAL C 124 10.64 50.24 20.03
CA VAL C 124 9.95 50.51 18.78
C VAL C 124 10.01 49.30 17.86
N GLY C 125 11.15 48.61 17.83
CA GLY C 125 11.25 47.40 17.03
C GLY C 125 10.31 46.31 17.51
N LEU C 126 10.21 46.15 18.83
CA LEU C 126 9.29 45.15 19.37
C LEU C 126 7.85 45.50 19.04
N ALA C 127 7.47 46.76 19.21
CA ALA C 127 6.10 47.16 18.90
C ALA C 127 5.80 46.98 17.42
N ALA C 128 6.76 47.33 16.55
CA ALA C 128 6.55 47.17 15.12
C ALA C 128 6.45 45.70 14.73
N GLY C 129 7.28 44.84 15.34
CA GLY C 129 7.15 43.42 15.08
C GLY C 129 5.83 42.85 15.54
N LEU C 130 5.35 43.30 16.70
CA LEU C 130 4.04 42.86 17.17
C LEU C 130 2.94 43.31 16.22
N VAL C 131 3.00 44.55 15.75
CA VAL C 131 1.98 45.05 14.84
C VAL C 131 2.04 44.30 13.51
N GLY C 132 3.25 44.00 13.04
CA GLY C 132 3.38 43.25 11.81
C GLY C 132 2.82 41.83 11.94
N MET C 133 3.11 41.17 13.06
CA MET C 133 2.55 39.85 13.28
C MET C 133 1.03 39.90 13.38
N ALA C 134 0.49 40.92 14.06
CA ALA C 134 -0.96 41.05 14.15
C ALA C 134 -1.58 41.27 12.79
N ALA C 135 -0.98 42.14 11.97
CA ALA C 135 -1.54 42.41 10.64
C ALA C 135 -1.44 41.19 9.74
N ASP C 136 -0.35 40.43 9.84
CA ASP C 136 -0.22 39.22 9.04
C ASP C 136 -1.26 38.19 9.47
N ALA C 137 -1.41 37.99 10.79
CA ALA C 137 -2.37 37.01 11.28
C ALA C 137 -3.81 37.45 11.06
N MET C 138 -4.06 38.75 10.90
CA MET C 138 -5.42 39.23 10.66
C MET C 138 -5.83 39.16 9.20
N VAL C 139 -4.96 38.68 8.31
CA VAL C 139 -5.30 38.51 6.92
C VAL C 139 -5.85 37.10 6.76
N GLU C 140 -7.17 37.01 6.56
CA GLU C 140 -7.89 35.76 6.52
C GLU C 140 -8.22 35.47 5.06
N ASP C 141 -7.74 34.37 4.53
CA ASP C 141 -8.03 33.99 3.14
C ASP C 141 -9.12 32.93 3.23
N VAL C 142 -10.36 33.38 3.26
CA VAL C 142 -11.47 32.51 3.65
C VAL C 142 -12.14 31.94 2.41
N ASN C 143 -12.52 30.67 2.54
CA ASN C 143 -13.22 29.91 1.53
C ASN C 143 -14.41 29.25 2.20
N TYR C 144 -15.61 29.60 1.73
CA TYR C 144 -16.85 28.99 2.19
C TYR C 144 -17.25 27.92 1.20
N THR C 145 -17.37 26.69 1.67
CA THR C 145 -17.81 25.56 0.86
C THR C 145 -19.21 25.17 1.31
N MET C 146 -20.15 25.14 0.37
CA MET C 146 -21.54 24.85 0.67
C MET C 146 -21.99 23.64 -0.14
N ILE C 147 -22.71 22.74 0.51
CA ILE C 147 -23.20 21.52 -0.12
C ILE C 147 -24.71 21.55 -0.11
N THR C 148 -25.30 21.44 -1.31
CA THR C 148 -26.74 21.43 -1.49
C THR C 148 -27.14 20.11 -2.14
N ASP C 149 -28.19 19.49 -1.61
CA ASP C 149 -28.74 18.28 -2.19
C ASP C 149 -30.01 18.63 -2.94
N VAL C 150 -30.12 18.13 -4.17
CA VAL C 150 -31.26 18.41 -5.03
C VAL C 150 -31.93 17.08 -5.37
N GLN C 151 -33.26 17.08 -5.35
CA GLN C 151 -34.04 15.91 -5.70
C GLN C 151 -35.19 16.34 -6.60
N ILE C 152 -35.10 15.99 -7.87
CA ILE C 152 -36.10 16.34 -8.87
C ILE C 152 -37.07 15.18 -8.99
N ALA C 153 -38.36 15.47 -8.87
CA ALA C 153 -39.39 14.46 -9.05
C ALA C 153 -40.21 14.83 -10.29
N GLU C 154 -40.26 13.92 -11.25
CA GLU C 154 -41.00 14.13 -12.49
C GLU C 154 -42.15 13.15 -12.55
N ARG C 155 -43.34 13.67 -12.81
CA ARG C 155 -44.54 12.83 -12.83
C ARG C 155 -44.66 12.14 -14.18
N THR C 156 -44.85 10.83 -14.16
CA THR C 156 -44.92 10.01 -15.35
C THR C 156 -46.23 9.25 -15.39
N LYS C 157 -46.43 8.50 -16.47
CA LYS C 157 -47.54 7.56 -16.56
C LYS C 157 -47.14 6.15 -16.18
N THR C 158 -45.85 5.91 -15.98
CA THR C 158 -45.34 4.61 -15.60
C THR C 158 -45.51 4.40 -14.10
N GLN C 159 -45.98 3.22 -13.72
CA GLN C 159 -46.07 2.88 -12.31
C GLN C 159 -44.67 2.71 -11.75
N VAL C 160 -44.36 3.45 -10.69
CA VAL C 160 -43.06 3.42 -10.05
C VAL C 160 -43.23 2.82 -8.67
N GLN C 161 -42.41 1.80 -8.37
CA GLN C 161 -42.45 1.15 -7.07
C GLN C 161 -41.27 1.64 -6.24
N THR C 162 -41.57 2.20 -5.07
CA THR C 162 -40.57 2.69 -4.15
C THR C 162 -40.40 1.69 -3.02
N ASP C 163 -39.19 1.20 -2.83
CA ASP C 163 -38.89 0.23 -1.78
C ASP C 163 -38.03 0.92 -0.74
N ASN C 164 -38.67 1.43 0.30
CA ASN C 164 -37.94 2.06 1.40
C ASN C 164 -37.19 0.99 2.18
N VAL C 165 -35.88 1.17 2.31
CA VAL C 165 -35.01 0.25 3.03
C VAL C 165 -34.11 1.09 3.91
N ALA C 166 -34.42 1.16 5.20
CA ALA C 166 -33.65 1.95 6.15
C ALA C 166 -32.94 1.01 7.13
N VAL C 167 -31.63 1.18 7.25
CA VAL C 167 -30.85 0.39 8.19
C VAL C 167 -30.45 1.27 9.36
N LEU C 168 -31.30 1.34 10.39
CA LEU C 168 -31.07 2.23 11.51
C LEU C 168 -30.08 1.59 12.47
N ARG C 169 -28.94 2.26 12.66
CA ARG C 169 -27.94 1.76 13.60
C ARG C 169 -28.51 1.79 15.02
N GLN C 170 -28.14 0.77 15.81
CA GLN C 170 -28.63 0.63 17.18
C GLN C 170 -27.44 0.19 18.04
N GLY C 171 -26.74 1.17 18.60
CA GLY C 171 -25.75 0.95 19.64
C GLY C 171 -24.65 -0.04 19.31
N THR C 172 -23.83 0.25 18.32
CA THR C 172 -22.56 -0.44 18.11
C THR C 172 -22.71 -1.94 17.93
N SER C 173 -23.92 -2.46 17.98
CA SER C 173 -24.14 -3.89 17.91
C SER C 173 -25.20 -4.29 16.91
N GLY C 174 -26.28 -3.51 16.80
CA GLY C 174 -27.44 -3.95 16.06
C GLY C 174 -27.87 -2.94 15.01
N THR C 175 -28.84 -3.37 14.21
CA THR C 175 -29.53 -2.52 13.26
C THR C 175 -30.99 -2.91 13.25
N LYS C 176 -31.86 -1.92 13.20
CA LYS C 176 -33.27 -2.15 12.91
C LYS C 176 -33.48 -1.86 11.44
N VAL C 177 -33.93 -2.87 10.70
CA VAL C 177 -34.10 -2.74 9.25
C VAL C 177 -35.58 -2.52 9.00
N GLN C 178 -35.92 -1.34 8.50
CA GLN C 178 -37.28 -0.99 8.16
C GLN C 178 -37.44 -1.11 6.65
N THR C 179 -38.45 -1.86 6.21
CA THR C 179 -38.70 -2.04 4.80
C THR C 179 -40.17 -1.78 4.52
N SER C 180 -40.45 -1.05 3.45
CA SER C 180 -41.82 -0.81 3.05
C SER C 180 -41.86 -0.64 1.54
N THR C 181 -43.06 -0.80 0.98
CA THR C 181 -43.25 -0.71 -0.46
C THR C 181 -44.41 0.24 -0.76
N GLU C 182 -44.19 1.17 -1.68
CA GLU C 182 -45.20 2.11 -2.10
C GLU C 182 -45.25 2.10 -3.63
N THR C 183 -46.38 2.55 -4.17
CA THR C 183 -46.55 2.64 -5.60
C THR C 183 -47.07 4.03 -5.96
N GLY C 184 -46.42 4.67 -6.92
CA GLY C 184 -46.84 6.00 -7.33
C GLY C 184 -46.23 6.34 -8.67
N ASN C 185 -46.79 7.38 -9.30
CA ASN C 185 -46.34 7.82 -10.61
CA ASN C 185 -46.33 7.82 -10.60
C ASN C 185 -45.43 9.04 -10.46
N GLN C 186 -44.20 8.78 -10.04
CA GLN C 186 -43.23 9.87 -9.89
C GLN C 186 -41.85 9.29 -9.86
N HIS C 187 -41.02 9.65 -10.83
CA HIS C 187 -39.62 9.28 -10.84
C HIS C 187 -38.84 10.33 -10.08
N LYS C 188 -38.06 9.91 -9.11
CA LYS C 188 -37.24 10.82 -8.31
C LYS C 188 -35.77 10.58 -8.61
N TYR C 189 -35.08 11.64 -8.98
CA TYR C 189 -33.66 11.62 -9.24
C TYR C 189 -32.97 12.59 -8.30
N GLN C 190 -31.72 12.30 -7.95
CA GLN C 190 -30.99 13.14 -7.03
C GLN C 190 -29.80 13.76 -7.72
N THR C 191 -29.16 14.70 -7.03
CA THR C 191 -27.91 15.29 -7.48
C THR C 191 -27.40 16.19 -6.36
N ARG C 192 -26.17 16.65 -6.51
CA ARG C 192 -25.53 17.46 -5.49
C ARG C 192 -24.86 18.65 -6.16
N VAL C 193 -24.96 19.81 -5.53
CA VAL C 193 -24.33 21.03 -6.00
C VAL C 193 -23.37 21.51 -4.95
N VAL C 194 -22.12 21.78 -5.36
CA VAL C 194 -21.08 22.26 -4.47
C VAL C 194 -20.78 23.70 -4.84
N SER C 195 -20.92 24.60 -3.88
CA SER C 195 -20.64 26.01 -4.07
C SER C 195 -19.42 26.40 -3.28
N ASN C 196 -18.65 27.35 -3.81
CA ASN C 196 -17.47 27.88 -3.15
C ASN C 196 -17.50 29.39 -3.28
N ALA C 197 -17.18 30.07 -2.19
CA ALA C 197 -17.04 31.53 -2.18
C ALA C 197 -15.70 31.84 -1.54
N ASN C 198 -14.80 32.44 -2.31
CA ASN C 198 -13.43 32.67 -1.85
C ASN C 198 -13.13 34.16 -1.90
N LYS C 199 -12.48 34.65 -0.85
CA LYS C 199 -12.02 36.04 -0.82
C LYS C 199 -11.15 36.22 0.41
N VAL C 200 -10.42 37.33 0.44
CA VAL C 200 -9.63 37.68 1.61
C VAL C 200 -10.53 38.39 2.62
N ASN C 201 -10.52 37.91 3.87
CA ASN C 201 -11.36 38.46 4.92
C ASN C 201 -12.82 38.50 4.49
N LEU C 202 -13.26 37.43 3.84
CA LEU C 202 -14.63 37.38 3.33
C LEU C 202 -15.61 37.14 4.47
N LYS C 203 -16.66 37.95 4.51
CA LYS C 203 -17.77 37.74 5.42
C LYS C 203 -18.92 37.14 4.61
N PHE C 204 -19.55 36.10 5.15
CA PHE C 204 -20.55 35.38 4.39
C PHE C 204 -21.69 36.26 3.86
N PRO C 205 -22.25 37.21 4.62
CA PRO C 205 -23.37 38.00 4.07
C PRO C 205 -23.03 38.72 2.78
N GLU C 206 -21.75 38.97 2.51
CA GLU C 206 -21.38 39.57 1.23
C GLU C 206 -21.44 38.54 0.11
N ALA C 207 -21.07 37.30 0.40
CA ALA C 207 -21.08 36.25 -0.61
C ALA C 207 -22.44 35.59 -0.78
N GLN C 208 -23.37 35.81 0.14
CA GLN C 208 -24.64 35.11 0.08
C GLN C 208 -25.48 35.44 -1.14
N PRO C 209 -25.65 36.71 -1.55
CA PRO C 209 -26.51 36.97 -2.72
C PRO C 209 -26.04 36.27 -3.99
N VAL C 210 -24.75 36.37 -4.31
CA VAL C 210 -24.25 35.75 -5.53
C VAL C 210 -24.29 34.23 -5.40
N LEU C 211 -24.03 33.71 -4.20
CA LEU C 211 -24.13 32.27 -3.97
C LEU C 211 -25.54 31.77 -4.27
N GLU C 212 -26.55 32.48 -3.74
CA GLU C 212 -27.94 32.12 -4.03
C GLU C 212 -28.24 32.24 -5.51
N ASP C 213 -27.77 33.31 -6.14
CA ASP C 213 -28.07 33.51 -7.56
C ASP C 213 -27.54 32.36 -8.39
N GLN C 214 -26.28 32.00 -8.19
CA GLN C 214 -25.68 30.92 -8.98
C GLN C 214 -26.34 29.58 -8.68
N LEU C 215 -26.61 29.30 -7.40
CA LEU C 215 -27.23 28.03 -7.05
C LEU C 215 -28.63 27.93 -7.65
N ALA C 216 -29.41 29.01 -7.57
CA ALA C 216 -30.74 29.00 -8.15
C ALA C 216 -30.70 28.84 -9.65
N LYS C 217 -29.77 29.51 -10.32
CA LYS C 217 -29.66 29.37 -11.77
C LYS C 217 -29.33 27.94 -12.15
N SER C 218 -28.41 27.31 -11.42
CA SER C 218 -28.05 25.92 -11.73
C SER C 218 -29.22 24.98 -11.52
N ILE C 219 -29.88 25.09 -10.36
CA ILE C 219 -30.98 24.18 -10.07
C ILE C 219 -32.13 24.37 -11.04
N ALA C 220 -32.42 25.61 -11.42
CA ALA C 220 -33.46 25.84 -12.42
C ALA C 220 -33.05 25.34 -13.78
N ASN C 221 -31.77 25.49 -14.13
CA ASN C 221 -31.29 25.02 -15.42
C ASN C 221 -31.32 23.51 -15.53
N ILE C 222 -31.41 22.81 -14.40
CA ILE C 222 -31.70 21.38 -14.47
C ILE C 222 -32.92 21.12 -15.37
N LEU C 223 -33.94 21.95 -15.23
CA LEU C 223 -35.15 21.78 -16.03
C LEU C 223 -34.93 22.17 -17.48
N GLY C 224 -33.95 23.01 -17.76
CA GLY C 224 -33.69 23.45 -19.12
C GLY C 224 -34.66 24.51 -19.58
N SER C 225 -34.31 25.25 -20.62
CA SER C 225 -35.15 26.35 -21.08
C SER C 225 -36.38 25.84 -21.83
N GLY C 226 -37.27 25.17 -21.12
CA GLY C 226 -38.47 24.64 -21.72
C GLY C 226 -39.49 25.71 -22.04
N CYS D 1 5.46 35.32 17.64
CA CYS D 1 5.06 34.38 18.68
C CYS D 1 3.91 33.51 18.20
N SER D 2 4.09 32.19 18.28
CA SER D 2 3.02 31.27 17.89
C SER D 2 1.80 31.42 18.79
N ALA D 3 2.03 31.58 20.09
CA ALA D 3 0.94 31.77 21.04
C ALA D 3 0.18 33.05 20.74
N MET D 4 0.91 34.14 20.48
CA MET D 4 0.25 35.40 20.17
C MET D 4 -0.48 35.32 18.84
N GLY D 5 0.11 34.63 17.87
CA GLY D 5 -0.57 34.44 16.59
C GLY D 5 -1.87 33.67 16.75
N THR D 6 -1.86 32.64 17.58
CA THR D 6 -3.09 31.90 17.86
C THR D 6 -4.10 32.76 18.58
N ALA D 7 -3.66 33.54 19.58
CA ALA D 7 -4.59 34.39 20.32
C ALA D 7 -5.19 35.46 19.43
N ILE D 8 -4.47 35.85 18.39
CA ILE D 8 -5.02 36.84 17.46
C ILE D 8 -5.97 36.18 16.47
N LYS D 9 -5.54 35.06 15.89
CA LYS D 9 -6.34 34.36 14.89
C LYS D 9 -7.71 33.99 15.45
N LYS D 10 -7.73 33.16 16.48
CA LYS D 10 -8.97 32.65 17.05
C LYS D 10 -9.35 33.44 18.30
N ARG D 11 -9.59 34.73 18.10
CA ARG D 11 -9.87 35.61 19.24
C ARG D 11 -11.34 35.67 19.60
N ASN D 12 -12.22 35.30 18.68
CA ASN D 12 -13.65 35.31 18.94
C ASN D 12 -14.23 33.93 18.64
N LEU D 13 -15.30 33.60 19.35
CA LEU D 13 -15.88 32.26 19.29
C LEU D 13 -16.40 31.95 17.89
N GLU D 14 -16.02 30.80 17.36
CA GLU D 14 -16.45 30.37 16.04
C GLU D 14 -17.16 29.04 16.16
N VAL D 15 -18.44 29.00 15.79
CA VAL D 15 -19.28 27.82 15.94
C VAL D 15 -19.73 27.36 14.56
N LYS D 16 -19.52 26.09 14.28
CA LYS D 16 -19.95 25.46 13.04
C LYS D 16 -20.87 24.30 13.37
N THR D 17 -21.85 24.07 12.50
CA THR D 17 -22.83 23.00 12.69
C THR D 17 -23.15 22.41 11.33
N GLN D 18 -22.79 21.15 11.13
CA GLN D 18 -22.92 20.51 9.82
C GLN D 18 -23.70 19.22 9.94
N MET D 19 -24.86 19.17 9.28
CA MET D 19 -25.61 17.94 9.17
C MET D 19 -24.87 16.96 8.24
N SER D 20 -24.97 15.67 8.54
CA SER D 20 -24.24 14.69 7.76
C SER D 20 -24.87 14.49 6.40
N GLU D 21 -26.14 14.08 6.35
CA GLU D 21 -26.84 13.84 5.10
C GLU D 21 -28.26 14.39 5.21
N THR D 22 -28.91 14.47 4.06
CA THR D 22 -30.24 15.07 3.97
C THR D 22 -31.30 14.00 4.19
N ILE D 23 -32.31 14.33 4.99
CA ILE D 23 -33.48 13.49 5.17
C ILE D 23 -34.61 14.12 4.38
N TRP D 24 -35.09 13.43 3.35
CA TRP D 24 -36.14 13.94 2.49
C TRP D 24 -37.50 13.57 3.06
N LEU D 25 -38.36 14.57 3.23
CA LEU D 25 -39.70 14.37 3.73
C LEU D 25 -40.69 14.84 2.67
N GLU D 26 -41.70 14.02 2.40
CA GLU D 26 -42.72 14.40 1.45
C GLU D 26 -43.54 15.56 2.00
N PRO D 27 -44.07 16.42 1.13
CA PRO D 27 -45.00 17.45 1.59
C PRO D 27 -46.18 16.83 2.31
N SER D 28 -46.47 17.34 3.50
CA SER D 28 -47.48 16.74 4.36
C SER D 28 -48.25 17.82 5.09
N ASN D 29 -49.44 17.45 5.55
CA ASN D 29 -50.29 18.32 6.35
C ASN D 29 -50.13 18.09 7.83
N ASN D 30 -49.24 17.19 8.24
CA ASN D 30 -49.01 16.96 9.67
C ASN D 30 -48.48 18.21 10.33
N LYS D 31 -48.98 18.49 11.52
CA LYS D 31 -48.53 19.64 12.29
C LYS D 31 -48.04 19.29 13.67
N THR D 32 -48.17 18.04 14.10
CA THR D 32 -47.81 17.64 15.45
C THR D 32 -46.43 17.01 15.45
N VAL D 33 -45.61 17.40 16.41
CA VAL D 33 -44.25 16.90 16.55
C VAL D 33 -44.04 16.48 17.99
N TYR D 34 -43.40 15.32 18.19
CA TYR D 34 -43.04 14.83 19.51
C TYR D 34 -41.53 14.81 19.63
N LEU D 35 -41.00 15.46 20.65
CA LEU D 35 -39.56 15.61 20.83
C LEU D 35 -39.06 14.67 21.92
N GLN D 36 -37.97 13.97 21.64
CA GLN D 36 -37.29 13.13 22.61
C GLN D 36 -35.80 13.42 22.49
N ILE D 37 -35.29 14.26 23.39
CA ILE D 37 -33.91 14.73 23.33
C ILE D 37 -33.17 14.19 24.53
N LYS D 38 -32.06 13.49 24.28
CA LYS D 38 -31.25 12.90 25.33
C LYS D 38 -29.82 13.41 25.17
N ASN D 39 -29.04 13.26 26.24
CA ASN D 39 -27.67 13.77 26.28
C ASN D 39 -26.80 12.77 27.03
N THR D 40 -26.09 11.93 26.29
CA THR D 40 -25.15 10.99 26.90
C THR D 40 -23.71 11.49 26.82
N SER D 41 -23.51 12.81 26.82
CA SER D 41 -22.19 13.40 26.77
C SER D 41 -21.87 14.05 28.11
N ASP D 42 -20.58 14.27 28.35
CA ASP D 42 -20.16 14.91 29.59
C ASP D 42 -20.51 16.39 29.62
N LYS D 43 -20.71 17.01 28.48
CA LYS D 43 -21.10 18.42 28.44
C LYS D 43 -22.59 18.56 28.76
N ASP D 44 -23.01 19.79 28.99
CA ASP D 44 -24.37 20.09 29.37
C ASP D 44 -25.06 20.85 28.25
N MET D 45 -26.11 20.25 27.69
CA MET D 45 -27.02 20.95 26.78
C MET D 45 -28.43 20.72 27.33
N SER D 46 -28.82 21.53 28.30
CA SER D 46 -30.13 21.36 28.92
C SER D 46 -31.20 22.19 28.24
N GLY D 47 -30.81 23.30 27.62
CA GLY D 47 -31.76 24.12 26.90
C GLY D 47 -32.00 23.72 25.47
N LEU D 48 -31.41 22.60 25.04
CA LEU D 48 -31.55 22.19 23.64
C LEU D 48 -32.97 21.79 23.31
N GLN D 49 -33.64 21.08 24.22
CA GLN D 49 -35.01 20.63 23.94
C GLN D 49 -35.95 21.81 23.80
N ALA D 50 -35.83 22.80 24.70
CA ALA D 50 -36.69 23.97 24.62
C ALA D 50 -36.41 24.76 23.36
N LYS D 51 -35.15 24.86 22.96
CA LYS D 51 -34.81 25.59 21.74
C LYS D 51 -35.34 24.87 20.51
N ILE D 52 -35.26 23.54 20.47
CA ILE D 52 -35.83 22.79 19.37
C ILE D 52 -37.34 22.99 19.32
N ALA D 53 -38.00 22.94 20.48
CA ALA D 53 -39.44 23.16 20.51
C ALA D 53 -39.81 24.54 20.00
N SER D 54 -39.06 25.56 20.42
CA SER D 54 -39.35 26.92 19.96
C SER D 54 -39.14 27.05 18.46
N ALA D 55 -38.05 26.50 17.94
CA ALA D 55 -37.78 26.59 16.51
C ALA D 55 -38.83 25.86 15.70
N VAL D 56 -39.26 24.69 16.18
CA VAL D 56 -40.30 23.93 15.50
C VAL D 56 -41.62 24.69 15.51
N THR D 57 -41.98 25.27 16.66
CA THR D 57 -43.22 26.03 16.74
C THR D 57 -43.17 27.27 15.86
N SER D 58 -41.99 27.83 15.65
CA SER D 58 -41.86 28.98 14.76
C SER D 58 -42.24 28.64 13.33
N LYS D 59 -42.15 27.38 12.94
CA LYS D 59 -42.47 26.97 11.58
C LYS D 59 -43.92 26.59 11.39
N GLY D 60 -44.75 26.72 12.41
CA GLY D 60 -46.15 26.38 12.31
C GLY D 60 -46.50 25.01 12.87
N TYR D 61 -45.50 24.19 13.17
CA TYR D 61 -45.78 22.91 13.80
C TYR D 61 -46.19 23.09 15.25
N GLN D 62 -46.79 22.05 15.81
CA GLN D 62 -47.25 22.06 17.19
C GLN D 62 -46.59 20.91 17.93
N VAL D 63 -45.93 21.22 19.03
CA VAL D 63 -45.23 20.21 19.81
C VAL D 63 -46.21 19.56 20.78
N VAL D 64 -46.31 18.24 20.72
CA VAL D 64 -47.24 17.49 21.56
C VAL D 64 -46.45 16.57 22.47
N SER D 65 -47.09 16.15 23.55
CA SER D 65 -46.48 15.26 24.53
C SER D 65 -46.90 13.81 24.38
N ASN D 66 -47.74 13.50 23.39
CA ASN D 66 -48.22 12.14 23.19
C ASN D 66 -47.53 11.54 21.98
N PRO D 67 -46.59 10.61 22.16
CA PRO D 67 -45.88 10.06 21.00
C PRO D 67 -46.78 9.31 20.03
N ASP D 68 -47.89 8.75 20.49
CA ASP D 68 -48.71 7.91 19.63
C ASP D 68 -49.46 8.73 18.59
N THR D 69 -49.91 9.93 18.96
CA THR D 69 -50.70 10.77 18.09
C THR D 69 -49.89 11.92 17.51
N ALA D 70 -48.61 11.70 17.22
CA ALA D 70 -47.75 12.72 16.66
C ALA D 70 -47.36 12.34 15.25
N GLY D 71 -47.59 13.25 14.30
CA GLY D 71 -47.22 12.99 12.93
C GLY D 71 -45.73 12.82 12.75
N TYR D 72 -44.94 13.60 13.48
CA TYR D 72 -43.49 13.55 13.40
C TYR D 72 -42.90 13.27 14.77
N TRP D 73 -41.79 12.54 14.78
CA TRP D 73 -40.95 12.39 15.95
C TRP D 73 -39.59 12.99 15.64
N ILE D 74 -39.10 13.81 16.55
CA ILE D 74 -37.71 14.26 16.49
C ILE D 74 -37.02 13.62 17.69
N GLN D 75 -36.25 12.59 17.41
CA GLN D 75 -35.47 11.89 18.42
C GLN D 75 -34.03 12.30 18.23
N ALA D 76 -33.47 13.00 19.21
CA ALA D 76 -32.10 13.47 19.12
C ALA D 76 -31.32 13.02 20.34
N ASN D 77 -30.05 12.71 20.14
CA ASN D 77 -29.17 12.32 21.22
C ASN D 77 -27.86 13.05 21.03
N VAL D 78 -27.49 13.88 22.00
CA VAL D 78 -26.17 14.51 21.97
C VAL D 78 -25.18 13.45 22.42
N LEU D 79 -24.68 12.68 21.47
CA LEU D 79 -23.99 11.45 21.80
C LEU D 79 -22.62 11.70 22.41
N LYS D 80 -21.83 12.58 21.81
CA LYS D 80 -20.43 12.69 22.18
C LYS D 80 -20.00 14.14 22.24
N ALA D 81 -18.94 14.38 23.01
CA ALA D 81 -18.30 15.68 23.05
C ALA D 81 -16.84 15.50 23.44
N ASP D 82 -15.96 16.05 22.63
CA ASP D 82 -14.52 15.98 22.85
C ASP D 82 -13.94 17.39 22.84
N LYS D 83 -12.86 17.57 23.58
CA LYS D 83 -12.16 18.84 23.61
C LYS D 83 -10.70 18.60 23.25
N MET D 84 -10.19 19.36 22.29
CA MET D 84 -8.79 19.20 21.90
C MET D 84 -8.15 20.57 21.75
N ASP D 85 -6.83 20.57 21.80
CA ASP D 85 -6.03 21.75 21.49
C ASP D 85 -5.44 21.59 20.10
N LEU D 86 -5.74 22.55 19.22
CA LEU D 86 -5.26 22.46 17.84
C LEU D 86 -3.79 22.81 17.73
N ARG D 87 -3.26 23.63 18.63
CA ARG D 87 -1.84 23.96 18.61
C ARG D 87 -0.99 22.71 18.70
N GLU D 88 -1.47 21.70 19.43
CA GLU D 88 -0.71 20.47 19.59
C GLU D 88 -0.56 19.70 18.29
N SER D 89 -1.30 20.09 17.25
CA SER D 89 -1.08 19.50 15.93
C SER D 89 0.26 19.93 15.35
N GLN D 90 0.90 20.95 15.91
CA GLN D 90 2.21 21.41 15.46
C GLN D 90 3.35 20.74 16.21
N GLY D 91 3.05 19.78 17.09
CA GLY D 91 4.09 19.13 17.85
C GLY D 91 4.81 20.08 18.79
N TRP D 92 6.10 20.28 18.57
CA TRP D 92 6.89 21.21 19.37
C TRP D 92 6.55 22.64 18.95
N LEU D 93 7.23 23.62 19.53
CA LEU D 93 6.87 25.04 19.41
C LEU D 93 5.48 25.32 19.97
N SER D 94 4.96 24.39 20.76
CA SER D 94 3.65 24.55 21.38
C SER D 94 3.64 24.18 22.86
N ARG D 95 4.78 23.76 23.42
CA ARG D 95 4.89 23.43 24.83
C ARG D 95 5.55 24.53 25.63
N GLY D 96 5.79 25.68 25.01
CA GLY D 96 6.41 26.82 25.67
C GLY D 96 7.87 27.03 25.36
N TYR D 97 8.46 26.25 24.44
CA TYR D 97 9.85 26.43 24.07
C TYR D 97 10.09 27.84 23.56
N GLU D 98 9.44 28.21 22.46
CA GLU D 98 9.61 29.54 21.89
C GLU D 98 9.12 30.62 22.84
N GLY D 99 8.10 30.32 23.65
CA GLY D 99 7.69 31.26 24.68
C GLY D 99 8.72 31.44 25.77
N ALA D 100 9.52 30.40 26.03
CA ALA D 100 10.61 30.54 26.98
C ALA D 100 11.76 31.34 26.39
N VAL D 101 12.08 31.10 25.12
CA VAL D 101 13.15 31.83 24.46
C VAL D 101 12.82 33.31 24.38
N THR D 102 11.58 33.63 24.00
CA THR D 102 11.10 35.00 24.01
C THR D 102 10.77 35.33 25.46
N GLY D 103 11.75 35.88 26.15
CA GLY D 103 11.67 36.13 27.58
C GLY D 103 12.99 35.78 28.23
N ALA D 104 13.61 34.69 27.78
CA ALA D 104 15.02 34.52 28.08
C ALA D 104 15.83 35.61 27.39
N ALA D 105 15.49 35.92 26.13
CA ALA D 105 16.09 37.07 25.47
C ALA D 105 15.72 38.38 26.16
N LEU D 106 14.46 38.52 26.57
CA LEU D 106 14.03 39.75 27.23
C LEU D 106 14.67 39.93 28.60
N GLY D 107 15.19 38.86 29.18
CA GLY D 107 15.95 39.00 30.42
C GLY D 107 17.26 39.72 30.23
N ALA D 108 17.79 39.73 28.99
CA ALA D 108 18.95 40.55 28.69
C ALA D 108 18.61 42.03 28.67
N GLY D 109 17.33 42.38 28.71
CA GLY D 109 16.90 43.77 28.83
C GLY D 109 17.19 44.39 30.18
N ILE D 110 17.93 43.68 31.05
CA ILE D 110 18.39 44.26 32.31
C ILE D 110 19.89 44.56 32.29
N THR D 111 20.66 43.91 31.40
CA THR D 111 22.09 44.18 31.31
C THR D 111 22.34 45.61 30.85
N ALA D 112 21.63 46.04 29.82
CA ALA D 112 21.77 47.41 29.32
C ALA D 112 21.02 48.42 30.17
N TYR D 113 20.59 48.05 31.38
CA TYR D 113 19.82 48.94 32.24
C TYR D 113 20.47 48.92 33.62
N ASN D 114 19.77 49.50 34.60
CA ASN D 114 20.27 49.88 35.93
C ASN D 114 21.25 48.83 36.46
N SER D 115 20.84 47.59 36.65
CA SER D 115 21.73 46.59 37.24
C SER D 115 22.16 45.56 36.21
N SER D 116 23.47 45.47 36.00
CA SER D 116 24.07 44.50 35.09
C SER D 116 24.87 43.45 35.83
N SER D 117 24.56 43.24 37.11
CA SER D 117 25.24 42.22 37.89
C SER D 117 24.96 40.84 37.30
N ALA D 118 26.02 40.04 37.15
CA ALA D 118 25.91 38.75 36.48
C ALA D 118 24.89 37.85 37.17
N GLY D 119 24.95 37.76 38.50
CA GLY D 119 23.94 37.02 39.22
C GLY D 119 22.55 37.61 39.04
N ALA D 120 22.44 38.93 39.13
CA ALA D 120 21.14 39.57 38.99
C ALA D 120 20.58 39.39 37.59
N THR D 121 21.41 39.58 36.56
CA THR D 121 20.90 39.41 35.20
C THR D 121 20.54 37.95 34.93
N LEU D 122 21.33 37.01 35.45
CA LEU D 122 20.99 35.61 35.26
C LEU D 122 19.66 35.28 35.93
N GLY D 123 19.46 35.76 37.16
CA GLY D 123 18.22 35.48 37.85
C GLY D 123 17.01 36.10 37.17
N VAL D 124 17.13 37.35 36.73
CA VAL D 124 16.01 38.01 36.09
C VAL D 124 15.72 37.36 34.73
N GLY D 125 16.77 36.99 33.99
CA GLY D 125 16.56 36.30 32.73
C GLY D 125 15.89 34.96 32.92
N LEU D 126 16.30 34.21 33.94
CA LEU D 126 15.66 32.93 34.21
C LEU D 126 14.20 33.09 34.60
N ALA D 127 13.91 34.06 35.46
CA ALA D 127 12.52 34.30 35.85
C ALA D 127 11.68 34.73 34.66
N ALA D 128 12.23 35.59 33.80
CA ALA D 128 11.50 36.04 32.62
C ALA D 128 11.27 34.89 31.64
N GLY D 129 12.27 34.02 31.46
CA GLY D 129 12.07 32.88 30.61
C GLY D 129 11.02 31.92 31.15
N LEU D 130 11.02 31.72 32.47
CA LEU D 130 9.99 30.88 33.08
C LEU D 130 8.60 31.48 32.89
N VAL D 131 8.47 32.80 33.07
CA VAL D 131 7.18 33.45 32.92
C VAL D 131 6.74 33.39 31.45
N GLY D 132 7.68 33.54 30.53
CA GLY D 132 7.33 33.44 29.11
C GLY D 132 6.87 32.05 28.73
N MET D 133 7.56 31.03 29.24
CA MET D 133 7.15 29.65 28.99
C MET D 133 5.78 29.38 29.58
N ALA D 134 5.53 29.89 30.80
CA ALA D 134 4.22 29.70 31.41
C ALA D 134 3.12 30.37 30.61
N ALA D 135 3.36 31.61 30.17
CA ALA D 135 2.35 32.33 29.40
C ALA D 135 2.10 31.66 28.06
N ASP D 136 3.15 31.18 27.39
CA ASP D 136 2.97 30.48 26.13
C ASP D 136 2.20 29.20 26.32
N ALA D 137 2.54 28.42 27.36
CA ALA D 137 1.85 27.16 27.60
C ALA D 137 0.45 27.36 28.12
N MET D 138 0.14 28.52 28.69
CA MET D 138 -1.20 28.79 29.18
C MET D 138 -2.15 29.28 28.09
N VAL D 139 -1.68 29.41 26.86
CA VAL D 139 -2.53 29.81 25.74
C VAL D 139 -3.08 28.53 25.13
N GLU D 140 -4.37 28.28 25.38
CA GLU D 140 -5.04 27.07 24.96
C GLU D 140 -5.90 27.42 23.76
N ASP D 141 -5.65 26.78 22.63
CA ASP D 141 -6.47 27.01 21.44
C ASP D 141 -7.43 25.84 21.35
N VAL D 142 -8.57 25.98 22.00
CA VAL D 142 -9.43 24.84 22.27
C VAL D 142 -10.52 24.75 21.21
N ASN D 143 -10.83 23.51 20.85
CA ASN D 143 -11.86 23.16 19.90
C ASN D 143 -12.71 22.07 20.52
N TYR D 144 -14.00 22.35 20.70
CA TYR D 144 -14.97 21.38 21.19
C TYR D 144 -15.71 20.79 20.00
N THR D 145 -15.65 19.48 19.87
CA THR D 145 -16.36 18.76 18.81
C THR D 145 -17.48 17.97 19.45
N MET D 146 -18.70 18.21 19.00
CA MET D 146 -19.89 17.57 19.54
C MET D 146 -20.56 16.77 18.45
N ILE D 147 -20.99 15.56 18.79
CA ILE D 147 -21.65 14.66 17.84
C ILE D 147 -23.05 14.39 18.36
N THR D 148 -24.05 14.71 17.53
CA THR D 148 -25.45 14.51 17.85
C THR D 148 -26.05 13.55 16.83
N ASP D 149 -26.82 12.59 17.33
CA ASP D 149 -27.55 11.67 16.46
C ASP D 149 -29.01 12.08 16.42
N VAL D 150 -29.58 12.15 15.22
CA VAL D 150 -30.96 12.56 15.03
C VAL D 150 -31.70 11.41 14.36
N GLN D 151 -32.91 11.14 14.82
CA GLN D 151 -33.76 10.12 14.23
C GLN D 151 -35.17 10.69 14.08
N ILE D 152 -35.57 10.95 12.84
CA ILE D 152 -36.87 11.51 12.54
C ILE D 152 -37.81 10.36 12.20
N ALA D 153 -38.95 10.31 12.87
CA ALA D 153 -39.98 9.33 12.58
C ALA D 153 -41.19 10.04 12.02
N GLU D 154 -41.61 9.66 10.83
CA GLU D 154 -42.75 10.24 10.15
C GLU D 154 -43.84 9.19 10.02
N ARG D 155 -45.05 9.54 10.45
CA ARG D 155 -46.16 8.60 10.43
C ARG D 155 -46.78 8.57 9.05
N THR D 156 -46.93 7.36 8.51
CA THR D 156 -47.44 7.16 7.16
C THR D 156 -48.67 6.26 7.20
N LYS D 157 -49.24 6.01 6.03
CA LYS D 157 -50.30 5.03 5.87
C LYS D 157 -49.76 3.69 5.37
N THR D 158 -48.50 3.63 5.00
CA THR D 158 -47.87 2.42 4.51
C THR D 158 -47.47 1.54 5.69
N GLN D 159 -47.76 0.25 5.59
CA GLN D 159 -47.29 -0.69 6.61
C GLN D 159 -45.79 -0.81 6.53
N VAL D 160 -45.11 -0.56 7.64
CA VAL D 160 -43.66 -0.62 7.71
C VAL D 160 -43.28 -1.78 8.62
N GLN D 161 -42.43 -2.66 8.11
CA GLN D 161 -41.97 -3.81 8.88
C GLN D 161 -40.56 -3.54 9.39
N THR D 162 -40.39 -3.60 10.70
CA THR D 162 -39.11 -3.40 11.35
C THR D 162 -38.54 -4.75 11.75
N ASP D 163 -37.35 -5.06 11.26
CA ASP D 163 -36.66 -6.31 11.57
C ASP D 163 -35.47 -5.99 12.45
N ASN D 164 -35.67 -6.10 13.76
CA ASN D 164 -34.57 -5.88 14.69
C ASN D 164 -33.58 -7.03 14.58
N VAL D 165 -32.32 -6.68 14.34
CA VAL D 165 -31.23 -7.65 14.19
C VAL D 165 -30.06 -7.13 15.01
N ALA D 166 -29.87 -7.68 16.20
CA ALA D 166 -28.79 -7.28 17.09
C ALA D 166 -27.77 -8.38 17.20
N VAL D 167 -26.51 -8.05 16.94
CA VAL D 167 -25.42 -9.01 17.07
C VAL D 167 -24.62 -8.67 18.31
N LEU D 168 -25.01 -9.22 19.46
CA LEU D 168 -24.38 -8.89 20.73
C LEU D 168 -23.09 -9.68 20.86
N ARG D 169 -21.97 -8.97 20.99
CA ARG D 169 -20.69 -9.63 21.19
C ARG D 169 -20.66 -10.33 22.55
N GLN D 170 -20.05 -11.52 22.57
CA GLN D 170 -19.98 -12.34 23.78
C GLN D 170 -18.55 -12.87 23.88
N GLY D 171 -17.70 -12.11 24.57
CA GLY D 171 -16.38 -12.57 24.97
C GLY D 171 -15.48 -13.10 23.89
N THR D 172 -15.08 -12.26 22.94
CA THR D 172 -13.97 -12.54 22.04
C THR D 172 -14.17 -13.81 21.23
N SER D 173 -15.27 -14.51 21.41
CA SER D 173 -15.49 -15.78 20.74
C SER D 173 -16.85 -15.87 20.09
N GLY D 174 -17.90 -15.36 20.72
CA GLY D 174 -19.25 -15.64 20.28
C GLY D 174 -20.05 -14.37 20.05
N THR D 175 -21.25 -14.58 19.51
CA THR D 175 -22.25 -13.55 19.39
C THR D 175 -23.60 -14.17 19.69
N LYS D 176 -24.44 -13.42 20.38
CA LYS D 176 -25.85 -13.76 20.50
C LYS D 176 -26.62 -12.89 19.50
N VAL D 177 -27.30 -13.54 18.57
CA VAL D 177 -28.02 -12.84 17.52
C VAL D 177 -29.48 -12.79 17.91
N GLN D 178 -29.99 -11.60 18.17
CA GLN D 178 -31.38 -11.41 18.52
C GLN D 178 -32.10 -10.87 17.30
N THR D 179 -33.18 -11.55 16.90
CA THR D 179 -33.95 -11.13 15.74
C THR D 179 -35.42 -11.05 16.15
N SER D 180 -36.08 -9.99 15.71
CA SER D 180 -37.52 -9.87 15.95
C SER D 180 -38.13 -9.05 14.82
N THR D 181 -39.45 -9.17 14.67
CA THR D 181 -40.17 -8.48 13.62
C THR D 181 -41.38 -7.77 14.22
N GLU D 182 -41.53 -6.50 13.87
CA GLU D 182 -42.68 -5.70 14.29
C GLU D 182 -43.26 -5.02 13.07
N THR D 183 -44.51 -4.59 13.19
CA THR D 183 -45.19 -3.89 12.12
C THR D 183 -45.82 -2.62 12.67
N GLY D 184 -45.58 -1.50 11.99
CA GLY D 184 -46.13 -0.23 12.42
C GLY D 184 -46.10 0.76 11.29
N ASN D 185 -46.85 1.84 11.47
CA ASN D 185 -46.95 2.88 10.45
CA ASN D 185 -46.94 2.88 10.45
C ASN D 185 -46.07 4.08 10.84
N GLN D 186 -44.76 3.88 10.67
CA GLN D 186 -43.83 4.96 10.99
C GLN D 186 -42.52 4.68 10.28
N HIS D 187 -42.12 5.59 9.39
CA HIS D 187 -40.82 5.51 8.75
C HIS D 187 -39.81 6.25 9.61
N LYS D 188 -38.70 5.60 9.93
CA LYS D 188 -37.67 6.20 10.75
C LYS D 188 -36.42 6.40 9.90
N TYR D 189 -35.93 7.63 9.87
CA TYR D 189 -34.71 7.99 9.17
C TYR D 189 -33.73 8.55 10.17
N GLN D 190 -32.45 8.36 9.92
CA GLN D 190 -31.42 8.83 10.83
C GLN D 190 -30.58 9.91 10.15
N THR D 191 -29.73 10.54 10.94
CA THR D 191 -28.75 11.50 10.45
C THR D 191 -27.86 11.89 11.62
N ARG D 192 -26.79 12.60 11.32
CA ARG D 192 -25.82 12.99 12.32
C ARG D 192 -25.47 14.46 12.11
N VAL D 193 -25.32 15.18 13.21
CA VAL D 193 -24.93 16.58 13.20
C VAL D 193 -23.62 16.72 13.96
N VAL D 194 -22.64 17.37 13.34
CA VAL D 194 -21.35 17.60 13.95
C VAL D 194 -21.21 19.09 14.23
N SER D 195 -20.99 19.44 15.49
CA SER D 195 -20.82 20.82 15.91
C SER D 195 -19.39 21.03 16.35
N ASN D 196 -18.88 22.24 16.10
CA ASN D 196 -17.54 22.63 16.51
C ASN D 196 -17.62 24.02 17.13
N ALA D 197 -16.93 24.20 18.24
CA ALA D 197 -16.80 25.49 18.89
C ALA D 197 -15.32 25.74 19.11
N ASN D 198 -14.78 26.77 18.47
CA ASN D 198 -13.35 27.03 18.50
C ASN D 198 -13.10 28.41 19.08
N LYS D 199 -12.11 28.50 19.96
CA LYS D 199 -11.67 29.79 20.49
C LYS D 199 -10.40 29.57 21.29
N VAL D 200 -9.72 30.67 21.60
CA VAL D 200 -8.54 30.61 22.46
C VAL D 200 -8.99 30.62 23.91
N ASN D 201 -8.50 29.65 24.69
CA ASN D 201 -8.88 29.50 26.09
C ASN D 201 -10.39 29.47 26.26
N LEU D 202 -11.05 28.74 25.37
CA LEU D 202 -12.51 28.68 25.40
C LEU D 202 -12.98 27.76 26.52
N LYS D 203 -13.94 28.25 27.30
CA LYS D 203 -14.62 27.44 28.30
C LYS D 203 -15.98 27.07 27.74
N PHE D 204 -16.36 25.80 27.89
CA PHE D 204 -17.58 25.33 27.26
C PHE D 204 -18.83 26.13 27.63
N PRO D 205 -19.06 26.51 28.89
CA PRO D 205 -20.31 27.24 29.20
C PRO D 205 -20.49 28.50 28.39
N GLU D 206 -19.42 29.07 27.84
CA GLU D 206 -19.58 30.21 26.95
C GLU D 206 -20.08 29.78 25.58
N ALA D 207 -19.60 28.65 25.06
CA ALA D 207 -19.99 28.17 23.75
C ALA D 207 -21.31 27.42 23.76
N GLN D 208 -21.81 27.02 24.94
CA GLN D 208 -23.01 26.19 24.98
C GLN D 208 -24.24 26.89 24.42
N PRO D 209 -24.55 28.16 24.75
CA PRO D 209 -25.79 28.74 24.20
C PRO D 209 -25.83 28.77 22.69
N VAL D 210 -24.77 29.24 22.04
CA VAL D 210 -24.76 29.31 20.58
C VAL D 210 -24.74 27.92 19.97
N LEU D 211 -24.04 26.98 20.61
CA LEU D 211 -24.02 25.60 20.14
C LEU D 211 -25.43 25.03 20.13
N GLU D 212 -26.17 25.22 21.23
CA GLU D 212 -27.56 24.75 21.29
C GLU D 212 -28.42 25.46 20.25
N ASP D 213 -28.23 26.77 20.10
CA ASP D 213 -29.04 27.51 19.14
C ASP D 213 -28.88 26.97 17.72
N GLN D 214 -27.63 26.80 17.30
CA GLN D 214 -27.37 26.31 15.95
C GLN D 214 -27.86 24.89 15.77
N LEU D 215 -27.62 24.02 16.77
CA LEU D 215 -28.06 22.64 16.65
C LEU D 215 -29.58 22.55 16.58
N ALA D 216 -30.28 23.33 17.41
CA ALA D 216 -31.73 23.34 17.38
C ALA D 216 -32.24 23.85 16.05
N LYS D 217 -31.65 24.91 15.53
CA LYS D 217 -32.09 25.43 14.24
C LYS D 217 -31.92 24.40 13.14
N SER D 218 -30.78 23.70 13.12
CA SER D 218 -30.56 22.69 12.10
C SER D 218 -31.58 21.55 12.21
N ILE D 219 -31.75 21.01 13.42
CA ILE D 219 -32.64 19.88 13.60
C ILE D 219 -34.08 20.27 13.27
N ALA D 220 -34.49 21.47 13.65
CA ALA D 220 -35.84 21.91 13.30
C ALA D 220 -35.98 22.16 11.80
N ASN D 221 -34.93 22.68 11.17
CA ASN D 221 -34.98 22.92 9.74
C ASN D 221 -35.03 21.63 8.93
N ILE D 222 -34.68 20.51 9.55
CA ILE D 222 -34.96 19.22 8.90
C ILE D 222 -36.42 19.17 8.46
N LEU D 223 -37.33 19.65 9.30
CA LEU D 223 -38.75 19.63 8.97
C LEU D 223 -39.09 20.66 7.91
N GLY D 224 -38.28 21.70 7.77
CA GLY D 224 -38.56 22.74 6.80
C GLY D 224 -39.68 23.66 7.23
N SER D 225 -39.74 24.86 6.65
CA SER D 225 -40.72 25.85 7.08
C SER D 225 -42.11 25.50 6.60
N GLY D 226 -42.70 24.45 7.17
CA GLY D 226 -44.03 24.01 6.79
C GLY D 226 -45.11 24.93 7.33
N CYS E 1 11.52 24.32 29.38
CA CYS E 1 11.54 22.95 29.91
C CYS E 1 10.30 22.19 29.48
N SER E 2 10.49 21.02 28.88
CA SER E 2 9.36 20.18 28.48
C SER E 2 8.58 19.70 29.69
N ALA E 3 9.29 19.34 30.76
CA ALA E 3 8.65 18.91 31.99
C ALA E 3 7.82 20.04 32.59
N MET E 4 8.38 21.25 32.62
CA MET E 4 7.63 22.39 33.12
C MET E 4 6.44 22.70 32.23
N GLY E 5 6.61 22.59 30.91
CA GLY E 5 5.49 22.80 30.01
C GLY E 5 4.37 21.82 30.25
N THR E 6 4.71 20.55 30.48
CA THR E 6 3.70 19.55 30.80
C THR E 6 3.03 19.85 32.14
N ALA E 7 3.83 20.20 33.15
CA ALA E 7 3.26 20.46 34.47
C ALA E 7 2.35 21.67 34.45
N ILE E 8 2.59 22.61 33.55
CA ILE E 8 1.73 23.79 33.45
C ILE E 8 0.49 23.47 32.63
N LYS E 9 0.68 22.81 31.48
CA LYS E 9 -0.44 22.48 30.60
C LYS E 9 -1.49 21.65 31.33
N LYS E 10 -1.11 20.47 31.77
CA LYS E 10 -2.03 19.53 32.41
C LYS E 10 -1.91 19.61 33.94
N ARG E 11 -2.21 20.79 34.47
CA ARG E 11 -2.04 21.01 35.90
C ARG E 11 -3.27 20.63 36.71
N ASN E 12 -4.44 20.54 36.08
CA ASN E 12 -5.65 20.17 36.77
C ASN E 12 -6.30 18.98 36.06
N LEU E 13 -7.01 18.17 36.85
CA LEU E 13 -7.56 16.92 36.35
C LEU E 13 -8.56 17.18 35.23
N GLU E 14 -8.41 16.44 34.14
CA GLU E 14 -9.30 16.57 32.99
C GLU E 14 -9.91 15.21 32.68
N VAL E 15 -11.24 15.11 32.81
CA VAL E 15 -11.95 13.85 32.65
C VAL E 15 -12.90 13.97 31.46
N LYS E 16 -12.79 13.00 30.55
CA LYS E 16 -13.64 12.91 29.38
C LYS E 16 -14.38 11.57 29.40
N THR E 17 -15.61 11.58 28.89
CA THR E 17 -16.44 10.38 28.87
C THR E 17 -17.26 10.39 27.59
N GLN E 18 -16.98 9.45 26.69
CA GLN E 18 -17.60 9.45 25.37
C GLN E 18 -18.27 8.11 25.12
N MET E 19 -19.59 8.14 24.93
CA MET E 19 -20.31 6.95 24.50
C MET E 19 -20.01 6.67 23.04
N SER E 20 -19.95 5.38 22.69
CA SER E 20 -19.57 5.01 21.33
C SER E 20 -20.68 5.32 20.34
N GLU E 21 -21.86 4.74 20.53
CA GLU E 21 -22.98 4.96 19.64
C GLU E 21 -24.25 5.10 20.46
N THR E 22 -25.31 5.56 19.80
CA THR E 22 -26.57 5.85 20.46
C THR E 22 -27.46 4.61 20.47
N ILE E 23 -28.09 4.38 21.62
CA ILE E 23 -29.09 3.34 21.76
C ILE E 23 -30.45 4.02 21.79
N TRP E 24 -31.26 3.79 20.76
CA TRP E 24 -32.56 4.42 20.65
C TRP E 24 -33.60 3.59 21.38
N LEU E 25 -34.32 4.23 22.28
CA LEU E 25 -35.39 3.58 23.04
C LEU E 25 -36.71 4.25 22.72
N GLU E 26 -37.73 3.45 22.46
CA GLU E 26 -39.04 3.99 22.20
C GLU E 26 -39.59 4.64 23.47
N PRO E 27 -40.43 5.67 23.34
CA PRO E 27 -41.12 6.22 24.51
C PRO E 27 -41.93 5.13 25.19
N SER E 28 -41.79 5.04 26.51
CA SER E 28 -42.38 3.95 27.25
C SER E 28 -42.82 4.44 28.62
N ASN E 29 -43.73 3.67 29.23
CA ASN E 29 -44.21 3.94 30.57
C ASN E 29 -43.51 3.10 31.63
N ASN E 30 -42.51 2.31 31.25
CA ASN E 30 -41.77 1.53 32.22
C ASN E 30 -41.03 2.43 33.18
N LYS E 31 -41.04 2.06 34.45
CA LYS E 31 -40.35 2.83 35.47
C LYS E 31 -39.35 1.99 36.27
N THR E 32 -39.32 0.68 36.08
CA THR E 32 -38.47 -0.21 36.85
C THR E 32 -37.19 -0.49 36.08
N VAL E 33 -36.06 -0.42 36.78
CA VAL E 33 -34.75 -0.66 36.20
C VAL E 33 -34.00 -1.63 37.10
N TYR E 34 -33.34 -2.62 36.50
CA TYR E 34 -32.49 -3.56 37.22
C TYR E 34 -31.05 -3.33 36.80
N LEU E 35 -30.18 -3.13 37.77
CA LEU E 35 -28.79 -2.81 37.52
C LEU E 35 -27.90 -4.01 37.78
N GLN E 36 -27.00 -4.30 36.85
CA GLN E 36 -25.99 -5.35 37.02
C GLN E 36 -24.66 -4.76 36.57
N ILE E 37 -23.85 -4.30 37.53
CA ILE E 37 -22.61 -3.61 37.25
C ILE E 37 -21.45 -4.48 37.73
N LYS E 38 -20.52 -4.77 36.83
CA LYS E 38 -19.36 -5.58 37.14
C LYS E 38 -18.09 -4.81 36.77
N ASN E 39 -16.96 -5.28 37.29
CA ASN E 39 -15.69 -4.59 37.11
C ASN E 39 -14.60 -5.64 36.97
N THR E 40 -14.20 -5.94 35.74
CA THR E 40 -13.10 -6.84 35.47
C THR E 40 -11.81 -6.11 35.17
N SER E 41 -11.63 -4.92 35.73
CA SER E 41 -10.44 -4.12 35.54
C SER E 41 -9.62 -4.08 36.83
N ASP E 42 -8.34 -3.72 36.69
CA ASP E 42 -7.47 -3.64 37.85
C ASP E 42 -7.80 -2.43 38.72
N LYS E 43 -8.44 -1.40 38.15
CA LYS E 43 -8.81 -0.24 38.93
C LYS E 43 -10.06 -0.54 39.74
N ASP E 44 -10.41 0.39 40.63
CA ASP E 44 -11.52 0.22 41.55
C ASP E 44 -12.59 1.26 41.23
N MET E 45 -13.79 0.79 40.89
CA MET E 45 -14.99 1.63 40.86
C MET E 45 -16.06 0.89 41.64
N SER E 46 -16.05 1.07 42.96
CA SER E 46 -17.04 0.43 43.80
C SER E 46 -18.30 1.27 43.93
N GLY E 47 -18.18 2.59 43.82
CA GLY E 47 -19.32 3.47 43.92
C GLY E 47 -20.07 3.69 42.64
N LEU E 48 -19.68 3.02 41.56
CA LEU E 48 -20.36 3.24 40.28
C LEU E 48 -21.78 2.72 40.31
N GLN E 49 -22.01 1.58 40.97
CA GLN E 49 -23.36 1.02 41.04
C GLN E 49 -24.31 1.98 41.74
N ALA E 50 -23.90 2.51 42.89
CA ALA E 50 -24.75 3.41 43.64
C ALA E 50 -24.97 4.72 42.89
N LYS E 51 -23.94 5.20 42.19
CA LYS E 51 -24.10 6.44 41.44
C LYS E 51 -25.05 6.26 40.27
N ILE E 52 -24.96 5.12 39.57
CA ILE E 52 -25.92 4.84 38.51
C ILE E 52 -27.32 4.74 39.07
N ALA E 53 -27.48 4.07 40.21
CA ALA E 53 -28.81 3.98 40.82
C ALA E 53 -29.36 5.35 41.17
N SER E 54 -28.52 6.21 41.75
CA SER E 54 -28.98 7.54 42.12
C SER E 54 -29.35 8.37 40.90
N ALA E 55 -28.52 8.32 39.85
CA ALA E 55 -28.83 9.07 38.64
C ALA E 55 -30.11 8.58 37.98
N VAL E 56 -30.31 7.26 37.96
CA VAL E 56 -31.53 6.71 37.37
C VAL E 56 -32.75 7.11 38.19
N THR E 57 -32.65 7.05 39.53
CA THR E 57 -33.77 7.45 40.37
C THR E 57 -34.07 8.94 40.22
N SER E 58 -33.06 9.75 39.93
CA SER E 58 -33.29 11.18 39.71
C SER E 58 -34.19 11.44 38.51
N LYS E 59 -34.25 10.52 37.56
CA LYS E 59 -35.05 10.69 36.36
C LYS E 59 -36.46 10.17 36.50
N GLY E 60 -36.86 9.70 37.67
CA GLY E 60 -38.17 9.17 37.89
C GLY E 60 -38.28 7.67 37.83
N TYR E 61 -37.25 6.98 37.34
CA TYR E 61 -37.26 5.53 37.34
C TYR E 61 -37.09 4.99 38.75
N GLN E 62 -37.39 3.71 38.89
CA GLN E 62 -37.30 3.03 40.18
C GLN E 62 -36.41 1.81 40.01
N VAL E 63 -35.37 1.72 40.83
CA VAL E 63 -34.42 0.62 40.75
C VAL E 63 -34.96 -0.55 41.55
N VAL E 64 -35.04 -1.72 40.91
CA VAL E 64 -35.58 -2.91 41.53
C VAL E 64 -34.51 -3.98 41.57
N SER E 65 -34.69 -4.94 42.47
CA SER E 65 -33.75 -6.03 42.66
C SER E 65 -34.20 -7.32 41.99
N ASN E 66 -35.34 -7.32 41.31
CA ASN E 66 -35.85 -8.51 40.66
C ASN E 66 -35.67 -8.38 39.15
N PRO E 67 -34.73 -9.11 38.55
CA PRO E 67 -34.52 -8.95 37.10
C PRO E 67 -35.71 -9.34 36.26
N ASP E 68 -36.56 -10.25 36.74
CA ASP E 68 -37.64 -10.77 35.90
C ASP E 68 -38.73 -9.74 35.70
N THR E 69 -39.02 -8.92 36.71
CA THR E 69 -40.09 -7.93 36.66
C THR E 69 -39.56 -6.52 36.48
N ALA E 70 -38.49 -6.35 35.72
CA ALA E 70 -37.89 -5.05 35.47
C ALA E 70 -38.08 -4.70 34.00
N GLY E 71 -38.66 -3.52 33.75
CA GLY E 71 -38.84 -3.09 32.37
C GLY E 71 -37.52 -2.87 31.65
N TYR E 72 -36.53 -2.36 32.35
CA TYR E 72 -35.22 -2.09 31.78
C TYR E 72 -34.15 -2.83 32.57
N TRP E 73 -33.11 -3.27 31.86
CA TRP E 73 -31.89 -3.75 32.47
C TRP E 73 -30.76 -2.83 32.06
N ILE E 74 -29.97 -2.40 33.02
CA ILE E 74 -28.72 -1.73 32.72
C ILE E 74 -27.61 -2.68 33.16
N GLN E 75 -27.00 -3.33 32.19
CA GLN E 75 -25.89 -4.25 32.42
C GLN E 75 -24.63 -3.53 31.98
N ALA E 76 -23.74 -3.24 32.92
CA ALA E 76 -22.51 -2.53 32.63
C ALA E 76 -21.34 -3.31 33.16
N ASN E 77 -20.22 -3.27 32.42
CA ASN E 77 -19.00 -3.93 32.82
C ASN E 77 -17.86 -2.96 32.58
N VAL E 78 -17.15 -2.58 33.64
CA VAL E 78 -15.97 -1.76 33.48
C VAL E 78 -14.87 -2.70 33.02
N LEU E 79 -14.76 -2.88 31.71
CA LEU E 79 -13.98 -3.98 31.17
C LEU E 79 -12.48 -3.75 31.34
N LYS E 80 -11.98 -2.58 30.98
CA LYS E 80 -10.55 -2.40 30.88
C LYS E 80 -10.14 -1.06 31.48
N ALA E 81 -8.87 -0.99 31.87
CA ALA E 81 -8.27 0.26 32.31
C ALA E 81 -6.78 0.20 32.05
N ASP E 82 -6.26 1.21 31.36
CA ASP E 82 -4.85 1.31 31.03
C ASP E 82 -4.33 2.66 31.52
N LYS E 83 -3.05 2.69 31.84
CA LYS E 83 -2.38 3.92 32.24
C LYS E 83 -1.17 4.13 31.35
N MET E 84 -1.05 5.32 30.78
CA MET E 84 0.10 5.61 29.94
C MET E 84 0.61 7.01 30.24
N ASP E 85 1.86 7.25 29.88
CA ASP E 85 2.44 8.58 29.91
C ASP E 85 2.48 9.15 28.50
N LEU E 86 1.86 10.30 28.32
CA LEU E 86 1.77 10.90 27.00
C LEU E 86 3.09 11.52 26.56
N ARG E 87 3.93 11.93 27.51
CA ARG E 87 5.23 12.51 27.16
C ARG E 87 6.08 11.55 26.36
N GLU E 88 5.94 10.25 26.60
CA GLU E 88 6.73 9.27 25.86
C GLU E 88 6.34 9.22 24.40
N SER E 89 5.23 9.85 24.01
CA SER E 89 4.91 9.98 22.60
C SER E 89 5.90 10.88 21.88
N GLN E 90 6.70 11.66 22.62
CA GLN E 90 7.73 12.51 22.05
C GLN E 90 9.08 11.81 21.95
N GLY E 91 9.15 10.52 22.27
CA GLY E 91 10.41 9.81 22.23
C GLY E 91 11.41 10.36 23.23
N TRP E 92 12.55 10.85 22.73
CA TRP E 92 13.57 11.44 23.58
C TRP E 92 13.09 12.83 24.03
N LEU E 93 13.94 13.55 24.76
CA LEU E 93 13.57 14.78 25.46
C LEU E 93 12.48 14.52 26.52
N SER E 94 12.31 13.26 26.90
CA SER E 94 11.34 12.89 27.91
C SER E 94 11.89 11.90 28.93
N ARG E 95 13.16 11.50 28.80
CA ARG E 95 13.79 10.60 29.75
C ARG E 95 14.71 11.34 30.73
N GLY E 96 14.71 12.67 30.68
CA GLY E 96 15.53 13.47 31.57
C GLY E 96 16.74 14.09 30.92
N TYR E 97 16.93 13.92 29.61
CA TYR E 97 18.09 14.50 28.95
C TYR E 97 18.11 16.02 29.12
N GLU E 98 17.09 16.70 28.61
CA GLU E 98 17.02 18.14 28.72
C GLU E 98 16.92 18.59 30.17
N GLY E 99 16.31 17.79 31.03
CA GLY E 99 16.30 18.11 32.45
C GLY E 99 17.67 17.96 33.09
N ALA E 100 18.51 17.08 32.53
CA ALA E 100 19.88 16.98 33.01
C ALA E 100 20.71 18.16 32.52
N VAL E 101 20.53 18.57 31.26
CA VAL E 101 21.27 19.70 30.72
C VAL E 101 20.92 20.97 31.48
N THR E 102 19.62 21.19 31.72
CA THR E 102 19.17 22.30 32.56
C THR E 102 19.41 21.88 34.00
N GLY E 103 20.58 22.25 34.51
CA GLY E 103 21.03 21.83 35.82
C GLY E 103 22.50 21.48 35.74
N ALA E 104 22.92 20.84 34.66
CA ALA E 104 24.34 20.83 34.35
C ALA E 104 24.82 22.24 34.05
N ALA E 105 24.02 22.99 33.29
CA ALA E 105 24.32 24.41 33.09
C ALA E 105 24.23 25.19 34.40
N LEU E 106 23.22 24.90 35.22
CA LEU E 106 23.07 25.61 36.49
C LEU E 106 24.19 25.29 37.47
N GLY E 107 24.89 24.18 37.28
CA GLY E 107 26.06 23.91 38.09
C GLY E 107 27.20 24.87 37.84
N ALA E 108 27.20 25.51 36.67
CA ALA E 108 28.16 26.59 36.42
C ALA E 108 27.83 27.84 37.23
N GLY E 109 26.66 27.89 37.85
CA GLY E 109 26.31 28.98 38.76
C GLY E 109 27.09 28.98 40.05
N ILE E 110 28.10 28.12 40.18
CA ILE E 110 29.00 28.16 41.32
C ILE E 110 30.38 28.70 40.95
N THR E 111 30.75 28.66 39.67
CA THR E 111 32.04 29.20 39.24
C THR E 111 32.09 30.71 39.48
N ALA E 112 31.05 31.42 39.07
CA ALA E 112 30.98 32.85 39.27
C ALA E 112 30.60 33.24 40.68
N TYR E 113 30.66 32.31 41.63
CA TYR E 113 30.27 32.57 43.02
C TYR E 113 31.39 32.07 43.92
N ASN E 114 31.11 32.02 45.22
CA ASN E 114 32.08 31.88 46.32
C ASN E 114 33.19 30.90 45.93
N SER E 115 32.89 29.64 45.62
CA SER E 115 33.94 28.67 45.35
C SER E 115 33.96 28.30 43.88
N SER E 116 35.10 28.55 43.23
CA SER E 116 35.29 28.21 41.83
C SER E 116 36.33 27.10 41.67
N SER E 117 36.54 26.30 42.70
CA SER E 117 37.47 25.18 42.63
C SER E 117 37.00 24.18 41.58
N ALA E 118 37.94 23.74 40.74
CA ALA E 118 37.58 22.89 39.60
C ALA E 118 36.90 21.60 40.06
N GLY E 119 37.46 20.96 41.09
CA GLY E 119 36.81 19.79 41.65
C GLY E 119 35.46 20.12 42.25
N ALA E 120 35.38 21.22 43.00
CA ALA E 120 34.12 21.61 43.62
C ALA E 120 33.06 21.95 42.58
N THR E 121 33.44 22.73 41.56
CA THR E 121 32.45 23.09 40.55
C THR E 121 32.02 21.87 39.75
N LEU E 122 32.96 20.96 39.45
CA LEU E 122 32.59 19.74 38.73
C LEU E 122 31.61 18.91 39.56
N GLY E 123 31.89 18.76 40.86
CA GLY E 123 31.00 17.97 41.70
C GLY E 123 29.62 18.59 41.83
N VAL E 124 29.57 19.91 42.05
CA VAL E 124 28.28 20.56 42.20
C VAL E 124 27.51 20.53 40.89
N GLY E 125 28.19 20.73 39.76
CA GLY E 125 27.52 20.64 38.47
C GLY E 125 26.98 19.25 38.20
N LEU E 126 27.75 18.22 38.55
CA LEU E 126 27.27 16.85 38.36
C LEU E 126 26.07 16.56 39.24
N ALA E 127 26.12 16.98 40.51
CA ALA E 127 24.98 16.76 41.40
C ALA E 127 23.75 17.51 40.91
N ALA E 128 23.93 18.74 40.44
CA ALA E 128 22.80 19.51 39.94
C ALA E 128 22.22 18.89 38.67
N GLY E 129 23.08 18.40 37.79
CA GLY E 129 22.59 17.71 36.60
C GLY E 129 21.83 16.45 36.93
N LEU E 130 22.32 15.68 37.91
CA LEU E 130 21.61 14.49 38.35
C LEU E 130 20.25 14.85 38.94
N VAL E 131 20.20 15.90 39.76
CA VAL E 131 18.94 16.29 40.38
C VAL E 131 17.98 16.80 39.31
N GLY E 132 18.48 17.53 38.32
CA GLY E 132 17.63 17.99 37.24
C GLY E 132 17.07 16.85 36.41
N MET E 133 17.91 15.87 36.09
CA MET E 133 17.43 14.71 35.36
C MET E 133 16.39 13.94 36.17
N ALA E 134 16.63 13.79 37.48
CA ALA E 134 15.66 13.10 38.33
C ALA E 134 14.33 13.85 38.36
N ALA E 135 14.37 15.17 38.50
CA ALA E 135 13.14 15.94 38.56
C ALA E 135 12.40 15.91 37.23
N ASP E 136 13.13 15.95 36.12
CA ASP E 136 12.49 15.86 34.81
C ASP E 136 11.85 14.49 34.62
N ALA E 137 12.56 13.42 34.98
CA ALA E 137 12.03 12.08 34.80
C ALA E 137 10.91 11.78 35.80
N MET E 138 10.85 12.50 36.91
CA MET E 138 9.79 12.27 37.89
C MET E 138 8.51 13.00 37.55
N VAL E 139 8.47 13.75 36.45
CA VAL E 139 7.25 14.43 36.02
C VAL E 139 6.50 13.47 35.10
N GLU E 140 5.40 12.94 35.60
CA GLU E 140 4.62 11.91 34.92
C GLU E 140 3.37 12.57 34.39
N ASP E 141 3.20 12.54 33.06
CA ASP E 141 2.00 13.13 32.45
C ASP E 141 1.08 11.95 32.16
N VAL E 142 0.28 11.58 33.14
CA VAL E 142 -0.42 10.31 33.11
C VAL E 142 -1.83 10.49 32.56
N ASN E 143 -2.24 9.50 31.77
CA ASN E 143 -3.54 9.41 31.16
C ASN E 143 -4.08 8.01 31.43
N TYR E 144 -5.21 7.95 32.13
CA TYR E 144 -5.91 6.70 32.40
C TYR E 144 -7.05 6.57 31.40
N THR E 145 -7.03 5.50 30.62
CA THR E 145 -8.08 5.20 29.66
C THR E 145 -8.87 4.01 30.16
N MET E 146 -10.16 4.19 30.36
CA MET E 146 -11.04 3.16 30.88
C MET E 146 -12.08 2.82 29.83
N ILE E 147 -12.37 1.53 29.67
CA ILE E 147 -13.34 1.06 28.69
C ILE E 147 -14.42 0.31 29.43
N THR E 148 -15.68 0.75 29.24
CA THR E 148 -16.85 0.15 29.86
C THR E 148 -17.79 -0.35 28.79
N ASP E 149 -18.30 -1.55 28.97
CA ASP E 149 -19.29 -2.11 28.07
C ASP E 149 -20.66 -2.02 28.72
N VAL E 150 -21.64 -1.51 27.98
CA VAL E 150 -22.99 -1.33 28.48
C VAL E 150 -23.92 -2.18 27.63
N GLN E 151 -24.88 -2.83 28.28
CA GLN E 151 -25.88 -3.64 27.59
C GLN E 151 -27.24 -3.34 28.21
N ILE E 152 -28.08 -2.65 27.47
CA ILE E 152 -29.41 -2.27 27.92
C ILE E 152 -30.40 -3.31 27.41
N ALA E 153 -31.20 -3.85 28.31
CA ALA E 153 -32.25 -4.78 27.93
C ALA E 153 -33.60 -4.14 28.22
N GLU E 154 -34.43 -4.03 27.20
CA GLU E 154 -35.75 -3.43 27.31
C GLU E 154 -36.80 -4.50 27.07
N ARG E 155 -37.76 -4.60 27.98
CA ARG E 155 -38.78 -5.63 27.89
C ARG E 155 -39.89 -5.18 26.95
N THR E 156 -40.22 -6.03 25.99
CA THR E 156 -41.20 -5.71 24.97
C THR E 156 -42.32 -6.75 24.98
N LYS E 157 -43.28 -6.56 24.09
CA LYS E 157 -44.31 -7.56 23.84
C LYS E 157 -43.99 -8.42 22.63
N THR E 158 -42.99 -8.04 21.84
CA THR E 158 -42.58 -8.79 20.67
C THR E 158 -41.75 -9.99 21.10
N GLN E 159 -42.04 -11.14 20.50
CA GLN E 159 -41.23 -12.33 20.74
C GLN E 159 -39.86 -12.14 20.10
N VAL E 160 -38.81 -12.24 20.91
CA VAL E 160 -37.45 -12.06 20.45
C VAL E 160 -36.74 -13.41 20.51
N GLN E 161 -36.16 -13.81 19.40
CA GLN E 161 -35.43 -15.07 19.32
C GLN E 161 -33.94 -14.79 19.41
N THR E 162 -33.29 -15.41 20.39
CA THR E 162 -31.86 -15.26 20.60
C THR E 162 -31.16 -16.51 20.08
N ASP E 163 -30.23 -16.32 19.15
CA ASP E 163 -29.49 -17.42 18.55
C ASP E 163 -28.04 -17.32 19.03
N ASN E 164 -27.73 -18.05 20.09
CA ASN E 164 -26.36 -18.06 20.59
C ASN E 164 -25.48 -18.83 19.63
N VAL E 165 -24.41 -18.19 19.16
CA VAL E 165 -23.44 -18.77 18.25
C VAL E 165 -22.06 -18.45 18.79
N ALA E 166 -21.42 -19.43 19.41
CA ALA E 166 -20.09 -19.26 19.99
C ALA E 166 -19.09 -20.09 19.21
N VAL E 167 -18.02 -19.45 18.75
CA VAL E 167 -16.96 -20.17 18.04
C VAL E 167 -15.76 -20.26 18.95
N LEU E 168 -15.68 -21.32 19.75
CA LEU E 168 -14.62 -21.46 20.73
C LEU E 168 -13.35 -21.98 20.05
N ARG E 169 -12.29 -21.20 20.10
CA ARG E 169 -11.03 -21.62 19.51
C ARG E 169 -10.48 -22.83 20.27
N GLN E 170 -9.88 -23.75 19.53
CA GLN E 170 -9.34 -24.99 20.08
C GLN E 170 -7.98 -25.24 19.44
N GLY E 171 -6.94 -24.73 20.09
CA GLY E 171 -5.56 -25.06 19.77
C GLY E 171 -5.14 -24.89 18.32
N THR E 172 -5.15 -23.66 17.82
CA THR E 172 -4.46 -23.31 16.57
C THR E 172 -4.95 -24.11 15.38
N SER E 173 -5.89 -25.00 15.58
CA SER E 173 -6.33 -25.88 14.50
C SER E 173 -7.84 -25.93 14.35
N GLY E 174 -8.58 -25.93 15.46
CA GLY E 174 -9.99 -26.22 15.41
C GLY E 174 -10.83 -25.17 16.10
N THR E 175 -12.14 -25.35 15.97
CA THR E 175 -13.12 -24.56 16.70
C THR E 175 -14.25 -25.49 17.09
N LYS E 176 -14.76 -25.31 18.31
CA LYS E 176 -16.01 -25.92 18.71
C LYS E 176 -17.10 -24.88 18.56
N VAL E 177 -18.07 -25.15 17.72
CA VAL E 177 -19.15 -24.21 17.42
C VAL E 177 -20.36 -24.62 18.23
N GLN E 178 -20.74 -23.78 19.19
CA GLN E 178 -21.90 -24.01 20.02
C GLN E 178 -23.04 -23.14 19.50
N THR E 179 -24.18 -23.75 19.24
CA THR E 179 -25.35 -23.03 18.75
C THR E 179 -26.54 -23.41 19.60
N SER E 180 -27.34 -22.41 19.97
CA SER E 180 -28.56 -22.66 20.72
C SER E 180 -29.56 -21.57 20.39
N THR E 181 -30.83 -21.85 20.68
CA THR E 181 -31.91 -20.92 20.40
C THR E 181 -32.79 -20.77 21.62
N GLU E 182 -33.07 -19.52 21.99
CA GLU E 182 -33.99 -19.21 23.07
C GLU E 182 -35.02 -18.21 22.57
N THR E 183 -36.12 -18.12 23.30
CA THR E 183 -37.18 -17.17 22.98
C THR E 183 -37.55 -16.41 24.24
N GLY E 184 -37.60 -15.09 24.14
CA GLY E 184 -37.96 -14.26 25.28
C GLY E 184 -38.35 -12.88 24.82
N ASN E 185 -39.00 -12.16 25.73
CA ASN E 185 -39.47 -10.81 25.45
CA ASN E 185 -39.47 -10.81 25.44
C ASN E 185 -38.51 -9.77 26.04
N GLN E 186 -37.37 -9.63 25.37
CA GLN E 186 -36.38 -8.66 25.82
C GLN E 186 -35.44 -8.34 24.68
N HIS E 187 -35.42 -7.08 24.25
CA HIS E 187 -34.47 -6.62 23.26
C HIS E 187 -33.22 -6.15 23.99
N LYS E 188 -32.07 -6.66 23.57
CA LYS E 188 -30.80 -6.29 24.17
C LYS E 188 -29.97 -5.51 23.17
N TYR E 189 -29.53 -4.33 23.57
CA TYR E 189 -28.67 -3.47 22.76
C TYR E 189 -27.38 -3.23 23.53
N GLN E 190 -26.29 -3.06 22.80
CA GLN E 190 -25.00 -2.85 23.43
C GLN E 190 -24.49 -1.45 23.12
N THR E 191 -23.40 -1.08 23.78
CA THR E 191 -22.69 0.16 23.51
C THR E 191 -21.42 0.15 24.36
N ARG E 192 -20.55 1.10 24.09
CA ARG E 192 -19.28 1.20 24.76
C ARG E 192 -19.03 2.63 25.18
N VAL E 193 -18.51 2.82 26.39
CA VAL E 193 -18.16 4.13 26.91
C VAL E 193 -16.67 4.17 27.17
N VAL E 194 -15.99 5.18 26.64
CA VAL E 194 -14.56 5.35 26.82
C VAL E 194 -14.34 6.56 27.71
N SER E 195 -13.66 6.36 28.83
CA SER E 195 -13.35 7.42 29.77
C SER E 195 -11.85 7.70 29.74
N ASN E 196 -11.48 8.95 29.97
CA ASN E 196 -10.10 9.37 30.04
C ASN E 196 -9.94 10.29 31.23
N ALA E 197 -8.87 10.10 31.98
CA ALA E 197 -8.52 10.98 33.09
C ALA E 197 -7.06 11.38 32.91
N ASN E 198 -6.81 12.66 32.68
CA ASN E 198 -5.48 13.15 32.36
C ASN E 198 -5.04 14.16 33.41
N LYS E 199 -3.79 14.04 33.85
CA LYS E 199 -3.19 15.01 34.76
C LYS E 199 -1.71 14.70 34.88
N VAL E 200 -0.98 15.65 35.45
CA VAL E 200 0.44 15.46 35.73
C VAL E 200 0.58 14.74 37.06
N ASN E 201 1.33 13.64 37.08
CA ASN E 201 1.52 12.84 38.28
C ASN E 201 0.18 12.45 38.89
N LEU E 202 -0.77 12.09 38.04
CA LEU E 202 -2.11 11.73 38.49
C LEU E 202 -2.10 10.36 39.14
N LYS E 203 -2.69 10.27 40.33
CA LYS E 203 -2.94 9.00 40.98
C LYS E 203 -4.41 8.66 40.81
N PHE E 204 -4.68 7.41 40.43
CA PHE E 204 -6.05 7.04 40.09
C PHE E 204 -7.07 7.33 41.18
N PRO E 205 -6.81 7.07 42.48
CA PRO E 205 -7.85 7.33 43.48
C PRO E 205 -8.36 8.76 43.49
N GLU E 206 -7.58 9.71 42.98
CA GLU E 206 -8.09 11.07 42.86
C GLU E 206 -9.05 11.21 41.70
N ALA E 207 -8.76 10.53 40.58
CA ALA E 207 -9.63 10.60 39.41
C ALA E 207 -10.83 9.69 39.49
N GLN E 208 -10.86 8.74 40.42
CA GLN E 208 -11.94 7.78 40.46
C GLN E 208 -13.30 8.40 40.74
N PRO E 209 -13.48 9.30 41.72
CA PRO E 209 -14.84 9.82 41.96
C PRO E 209 -15.46 10.51 40.75
N VAL E 210 -14.72 11.40 40.10
CA VAL E 210 -15.27 12.11 38.94
C VAL E 210 -15.47 11.15 37.78
N LEU E 211 -14.57 10.18 37.62
CA LEU E 211 -14.73 9.18 36.58
C LEU E 211 -16.04 8.42 36.76
N GLU E 212 -16.30 7.96 37.99
CA GLU E 212 -17.55 7.28 38.27
C GLU E 212 -18.74 8.20 38.05
N ASP E 213 -18.65 9.45 38.48
CA ASP E 213 -19.77 10.37 38.33
C ASP E 213 -20.14 10.55 36.86
N GLN E 214 -19.15 10.82 36.03
CA GLN E 214 -19.43 11.03 34.61
C GLN E 214 -19.93 9.76 33.95
N LEU E 215 -19.32 8.62 34.26
CA LEU E 215 -19.77 7.37 33.66
C LEU E 215 -21.20 7.04 34.05
N ALA E 216 -21.54 7.23 35.33
CA ALA E 216 -22.88 6.97 35.79
C ALA E 216 -23.88 7.90 35.13
N LYS E 217 -23.53 9.18 35.01
CA LYS E 217 -24.45 10.12 34.38
C LYS E 217 -24.69 9.74 32.94
N SER E 218 -23.65 9.34 32.21
CA SER E 218 -23.82 8.95 30.82
C SER E 218 -24.70 7.70 30.69
N ILE E 219 -24.40 6.67 31.47
CA ILE E 219 -25.16 5.43 31.37
C ILE E 219 -26.61 5.65 31.76
N ALA E 220 -26.86 6.46 32.79
CA ALA E 220 -28.23 6.75 33.16
C ALA E 220 -28.93 7.59 32.10
N ASN E 221 -28.21 8.53 31.49
CA ASN E 221 -28.80 9.36 30.44
C ASN E 221 -29.14 8.56 29.21
N ILE E 222 -28.57 7.36 29.06
CA ILE E 222 -29.05 6.47 28.00
C ILE E 222 -30.58 6.32 28.09
N LEU E 223 -31.09 6.19 29.32
CA LEU E 223 -32.53 6.06 29.50
C LEU E 223 -33.28 7.36 29.22
N GLY E 224 -32.60 8.49 29.37
CA GLY E 224 -33.24 9.77 29.14
C GLY E 224 -34.09 10.20 30.32
N SER E 225 -34.39 11.49 30.41
CA SER E 225 -35.13 12.02 31.55
C SER E 225 -36.60 11.65 31.48
N GLY E 226 -36.91 10.36 31.59
CA GLY E 226 -38.29 9.90 31.53
C GLY E 226 -39.05 10.20 32.80
N CYS F 1 21.59 10.65 31.55
CA CYS F 1 21.85 9.23 31.39
C CYS F 1 20.55 8.48 31.10
N SER F 2 20.53 7.73 29.99
CA SER F 2 19.36 6.94 29.65
C SER F 2 19.10 5.86 30.70
N ALA F 3 20.16 5.22 31.18
CA ALA F 3 20.04 4.19 32.20
C ALA F 3 19.49 4.78 33.48
N MET F 4 19.99 5.94 33.89
CA MET F 4 19.48 6.59 35.09
C MET F 4 18.03 7.02 34.90
N GLY F 5 17.69 7.52 33.72
CA GLY F 5 16.30 7.88 33.45
C GLY F 5 15.38 6.69 33.55
N THR F 6 15.80 5.55 33.03
CA THR F 6 15.00 4.34 33.16
C THR F 6 14.89 3.89 34.61
N ALA F 7 16.00 3.91 35.34
CA ALA F 7 15.97 3.45 36.73
C ALA F 7 15.12 4.36 37.59
N ILE F 8 14.99 5.63 37.20
CA ILE F 8 14.15 6.55 37.98
C ILE F 8 12.69 6.39 37.57
N LYS F 9 12.42 6.37 36.26
CA LYS F 9 11.06 6.25 35.76
C LYS F 9 10.39 5.00 36.32
N LYS F 10 10.92 3.84 36.00
CA LYS F 10 10.31 2.57 36.39
C LYS F 10 11.00 1.99 37.62
N ARG F 11 10.92 2.75 38.72
CA ARG F 11 11.61 2.35 39.93
C ARG F 11 10.79 1.43 40.82
N ASN F 12 9.47 1.41 40.65
CA ASN F 12 8.60 0.54 41.44
C ASN F 12 7.76 -0.31 40.50
N LEU F 13 7.41 -1.50 40.98
CA LEU F 13 6.71 -2.47 40.16
C LEU F 13 5.36 -1.95 39.69
N GLU F 14 5.08 -2.09 38.41
CA GLU F 14 3.83 -1.63 37.82
C GLU F 14 3.16 -2.81 37.14
N VAL F 15 1.98 -3.20 37.63
CA VAL F 15 1.26 -4.38 37.14
C VAL F 15 -0.06 -3.93 36.54
N LYS F 16 -0.31 -4.35 35.30
CA LYS F 16 -1.54 -4.08 34.59
C LYS F 16 -2.20 -5.40 34.21
N THR F 17 -3.53 -5.41 34.23
CA THR F 17 -4.30 -6.60 33.91
C THR F 17 -5.53 -6.19 33.14
N GLN F 18 -5.61 -6.57 31.86
CA GLN F 18 -6.68 -6.12 30.99
C GLN F 18 -7.39 -7.30 30.36
N MET F 19 -8.68 -7.43 30.65
CA MET F 19 -9.51 -8.41 29.98
C MET F 19 -9.77 -7.98 28.54
N SER F 20 -9.85 -8.96 27.64
CA SER F 20 -10.01 -8.62 26.23
C SER F 20 -11.41 -8.11 25.94
N GLU F 21 -12.43 -8.93 26.18
CA GLU F 21 -13.81 -8.53 25.95
C GLU F 21 -14.68 -9.00 27.10
N THR F 22 -15.91 -8.50 27.14
CA THR F 22 -16.83 -8.77 28.23
C THR F 22 -17.63 -10.03 27.95
N ILE F 23 -17.76 -10.88 28.96
CA ILE F 23 -18.64 -12.04 28.91
C ILE F 23 -19.89 -11.69 29.71
N TRP F 24 -21.02 -11.60 29.04
CA TRP F 24 -22.27 -11.24 29.69
C TRP F 24 -22.95 -12.49 30.24
N LEU F 25 -23.28 -12.45 31.52
CA LEU F 25 -23.97 -13.55 32.18
C LEU F 25 -25.31 -13.05 32.69
N GLU F 26 -26.37 -13.82 32.42
CA GLU F 26 -27.68 -13.45 32.92
C GLU F 26 -27.72 -13.58 34.43
N PRO F 27 -28.55 -12.78 35.10
CA PRO F 27 -28.74 -12.96 36.55
C PRO F 27 -29.22 -14.37 36.84
N SER F 28 -28.61 -15.00 37.84
CA SER F 28 -28.86 -16.40 38.12
C SER F 28 -28.76 -16.66 39.61
N ASN F 29 -29.35 -17.77 40.04
CA ASN F 29 -29.28 -18.22 41.42
C ASN F 29 -28.23 -19.28 41.63
N ASN F 30 -27.44 -19.61 40.62
CA ASN F 30 -26.39 -20.60 40.78
C ASN F 30 -25.34 -20.09 41.75
N LYS F 31 -24.87 -20.97 42.62
CA LYS F 31 -23.85 -20.62 43.58
C LYS F 31 -22.62 -21.52 43.50
N THR F 32 -22.66 -22.58 42.72
CA THR F 32 -21.56 -23.54 42.65
C THR F 32 -20.67 -23.22 41.46
N VAL F 33 -19.37 -23.23 41.70
CA VAL F 33 -18.36 -22.96 40.67
C VAL F 33 -17.33 -24.06 40.70
N TYR F 34 -16.95 -24.54 39.52
CA TYR F 34 -15.89 -25.53 39.38
C TYR F 34 -14.70 -24.87 38.66
N LEU F 35 -13.53 -24.96 39.27
CA LEU F 35 -12.33 -24.31 38.75
C LEU F 35 -11.41 -25.32 38.09
N GLN F 36 -10.91 -24.99 36.91
CA GLN F 36 -9.91 -25.79 36.22
C GLN F 36 -8.84 -24.84 35.71
N ILE F 37 -7.74 -24.73 36.44
CA ILE F 37 -6.68 -23.78 36.15
C ILE F 37 -5.45 -24.55 35.69
N LYS F 38 -4.92 -24.19 34.52
CA LYS F 38 -3.74 -24.82 33.97
C LYS F 38 -2.72 -23.75 33.63
N ASN F 39 -1.47 -24.18 33.47
CA ASN F 39 -0.36 -23.25 33.24
C ASN F 39 0.60 -23.90 32.25
N THR F 40 0.49 -23.55 30.98
CA THR F 40 1.41 -24.02 29.96
C THR F 40 2.49 -23.00 29.64
N SER F 41 2.87 -22.18 30.61
CA SER F 41 3.90 -21.17 30.43
C SER F 41 5.12 -21.54 31.25
N ASP F 42 6.26 -20.93 30.87
CA ASP F 42 7.49 -21.19 31.59
C ASP F 42 7.51 -20.57 32.98
N LYS F 43 6.71 -19.54 33.20
CA LYS F 43 6.64 -18.92 34.51
C LYS F 43 5.78 -19.76 35.45
N ASP F 44 5.87 -19.45 36.74
CA ASP F 44 5.18 -20.20 37.77
C ASP F 44 4.07 -19.35 38.36
N MET F 45 2.83 -19.82 38.22
CA MET F 45 1.68 -19.27 38.95
C MET F 45 0.97 -20.45 39.60
N SER F 46 1.46 -20.86 40.77
CA SER F 46 0.86 -21.99 41.46
C SER F 46 -0.23 -21.54 42.41
N GLY F 47 -0.18 -20.31 42.89
CA GLY F 47 -1.19 -19.79 43.77
C GLY F 47 -2.39 -19.20 43.09
N LEU F 48 -2.48 -19.28 41.76
CA LEU F 48 -3.57 -18.66 41.05
C LEU F 48 -4.89 -19.38 41.30
N GLN F 49 -4.85 -20.71 41.38
CA GLN F 49 -6.06 -21.47 41.68
C GLN F 49 -6.64 -21.08 43.02
N ALA F 50 -5.80 -21.05 44.06
CA ALA F 50 -6.29 -20.72 45.40
C ALA F 50 -6.81 -19.30 45.46
N LYS F 51 -6.13 -18.38 44.77
CA LYS F 51 -6.57 -16.99 44.79
C LYS F 51 -7.90 -16.82 44.06
N ILE F 52 -8.09 -17.51 42.93
CA ILE F 52 -9.36 -17.47 42.24
C ILE F 52 -10.46 -18.05 43.13
N ALA F 53 -10.17 -19.17 43.79
CA ALA F 53 -11.16 -19.77 44.68
C ALA F 53 -11.54 -18.82 45.81
N SER F 54 -10.55 -18.17 46.41
CA SER F 54 -10.83 -17.24 47.50
C SER F 54 -11.65 -16.05 47.01
N ALA F 55 -11.29 -15.49 45.86
CA ALA F 55 -12.04 -14.36 45.33
C ALA F 55 -13.47 -14.74 44.99
N VAL F 56 -13.66 -15.93 44.41
CA VAL F 56 -15.00 -16.40 44.09
C VAL F 56 -15.82 -16.61 45.35
N THR F 57 -15.22 -17.23 46.37
CA THR F 57 -15.95 -17.44 47.61
C THR F 57 -16.28 -16.12 48.30
N SER F 58 -15.46 -15.10 48.11
CA SER F 58 -15.76 -13.79 48.69
C SER F 58 -17.06 -13.21 48.12
N LYS F 59 -17.46 -13.61 46.92
CA LYS F 59 -18.66 -13.09 46.30
C LYS F 59 -19.91 -13.88 46.64
N GLY F 60 -19.81 -14.89 47.49
CA GLY F 60 -20.94 -15.69 47.86
C GLY F 60 -21.07 -17.00 47.12
N TYR F 61 -20.28 -17.19 46.07
CA TYR F 61 -20.30 -18.47 45.37
C TYR F 61 -19.59 -19.54 46.21
N GLN F 62 -19.84 -20.79 45.85
CA GLN F 62 -19.26 -21.93 46.53
C GLN F 62 -18.48 -22.76 45.52
N VAL F 63 -17.22 -23.01 45.81
CA VAL F 63 -16.36 -23.76 44.89
C VAL F 63 -16.53 -25.25 45.16
N VAL F 64 -16.87 -26.00 44.11
CA VAL F 64 -17.11 -27.43 44.22
C VAL F 64 -16.09 -28.17 43.39
N SER F 65 -15.92 -29.45 43.71
CA SER F 65 -14.97 -30.30 43.01
C SER F 65 -15.62 -31.22 41.99
N ASN F 66 -16.94 -31.15 41.84
CA ASN F 66 -17.65 -32.01 40.90
C ASN F 66 -18.06 -31.19 39.68
N PRO F 67 -17.42 -31.39 38.53
CA PRO F 67 -17.77 -30.57 37.35
C PRO F 67 -19.19 -30.76 36.87
N ASP F 68 -19.80 -31.91 37.14
CA ASP F 68 -21.11 -32.20 36.57
C ASP F 68 -22.21 -31.42 37.28
N THR F 69 -22.08 -31.22 38.58
CA THR F 69 -23.10 -30.53 39.37
C THR F 69 -22.69 -29.11 39.72
N ALA F 70 -21.99 -28.43 38.83
CA ALA F 70 -21.56 -27.06 39.04
C ALA F 70 -22.27 -26.14 38.07
N GLY F 71 -22.91 -25.10 38.61
CA GLY F 71 -23.59 -24.15 37.74
C GLY F 71 -22.65 -23.42 36.82
N TYR F 72 -21.46 -23.08 37.33
CA TYR F 72 -20.47 -22.35 36.56
C TYR F 72 -19.18 -23.15 36.49
N TRP F 73 -18.49 -23.02 35.36
CA TRP F 73 -17.11 -23.49 35.22
C TRP F 73 -16.24 -22.28 34.95
N ILE F 74 -15.13 -22.19 35.66
CA ILE F 74 -14.08 -21.25 35.33
C ILE F 74 -12.89 -22.07 34.86
N GLN F 75 -12.69 -22.09 33.55
CA GLN F 75 -11.58 -22.80 32.93
C GLN F 75 -10.58 -21.74 32.51
N ALA F 76 -9.40 -21.75 33.12
CA ALA F 76 -8.38 -20.76 32.85
C ALA F 76 -7.08 -21.45 32.49
N ASN F 77 -6.36 -20.89 31.54
CA ASN F 77 -5.07 -21.40 31.14
C ASN F 77 -4.11 -20.22 31.02
N VAL F 78 -3.05 -20.23 31.82
CA VAL F 78 -2.02 -19.23 31.68
C VAL F 78 -1.17 -19.64 30.50
N LEU F 79 -1.57 -19.19 29.31
CA LEU F 79 -1.04 -19.77 28.09
C LEU F 79 0.40 -19.37 27.83
N LYS F 80 0.72 -18.09 27.95
CA LYS F 80 2.00 -17.60 27.47
C LYS F 80 2.60 -16.62 28.45
N ALA F 81 3.92 -16.50 28.39
CA ALA F 81 4.64 -15.49 29.16
C ALA F 81 5.92 -15.15 28.42
N ASP F 82 6.15 -13.87 28.20
CA ASP F 82 7.32 -13.36 27.51
C ASP F 82 7.97 -12.30 28.37
N LYS F 83 9.28 -12.14 28.21
CA LYS F 83 10.04 -11.12 28.91
C LYS F 83 10.82 -10.31 27.89
N MET F 84 10.69 -8.99 27.95
CA MET F 84 11.42 -8.15 27.01
C MET F 84 12.02 -6.95 27.72
N ASP F 85 13.05 -6.39 27.11
CA ASP F 85 13.64 -5.13 27.52
C ASP F 85 13.06 -4.01 26.68
N LEU F 86 12.45 -3.03 27.35
CA LEU F 86 11.85 -1.92 26.63
C LEU F 86 12.89 -0.93 26.13
N ARG F 87 14.03 -0.82 26.83
CA ARG F 87 15.08 0.10 26.38
C ARG F 87 15.56 -0.24 24.98
N GLU F 88 15.54 -1.52 24.61
CA GLU F 88 15.99 -1.90 23.28
C GLU F 88 15.07 -1.41 22.19
N SER F 89 13.89 -0.89 22.54
CA SER F 89 13.06 -0.22 21.57
C SER F 89 13.69 1.06 21.05
N GLN F 90 14.72 1.57 21.75
CA GLN F 90 15.45 2.76 21.34
C GLN F 90 16.66 2.44 20.48
N GLY F 91 16.85 1.17 20.12
CA GLY F 91 18.01 0.79 19.33
C GLY F 91 19.31 1.03 20.06
N TRP F 92 20.14 1.92 19.53
CA TRP F 92 21.41 2.26 20.16
C TRP F 92 21.13 3.18 21.35
N LEU F 93 22.20 3.67 22.00
CA LEU F 93 22.11 4.37 23.28
C LEU F 93 21.52 3.48 24.37
N SER F 94 21.52 2.16 24.13
CA SER F 94 21.02 1.20 25.11
C SER F 94 21.94 0.01 25.28
N ARG F 95 23.07 -0.04 24.58
CA ARG F 95 24.04 -1.12 24.70
C ARG F 95 25.22 -0.72 25.57
N GLY F 96 25.19 0.46 26.17
CA GLY F 96 26.27 0.95 27.00
C GLY F 96 27.14 2.00 26.37
N TYR F 97 26.82 2.45 25.15
CA TYR F 97 27.63 3.48 24.49
C TYR F 97 27.70 4.74 25.35
N GLU F 98 26.56 5.36 25.62
CA GLU F 98 26.54 6.55 26.45
C GLU F 98 27.02 6.26 27.86
N GLY F 99 26.77 5.05 28.37
CA GLY F 99 27.31 4.68 29.66
C GLY F 99 28.82 4.56 29.66
N ALA F 100 29.40 4.19 28.50
CA ALA F 100 30.86 4.16 28.39
C ALA F 100 31.42 5.57 28.29
N VAL F 101 30.76 6.43 27.51
CA VAL F 101 31.22 7.81 27.37
C VAL F 101 31.19 8.53 28.71
N THR F 102 30.10 8.36 29.45
CA THR F 102 29.99 8.89 30.81
C THR F 102 30.77 7.94 31.70
N GLY F 103 32.03 8.26 31.90
CA GLY F 103 32.95 7.39 32.61
C GLY F 103 34.29 7.39 31.89
N ALA F 104 34.26 7.39 30.55
CA ALA F 104 35.45 7.79 29.82
C ALA F 104 35.77 9.26 30.09
N ALA F 105 34.74 10.10 30.11
CA ALA F 105 34.92 11.49 30.53
C ALA F 105 35.33 11.58 31.99
N LEU F 106 34.72 10.77 32.86
CA LEU F 106 35.05 10.81 34.28
C LEU F 106 36.46 10.30 34.55
N GLY F 107 37.05 9.56 33.62
CA GLY F 107 38.45 9.18 33.76
C GLY F 107 39.39 10.36 33.64
N ALA F 108 38.95 11.43 33.00
CA ALA F 108 39.73 12.67 32.99
C ALA F 108 39.72 13.35 34.36
N GLY F 109 38.87 12.89 35.28
CA GLY F 109 38.88 13.38 36.64
C GLY F 109 40.09 12.96 37.45
N ILE F 110 41.07 12.34 36.81
CA ILE F 110 42.35 12.04 37.45
C ILE F 110 43.48 12.93 36.96
N THR F 111 43.35 13.53 35.77
CA THR F 111 44.37 14.44 35.26
C THR F 111 44.50 15.67 36.15
N ALA F 112 43.36 16.27 36.50
CA ALA F 112 43.36 17.44 37.37
C ALA F 112 43.55 17.08 38.84
N TYR F 113 43.97 15.86 39.14
CA TYR F 113 44.13 15.41 40.52
C TYR F 113 45.52 14.78 40.65
N ASN F 114 45.75 14.12 41.78
CA ASN F 114 47.07 13.68 42.29
C ASN F 114 47.95 13.20 41.13
N SER F 115 47.57 12.18 40.38
CA SER F 115 48.44 11.64 39.35
C SER F 115 47.90 11.96 37.97
N SER F 116 48.70 12.68 37.19
CA SER F 116 48.36 13.04 35.82
C SER F 116 49.26 12.33 34.80
N SER F 117 49.85 11.21 35.21
CA SER F 117 50.69 10.43 34.30
C SER F 117 49.87 9.92 33.13
N ALA F 118 50.42 10.08 31.91
CA ALA F 118 49.66 9.75 30.71
C ALA F 118 49.22 8.29 30.70
N GLY F 119 50.14 7.39 31.05
CA GLY F 119 49.75 5.99 31.17
C GLY F 119 48.72 5.77 32.26
N ALA F 120 48.92 6.40 33.42
CA ALA F 120 47.99 6.24 34.53
C ALA F 120 46.61 6.80 34.19
N THR F 121 46.58 8.00 33.60
CA THR F 121 45.28 8.57 33.26
C THR F 121 44.59 7.76 32.17
N LEU F 122 45.35 7.26 31.20
CA LEU F 122 44.74 6.43 30.16
C LEU F 122 44.16 5.15 30.76
N GLY F 123 44.91 4.51 31.66
CA GLY F 123 44.42 3.29 32.28
C GLY F 123 43.19 3.52 33.13
N VAL F 124 43.20 4.57 33.94
CA VAL F 124 42.06 4.85 34.80
C VAL F 124 40.85 5.25 33.96
N GLY F 125 41.06 6.04 32.92
CA GLY F 125 39.95 6.40 32.04
C GLY F 125 39.35 5.19 31.34
N LEU F 126 40.21 4.28 30.88
CA LEU F 126 39.71 3.07 30.23
C LEU F 126 38.93 2.20 31.20
N ALA F 127 39.45 2.03 32.42
CA ALA F 127 38.73 1.23 33.41
C ALA F 127 37.40 1.86 33.78
N ALA F 128 37.39 3.19 33.93
CA ALA F 128 36.14 3.88 34.27
C ALA F 128 35.13 3.79 33.13
N GLY F 129 35.60 3.91 31.89
CA GLY F 129 34.69 3.74 30.77
C GLY F 129 34.12 2.34 30.69
N LEU F 130 34.96 1.33 30.95
CA LEU F 130 34.47 -0.05 30.97
C LEU F 130 33.43 -0.24 32.06
N VAL F 131 33.69 0.30 33.25
CA VAL F 131 32.75 0.15 34.36
C VAL F 131 31.45 0.88 34.06
N GLY F 132 31.55 2.05 33.43
CA GLY F 132 30.34 2.78 33.05
C GLY F 132 29.52 2.04 32.02
N MET F 133 30.19 1.46 31.02
CA MET F 133 29.47 0.66 30.03
C MET F 133 28.83 -0.57 30.68
N ALA F 134 29.53 -1.21 31.60
CA ALA F 134 28.96 -2.37 32.28
C ALA F 134 27.74 -1.97 33.10
N ALA F 135 27.82 -0.86 33.83
CA ALA F 135 26.69 -0.44 34.64
C ALA F 135 25.51 -0.02 33.78
N ASP F 136 25.77 0.63 32.64
CA ASP F 136 24.68 1.00 31.75
C ASP F 136 24.03 -0.24 31.17
N ALA F 137 24.83 -1.20 30.70
CA ALA F 137 24.28 -2.41 30.11
C ALA F 137 23.62 -3.31 31.14
N MET F 138 23.98 -3.18 32.41
CA MET F 138 23.37 -4.00 33.45
C MET F 138 22.05 -3.44 33.95
N VAL F 139 21.59 -2.32 33.42
CA VAL F 139 20.29 -1.76 33.78
C VAL F 139 19.26 -2.36 32.84
N GLU F 140 18.43 -3.24 33.39
CA GLU F 140 17.47 -4.03 32.63
C GLU F 140 16.08 -3.44 32.90
N ASP F 141 15.44 -2.92 31.87
CA ASP F 141 14.10 -2.35 32.00
C ASP F 141 13.14 -3.43 31.52
N VAL F 142 12.80 -4.33 32.41
CA VAL F 142 12.15 -5.57 32.02
C VAL F 142 10.64 -5.42 32.12
N ASN F 143 9.97 -6.03 31.14
CA ASN F 143 8.52 -6.07 31.03
C ASN F 143 8.13 -7.51 30.77
N TYR F 144 7.37 -8.10 31.70
CA TYR F 144 6.82 -9.44 31.55
C TYR F 144 5.40 -9.33 31.05
N THR F 145 5.12 -9.93 29.90
CA THR F 145 3.78 -9.96 29.33
C THR F 145 3.24 -11.37 29.44
N MET F 146 2.10 -11.52 30.09
CA MET F 146 1.47 -12.81 30.30
C MET F 146 0.12 -12.84 29.60
N ILE F 147 -0.19 -13.97 28.97
CA ILE F 147 -1.45 -14.14 28.27
C ILE F 147 -2.16 -15.33 28.87
N THR F 148 -3.38 -15.10 29.36
CA THR F 148 -4.23 -16.11 29.97
C THR F 148 -5.52 -16.25 29.17
N ASP F 149 -5.91 -17.49 28.91
CA ASP F 149 -7.17 -17.77 28.24
C ASP F 149 -8.18 -18.24 29.27
N VAL F 150 -9.37 -17.64 29.24
CA VAL F 150 -10.44 -17.96 30.18
C VAL F 150 -11.61 -18.50 29.39
N GLN F 151 -12.25 -19.54 29.92
CA GLN F 151 -13.43 -20.13 29.32
C GLN F 151 -14.46 -20.40 30.41
N ILE F 152 -15.52 -19.63 30.42
CA ILE F 152 -16.58 -19.73 31.40
C ILE F 152 -17.68 -20.62 30.82
N ALA F 153 -18.06 -21.65 31.54
CA ALA F 153 -19.16 -22.51 31.14
C ALA F 153 -20.31 -22.31 32.13
N GLU F 154 -21.47 -21.92 31.63
CA GLU F 154 -22.65 -21.68 32.43
C GLU F 154 -23.71 -22.72 32.09
N ARG F 155 -24.24 -23.38 33.11
CA ARG F 155 -25.23 -24.43 32.88
C ARG F 155 -26.60 -23.82 32.70
N THR F 156 -27.27 -24.21 31.62
CA THR F 156 -28.58 -23.68 31.25
C THR F 156 -29.59 -24.80 31.14
N LYS F 157 -30.83 -24.42 30.84
CA LYS F 157 -31.87 -25.37 30.49
C LYS F 157 -32.04 -25.53 29.00
N THR F 158 -31.37 -24.71 28.21
CA THR F 158 -31.44 -24.76 26.76
C THR F 158 -30.52 -25.85 26.24
N GLN F 159 -31.01 -26.64 25.29
CA GLN F 159 -30.16 -27.63 24.64
C GLN F 159 -29.14 -26.94 23.77
N VAL F 160 -27.87 -27.19 24.04
CA VAL F 160 -26.76 -26.58 23.32
C VAL F 160 -26.09 -27.66 22.48
N GLN F 161 -25.96 -27.40 21.19
CA GLN F 161 -25.31 -28.33 20.28
C GLN F 161 -23.90 -27.86 19.99
N THR F 162 -22.91 -28.68 20.31
CA THR F 162 -21.52 -28.38 20.07
C THR F 162 -21.08 -29.12 18.81
N ASP F 163 -20.55 -28.38 17.85
CA ASP F 163 -20.09 -28.94 16.58
C ASP F 163 -18.58 -28.81 16.52
N ASN F 164 -17.88 -29.85 16.95
CA ASN F 164 -16.43 -29.85 16.89
C ASN F 164 -15.98 -29.93 15.45
N VAL F 165 -15.17 -28.97 15.03
CA VAL F 165 -14.62 -28.88 13.68
C VAL F 165 -13.13 -28.58 13.82
N ALA F 166 -12.30 -29.60 13.64
CA ALA F 166 -10.86 -29.46 13.75
C ALA F 166 -10.22 -29.66 12.39
N VAL F 167 -9.42 -28.70 11.96
CA VAL F 167 -8.70 -28.81 10.71
C VAL F 167 -7.23 -29.07 11.00
N LEU F 168 -6.86 -30.33 11.12
CA LEU F 168 -5.50 -30.69 11.49
C LEU F 168 -4.60 -30.60 10.27
N ARG F 169 -3.58 -29.76 10.35
CA ARG F 169 -2.64 -29.63 9.25
C ARG F 169 -1.82 -30.91 9.11
N GLN F 170 -1.53 -31.27 7.86
CA GLN F 170 -0.82 -32.52 7.55
C GLN F 170 0.19 -32.20 6.46
N GLY F 171 1.40 -31.84 6.87
CA GLY F 171 2.55 -31.74 5.99
C GLY F 171 2.39 -30.86 4.77
N THR F 172 2.19 -29.57 4.94
CA THR F 172 2.34 -28.59 3.87
C THR F 172 1.43 -28.84 2.68
N SER F 173 0.64 -29.90 2.73
CA SER F 173 -0.19 -30.25 1.58
C SER F 173 -1.63 -30.53 1.97
N GLY F 174 -1.87 -31.19 3.11
CA GLY F 174 -3.18 -31.72 3.39
C GLY F 174 -3.72 -31.24 4.72
N THR F 175 -4.98 -31.56 4.95
CA THR F 175 -5.63 -31.37 6.23
C THR F 175 -6.53 -32.57 6.49
N LYS F 176 -6.54 -33.03 7.72
CA LYS F 176 -7.53 -33.98 8.18
C LYS F 176 -8.60 -33.20 8.92
N VAL F 177 -9.83 -33.25 8.42
CA VAL F 177 -10.93 -32.48 8.99
C VAL F 177 -11.74 -33.43 9.87
N GLN F 178 -11.70 -33.22 11.17
CA GLN F 178 -12.47 -34.00 12.12
C GLN F 178 -13.72 -33.21 12.47
N THR F 179 -14.87 -33.85 12.39
CA THR F 179 -16.14 -33.23 12.71
C THR F 179 -16.92 -34.15 13.62
N SER F 180 -17.55 -33.57 14.65
CA SER F 180 -18.41 -34.34 15.53
C SER F 180 -19.46 -33.42 16.11
N THR F 181 -20.53 -34.02 16.63
CA THR F 181 -21.64 -33.27 17.19
C THR F 181 -22.00 -33.85 18.55
N GLU F 182 -22.14 -32.98 19.54
CA GLU F 182 -22.57 -33.37 20.86
C GLU F 182 -23.69 -32.44 21.31
N THR F 183 -24.46 -32.90 22.29
CA THR F 183 -25.55 -32.12 22.85
C THR F 183 -25.41 -32.08 24.36
N GLY F 184 -25.49 -30.88 24.92
CA GLY F 184 -25.38 -30.72 26.35
C GLY F 184 -25.94 -29.39 26.78
N ASN F 185 -26.19 -29.26 28.07
CA ASN F 185 -26.75 -28.02 28.64
CA ASN F 185 -26.75 -28.03 28.63
C ASN F 185 -25.64 -27.20 29.29
N GLN F 186 -24.84 -26.56 28.45
CA GLN F 186 -23.77 -25.72 28.96
C GLN F 186 -23.33 -24.76 27.86
N HIS F 187 -23.49 -23.46 28.11
CA HIS F 187 -22.99 -22.45 27.21
C HIS F 187 -21.55 -22.12 27.61
N LYS F 188 -20.64 -22.19 26.65
CA LYS F 188 -19.25 -21.90 26.91
C LYS F 188 -18.87 -20.61 26.18
N TYR F 189 -18.30 -19.66 26.93
CA TYR F 189 -17.83 -18.40 26.39
C TYR F 189 -16.35 -18.28 26.70
N GLN F 190 -15.62 -17.61 25.82
CA GLN F 190 -14.19 -17.45 26.02
C GLN F 190 -13.85 -15.99 26.25
N THR F 191 -12.60 -15.75 26.61
CA THR F 191 -12.05 -14.41 26.74
C THR F 191 -10.56 -14.55 27.01
N ARG F 192 -9.86 -13.43 26.95
CA ARG F 192 -8.42 -13.40 27.13
C ARG F 192 -8.05 -12.29 28.08
N VAL F 193 -7.09 -12.55 28.96
CA VAL F 193 -6.59 -11.56 29.90
C VAL F 193 -5.11 -11.37 29.64
N VAL F 194 -4.70 -10.12 29.45
CA VAL F 194 -3.30 -9.78 29.21
C VAL F 194 -2.77 -9.06 30.44
N SER F 195 -1.71 -9.60 31.02
CA SER F 195 -1.06 -9.03 32.18
C SER F 195 0.30 -8.50 31.80
N ASN F 196 0.72 -7.43 32.48
CA ASN F 196 2.03 -6.83 32.27
C ASN F 196 2.62 -6.51 33.62
N ALA F 197 3.89 -6.82 33.81
CA ALA F 197 4.63 -6.46 35.00
C ALA F 197 5.90 -5.76 34.56
N ASN F 198 6.04 -4.49 34.92
CA ASN F 198 7.15 -3.67 34.45
C ASN F 198 7.96 -3.17 35.63
N LYS F 199 9.28 -3.23 35.51
CA LYS F 199 10.17 -2.66 36.52
C LYS F 199 11.59 -2.71 35.98
N VAL F 200 12.47 -1.98 36.65
CA VAL F 200 13.89 -2.01 36.30
C VAL F 200 14.54 -3.18 37.02
N ASN F 201 15.25 -4.02 36.27
CA ASN F 201 15.89 -5.22 36.81
C ASN F 201 14.89 -6.08 37.56
N LEU F 202 13.70 -6.22 36.99
CA LEU F 202 12.64 -6.97 37.64
C LEU F 202 12.88 -8.47 37.51
N LYS F 203 12.78 -9.18 38.63
CA LYS F 203 12.81 -10.62 38.64
C LYS F 203 11.39 -11.12 38.82
N PHE F 204 11.00 -12.10 38.02
CA PHE F 204 9.60 -12.53 38.01
C PHE F 204 9.07 -12.94 39.39
N PRO F 205 9.80 -13.69 40.23
CA PRO F 205 9.22 -14.07 41.53
C PRO F 205 8.76 -12.89 42.37
N GLU F 206 9.28 -11.70 42.11
CA GLU F 206 8.77 -10.52 42.80
C GLU F 206 7.41 -10.09 42.26
N ALA F 207 7.23 -10.18 40.94
CA ALA F 207 5.98 -9.76 40.32
C ALA F 207 4.91 -10.83 40.36
N GLN F 208 5.26 -12.08 40.66
CA GLN F 208 4.28 -13.16 40.60
C GLN F 208 3.13 -12.99 41.58
N PRO F 209 3.33 -12.65 42.85
CA PRO F 209 2.17 -12.54 43.76
C PRO F 209 1.13 -11.53 43.31
N VAL F 210 1.56 -10.32 42.97
CA VAL F 210 0.61 -9.29 42.54
C VAL F 210 -0.02 -9.65 41.21
N LEU F 211 0.76 -10.26 40.32
CA LEU F 211 0.23 -10.73 39.04
C LEU F 211 -0.91 -11.72 39.26
N GLU F 212 -0.68 -12.71 40.12
CA GLU F 212 -1.73 -13.66 40.44
C GLU F 212 -2.92 -12.98 41.10
N ASP F 213 -2.67 -12.05 42.01
CA ASP F 213 -3.79 -11.38 42.69
C ASP F 213 -4.68 -10.66 41.70
N GLN F 214 -4.08 -9.87 40.82
CA GLN F 214 -4.88 -9.11 39.87
C GLN F 214 -5.59 -10.04 38.89
N LEU F 215 -4.90 -11.06 38.39
CA LEU F 215 -5.53 -11.98 37.45
C LEU F 215 -6.70 -12.72 38.09
N ALA F 216 -6.52 -13.17 39.33
CA ALA F 216 -7.59 -13.86 40.03
C ALA F 216 -8.77 -12.93 40.27
N LYS F 217 -8.51 -11.70 40.67
CA LYS F 217 -9.61 -10.76 40.90
C LYS F 217 -10.38 -10.51 39.62
N SER F 218 -9.68 -10.35 38.50
CA SER F 218 -10.37 -10.12 37.23
C SER F 218 -11.22 -11.32 36.84
N ILE F 219 -10.63 -12.51 36.87
CA ILE F 219 -11.36 -13.71 36.45
C ILE F 219 -12.56 -13.96 37.35
N ALA F 220 -12.41 -13.73 38.66
CA ALA F 220 -13.54 -13.90 39.56
C ALA F 220 -14.59 -12.82 39.33
N ASN F 221 -14.17 -11.60 39.03
CA ASN F 221 -15.11 -10.53 38.77
C ASN F 221 -15.90 -10.74 37.50
N ILE F 222 -15.42 -11.62 36.61
CA ILE F 222 -16.27 -12.05 35.50
C ILE F 222 -17.64 -12.49 36.02
N LEU F 223 -17.66 -13.22 37.13
CA LEU F 223 -18.93 -13.68 37.70
C LEU F 223 -19.72 -12.55 38.33
N GLY F 224 -19.04 -11.49 38.78
CA GLY F 224 -19.72 -10.39 39.43
C GLY F 224 -20.08 -10.71 40.86
N SER F 225 -20.33 -9.68 41.66
CA SER F 225 -20.59 -9.87 43.08
C SER F 225 -21.99 -10.42 43.31
N GLY F 226 -22.21 -11.67 42.94
CA GLY F 226 -23.50 -12.30 43.12
C GLY F 226 -23.76 -12.74 44.54
N CYS G 1 32.08 -0.51 23.70
CA CYS G 1 32.21 -1.63 22.76
C CYS G 1 30.89 -2.37 22.61
N SER G 2 30.41 -2.49 21.38
CA SER G 2 29.17 -3.22 21.13
C SER G 2 29.32 -4.69 21.50
N ALA G 3 30.47 -5.28 21.16
CA ALA G 3 30.72 -6.67 21.49
C ALA G 3 30.73 -6.89 23.00
N MET G 4 31.40 -6.01 23.74
CA MET G 4 31.45 -6.16 25.19
C MET G 4 30.09 -5.89 25.80
N GLY G 5 29.34 -4.94 25.24
CA GLY G 5 28.00 -4.70 25.70
C GLY G 5 27.10 -5.91 25.52
N THR G 6 27.23 -6.60 24.38
CA THR G 6 26.48 -7.82 24.16
C THR G 6 26.93 -8.92 25.12
N ALA G 7 28.24 -9.06 25.33
CA ALA G 7 28.74 -10.10 26.23
C ALA G 7 28.28 -9.85 27.66
N ILE G 8 28.03 -8.59 28.01
CA ILE G 8 27.55 -8.28 29.35
C ILE G 8 26.05 -8.50 29.43
N LYS G 9 25.31 -8.01 28.44
CA LYS G 9 23.86 -8.13 28.44
C LYS G 9 23.43 -9.60 28.52
N LYS G 10 23.79 -10.38 27.52
CA LYS G 10 23.37 -11.77 27.44
C LYS G 10 24.47 -12.69 27.95
N ARG G 11 24.81 -12.54 29.22
CA ARG G 11 25.91 -13.28 29.80
C ARG G 11 25.49 -14.63 30.35
N ASN G 12 24.21 -14.83 30.64
CA ASN G 12 23.71 -16.09 31.15
C ASN G 12 22.58 -16.60 30.26
N LEU G 13 22.45 -17.92 30.21
CA LEU G 13 21.51 -18.55 29.30
C LEU G 13 20.08 -18.14 29.63
N GLU G 14 19.34 -17.76 28.59
CA GLU G 14 17.94 -17.33 28.75
C GLU G 14 17.07 -18.19 27.85
N VAL G 15 16.17 -18.97 28.45
CA VAL G 15 15.34 -19.91 27.73
C VAL G 15 13.89 -19.51 27.90
N LYS G 16 13.18 -19.39 26.77
CA LYS G 16 11.77 -19.08 26.74
C LYS G 16 11.02 -20.18 26.02
N THR G 17 9.79 -20.45 26.45
CA THR G 17 8.97 -21.51 25.88
C THR G 17 7.53 -21.04 25.86
N GLN G 18 6.97 -20.84 24.67
CA GLN G 18 5.64 -20.25 24.54
C GLN G 18 4.76 -21.14 23.69
N MET G 19 3.68 -21.64 24.30
CA MET G 19 2.65 -22.34 23.55
C MET G 19 1.88 -21.38 22.67
N SER G 20 1.45 -21.85 21.50
CA SER G 20 0.77 -20.96 20.57
C SER G 20 -0.64 -20.63 21.04
N GLU G 21 -1.49 -21.65 21.19
CA GLU G 21 -2.85 -21.46 21.66
C GLU G 21 -3.21 -22.55 22.64
N THR G 22 -4.34 -22.37 23.32
CA THR G 22 -4.78 -23.25 24.38
C THR G 22 -5.62 -24.38 23.82
N ILE G 23 -5.34 -25.59 24.29
CA ILE G 23 -6.17 -26.76 23.99
C ILE G 23 -7.02 -27.04 25.22
N TRP G 24 -8.33 -26.89 25.08
CA TRP G 24 -9.24 -27.09 26.20
C TRP G 24 -9.64 -28.55 26.28
N LEU G 25 -9.48 -29.14 27.45
CA LEU G 25 -9.85 -30.53 27.69
C LEU G 25 -10.91 -30.57 28.78
N GLU G 26 -11.95 -31.35 28.56
CA GLU G 26 -12.99 -31.49 29.56
C GLU G 26 -12.44 -32.25 30.77
N PRO G 27 -12.96 -31.98 31.96
CA PRO G 27 -12.60 -32.80 33.13
C PRO G 27 -12.93 -34.26 32.87
N SER G 28 -11.95 -35.12 33.13
CA SER G 28 -12.08 -36.53 32.77
C SER G 28 -11.41 -37.38 33.84
N ASN G 29 -11.80 -38.65 33.85
CA ASN G 29 -11.21 -39.63 34.75
C ASN G 29 -10.14 -40.48 34.08
N ASN G 30 -9.80 -40.18 32.82
CA ASN G 30 -8.75 -40.93 32.14
C ASN G 30 -7.43 -40.71 32.83
N LYS G 31 -6.64 -41.79 32.94
CA LYS G 31 -5.33 -41.72 33.55
C LYS G 31 -4.22 -42.25 32.66
N THR G 32 -4.55 -42.82 31.50
CA THR G 32 -3.56 -43.43 30.64
C THR G 32 -3.19 -42.47 29.52
N VAL G 33 -1.89 -42.33 29.28
CA VAL G 33 -1.35 -41.45 28.25
C VAL G 33 -0.39 -42.24 27.39
N TYR G 34 -0.47 -42.07 26.08
CA TYR G 34 0.46 -42.68 25.14
C TYR G 34 1.27 -41.58 24.48
N LEU G 35 2.59 -41.70 24.55
CA LEU G 35 3.50 -40.68 24.04
C LEU G 35 4.11 -41.11 22.72
N GLN G 36 4.11 -40.20 21.75
CA GLN G 36 4.78 -40.42 20.47
C GLN G 36 5.55 -39.14 20.15
N ILE G 37 6.84 -39.15 20.45
CA ILE G 37 7.69 -37.97 20.31
C ILE G 37 8.69 -38.23 19.20
N LYS G 38 8.73 -37.32 18.22
CA LYS G 38 9.62 -37.43 17.09
C LYS G 38 10.44 -36.14 16.97
N ASN G 39 11.55 -36.22 16.25
CA ASN G 39 12.46 -35.09 16.12
C ASN G 39 12.97 -35.06 14.69
N THR G 40 12.40 -34.19 13.87
CA THR G 40 12.86 -33.99 12.51
C THR G 40 13.74 -32.76 12.37
N SER G 41 14.41 -32.35 13.44
CA SER G 41 15.29 -31.20 13.42
C SER G 41 16.74 -31.65 13.49
N ASP G 42 17.64 -30.78 13.07
CA ASP G 42 19.06 -31.09 13.11
C ASP G 42 19.60 -31.15 14.53
N LYS G 43 18.96 -30.48 15.47
CA LYS G 43 19.40 -30.52 16.85
C LYS G 43 18.97 -31.83 17.50
N ASP G 44 19.50 -32.09 18.68
CA ASP G 44 19.27 -33.34 19.39
C ASP G 44 18.47 -33.06 20.65
N MET G 45 17.27 -33.64 20.71
CA MET G 45 16.49 -33.71 21.96
C MET G 45 16.11 -35.17 22.16
N SER G 46 17.03 -35.93 22.75
CA SER G 46 16.77 -37.35 22.99
C SER G 46 16.08 -37.59 24.33
N GLY G 47 16.31 -36.72 25.30
CA GLY G 47 15.69 -36.86 26.59
C GLY G 47 14.34 -36.23 26.72
N LEU G 48 13.79 -35.68 25.64
CA LEU G 48 12.50 -35.00 25.72
C LEU G 48 11.38 -35.98 26.02
N GLN G 49 11.41 -37.16 25.41
CA GLN G 49 10.34 -38.13 25.60
C GLN G 49 10.29 -38.60 27.04
N ALA G 50 11.45 -38.90 27.62
CA ALA G 50 11.49 -39.33 29.01
C ALA G 50 11.08 -38.22 29.96
N LYS G 51 11.47 -36.98 29.65
CA LYS G 51 11.07 -35.87 30.50
C LYS G 51 9.56 -35.63 30.45
N ILE G 52 8.97 -35.75 29.26
CA ILE G 52 7.51 -35.66 29.14
C ILE G 52 6.85 -36.76 29.94
N ALA G 53 7.38 -37.98 29.85
CA ALA G 53 6.80 -39.09 30.61
C ALA G 53 6.87 -38.82 32.10
N SER G 54 8.01 -38.32 32.58
CA SER G 54 8.16 -38.04 34.00
C SER G 54 7.22 -36.94 34.45
N ALA G 55 7.11 -35.87 33.67
CA ALA G 55 6.22 -34.78 34.04
C ALA G 55 4.77 -35.22 34.05
N VAL G 56 4.38 -36.04 33.07
CA VAL G 56 3.01 -36.55 33.03
C VAL G 56 2.73 -37.46 34.23
N THR G 57 3.68 -38.34 34.56
CA THR G 57 3.49 -39.21 35.71
C THR G 57 3.42 -38.42 37.00
N SER G 58 4.11 -37.28 37.08
CA SER G 58 4.03 -36.45 38.27
C SER G 58 2.63 -35.92 38.52
N LYS G 59 1.79 -35.83 37.49
CA LYS G 59 0.44 -35.31 37.62
C LYS G 59 -0.58 -36.37 37.95
N GLY G 60 -0.17 -37.62 38.12
CA GLY G 60 -1.09 -38.69 38.42
C GLY G 60 -1.45 -39.55 37.23
N TYR G 61 -1.12 -39.13 36.02
CA TYR G 61 -1.38 -39.95 34.86
C TYR G 61 -0.42 -41.13 34.81
N GLN G 62 -0.76 -42.11 33.98
CA GLN G 62 0.05 -43.31 33.81
C GLN G 62 0.37 -43.45 32.33
N VAL G 63 1.66 -43.52 32.01
CA VAL G 63 2.10 -43.62 30.63
C VAL G 63 2.04 -45.08 30.20
N VAL G 64 1.36 -45.35 29.10
CA VAL G 64 1.18 -46.70 28.60
C VAL G 64 1.81 -46.80 27.22
N SER G 65 2.11 -48.03 26.82
CA SER G 65 2.74 -48.30 25.54
C SER G 65 1.74 -48.79 24.50
N ASN G 66 0.47 -48.90 24.84
CA ASN G 66 -0.54 -49.38 23.90
C ASN G 66 -1.38 -48.22 23.42
N PRO G 67 -1.22 -47.76 22.18
CA PRO G 67 -1.99 -46.59 21.73
C PRO G 67 -3.49 -46.82 21.70
N ASP G 68 -3.93 -48.07 21.56
CA ASP G 68 -5.36 -48.33 21.39
C ASP G 68 -6.13 -48.13 22.68
N THR G 69 -5.53 -48.50 23.82
CA THR G 69 -6.20 -48.42 25.11
C THR G 69 -5.70 -47.26 25.94
N ALA G 70 -5.39 -46.12 25.31
CA ALA G 70 -4.91 -44.94 26.01
C ALA G 70 -5.95 -43.84 25.90
N GLY G 71 -6.34 -43.29 27.04
CA GLY G 71 -7.31 -42.21 27.04
C GLY G 71 -6.80 -40.97 26.34
N TYR G 72 -5.51 -40.68 26.50
CA TYR G 72 -4.89 -39.52 25.90
C TYR G 72 -3.72 -39.95 25.03
N TRP G 73 -3.50 -39.22 23.95
CA TRP G 73 -2.29 -39.31 23.16
C TRP G 73 -1.58 -37.97 23.21
N ILE G 74 -0.29 -37.99 23.48
CA ILE G 74 0.54 -36.81 23.32
C ILE G 74 1.46 -37.12 22.15
N GLN G 75 1.17 -36.51 21.01
CA GLN G 75 1.98 -36.67 19.81
C GLN G 75 2.73 -35.35 19.62
N ALA G 76 4.04 -35.40 19.71
CA ALA G 76 4.86 -34.21 19.60
C ALA G 76 5.94 -34.43 18.55
N ASN G 77 6.26 -33.37 17.82
CA ASN G 77 7.31 -33.41 16.82
C ASN G 77 8.13 -32.15 16.96
N VAL G 78 9.42 -32.32 17.27
CA VAL G 78 10.32 -31.17 17.30
C VAL G 78 10.64 -30.87 15.86
N LEU G 79 9.82 -30.02 15.24
CA LEU G 79 9.84 -29.90 13.79
C LEU G 79 11.09 -29.17 13.29
N LYS G 80 11.41 -28.04 13.90
CA LYS G 80 12.42 -27.17 13.32
C LYS G 80 13.34 -26.62 14.40
N ALA G 81 14.53 -26.24 13.97
CA ALA G 81 15.47 -25.54 14.83
C ALA G 81 16.39 -24.69 13.95
N ASP G 82 16.49 -23.42 14.31
CA ASP G 82 17.31 -22.45 13.59
C ASP G 82 18.25 -21.77 14.58
N LYS G 83 19.40 -21.36 14.10
CA LYS G 83 20.37 -20.61 14.89
C LYS G 83 20.67 -19.31 14.19
N MET G 84 20.58 -18.20 14.92
CA MET G 84 20.89 -16.91 14.33
C MET G 84 21.71 -16.08 15.29
N ASP G 85 22.38 -15.07 14.75
CA ASP G 85 23.07 -14.07 15.54
C ASP G 85 22.25 -12.79 15.53
N LEU G 86 21.88 -12.32 16.73
CA LEU G 86 21.05 -11.13 16.82
C LEU G 86 21.84 -9.86 16.56
N ARG G 87 23.15 -9.87 16.80
CA ARG G 87 23.97 -8.70 16.52
C ARG G 87 23.90 -8.30 15.05
N GLU G 88 23.72 -9.29 14.16
CA GLU G 88 23.65 -8.99 12.74
C GLU G 88 22.40 -8.20 12.38
N SER G 89 21.44 -8.09 13.30
CA SER G 89 20.30 -7.21 13.08
C SER G 89 20.72 -5.74 13.08
N GLN G 90 21.92 -5.43 13.58
CA GLN G 90 22.45 -4.07 13.58
C GLN G 90 23.26 -3.75 12.33
N GLY G 91 23.34 -4.68 11.39
CA GLY G 91 24.14 -4.45 10.19
C GLY G 91 25.61 -4.32 10.50
N TRP G 92 26.18 -3.15 10.21
CA TRP G 92 27.59 -2.87 10.50
C TRP G 92 27.75 -2.60 11.99
N LEU G 93 28.98 -2.30 12.42
CA LEU G 93 29.37 -2.36 13.84
C LEU G 93 29.14 -3.74 14.44
N SER G 94 29.08 -4.76 13.58
CA SER G 94 28.95 -6.14 14.04
C SER G 94 29.86 -7.09 13.29
N ARG G 95 30.64 -6.61 12.32
CA ARG G 95 31.60 -7.42 11.59
C ARG G 95 33.02 -7.20 12.08
N GLY G 96 33.21 -6.41 13.13
CA GLY G 96 34.52 -6.15 13.70
C GLY G 96 35.09 -4.79 13.38
N TYR G 97 34.34 -3.91 12.71
CA TYR G 97 34.85 -2.58 12.41
C TYR G 97 35.24 -1.84 13.68
N GLU G 98 34.26 -1.61 14.56
CA GLU G 98 34.53 -0.89 15.80
C GLU G 98 35.50 -1.66 16.69
N GLY G 99 35.49 -2.99 16.63
CA GLY G 99 36.47 -3.77 17.36
C GLY G 99 37.87 -3.62 16.78
N ALA G 100 37.97 -3.33 15.48
CA ALA G 100 39.28 -3.05 14.89
C ALA G 100 39.76 -1.66 15.29
N VAL G 101 38.85 -0.68 15.26
CA VAL G 101 39.21 0.69 15.66
C VAL G 101 39.68 0.72 17.11
N THR G 102 38.94 0.05 17.99
CA THR G 102 39.35 -0.11 19.38
C THR G 102 40.42 -1.18 19.39
N GLY G 103 41.67 -0.75 19.30
CA GLY G 103 42.79 -1.65 19.16
C GLY G 103 43.75 -1.09 18.14
N ALA G 104 43.23 -0.51 17.06
CA ALA G 104 44.05 0.38 16.25
C ALA G 104 44.44 1.61 17.07
N ALA G 105 43.49 2.15 17.82
CA ALA G 105 43.81 3.22 18.76
C ALA G 105 44.73 2.74 19.86
N LEU G 106 44.51 1.53 20.39
CA LEU G 106 45.36 1.01 21.45
C LEU G 106 46.76 0.70 20.97
N GLY G 107 46.96 0.57 19.65
CA GLY G 107 48.31 0.43 19.14
C GLY G 107 49.14 1.69 19.29
N ALA G 108 48.48 2.84 19.42
CA ALA G 108 49.19 4.07 19.75
C ALA G 108 49.70 4.06 21.18
N GLY G 109 49.27 3.11 21.99
CA GLY G 109 49.79 2.95 23.34
C GLY G 109 51.22 2.44 23.40
N ILE G 110 51.90 2.37 22.25
CA ILE G 110 53.32 2.06 22.21
C ILE G 110 54.17 3.27 21.85
N THR G 111 53.59 4.29 21.22
CA THR G 111 54.34 5.50 20.89
C THR G 111 54.79 6.23 22.15
N ALA G 112 53.87 6.39 23.11
CA ALA G 112 54.19 7.04 24.37
C ALA G 112 54.92 6.11 25.33
N TYR G 113 55.44 4.98 24.86
CA TYR G 113 56.12 4.02 25.71
C TYR G 113 57.45 3.66 25.06
N ASN G 114 58.10 2.63 25.58
CA ASN G 114 59.51 2.26 25.35
C ASN G 114 59.90 2.51 23.89
N SER G 115 59.27 1.88 22.92
CA SER G 115 59.68 2.02 21.52
C SER G 115 58.65 2.81 20.74
N SER G 116 59.09 3.94 20.17
CA SER G 116 58.26 4.79 19.34
C SER G 116 58.72 4.76 17.88
N SER G 117 59.43 3.71 17.48
CA SER G 117 59.87 3.58 16.10
C SER G 117 58.67 3.50 15.17
N ALA G 118 58.70 4.26 14.07
CA ALA G 118 57.55 4.37 13.19
C ALA G 118 57.15 3.02 12.64
N GLY G 119 58.12 2.23 12.18
CA GLY G 119 57.82 0.88 11.74
C GLY G 119 57.29 0.02 12.87
N ALA G 120 57.91 0.10 14.04
CA ALA G 120 57.48 -0.71 15.17
C ALA G 120 56.07 -0.32 15.62
N THR G 121 55.80 0.97 15.73
CA THR G 121 54.47 1.39 16.17
C THR G 121 53.42 1.03 15.13
N LEU G 122 53.75 1.16 13.84
CA LEU G 122 52.80 0.79 12.80
C LEU G 122 52.50 -0.71 12.87
N GLY G 123 53.53 -1.53 13.04
CA GLY G 123 53.31 -2.96 13.10
C GLY G 123 52.50 -3.37 14.32
N VAL G 124 52.83 -2.81 15.48
CA VAL G 124 52.10 -3.16 16.70
C VAL G 124 50.66 -2.67 16.62
N GLY G 125 50.45 -1.47 16.08
CA GLY G 125 49.10 -0.98 15.91
C GLY G 125 48.28 -1.84 14.96
N LEU G 126 48.90 -2.28 13.86
CA LEU G 126 48.19 -3.14 12.93
C LEU G 126 47.85 -4.48 13.56
N ALA G 127 48.80 -5.08 14.29
CA ALA G 127 48.52 -6.34 14.96
C ALA G 127 47.43 -6.19 16.00
N ALA G 128 47.46 -5.10 16.76
CA ALA G 128 46.43 -4.87 17.77
C ALA G 128 45.06 -4.64 17.13
N GLY G 129 45.01 -3.92 16.02
CA GLY G 129 43.75 -3.74 15.32
C GLY G 129 43.21 -5.04 14.78
N LEU G 130 44.09 -5.89 14.24
CA LEU G 130 43.66 -7.20 13.77
C LEU G 130 43.12 -8.05 14.90
N VAL G 131 43.81 -8.04 16.05
CA VAL G 131 43.36 -8.83 17.19
C VAL G 131 42.04 -8.30 17.72
N GLY G 132 41.88 -6.98 17.73
CA GLY G 132 40.62 -6.40 18.18
C GLY G 132 39.46 -6.76 17.27
N MET G 133 39.69 -6.70 15.96
CA MET G 133 38.66 -7.09 15.00
C MET G 133 38.32 -8.57 15.15
N ALA G 134 39.33 -9.41 15.35
CA ALA G 134 39.08 -10.83 15.53
C ALA G 134 38.27 -11.09 16.79
N ALA G 135 38.62 -10.42 17.90
CA ALA G 135 37.89 -10.63 19.14
C ALA G 135 36.46 -10.10 19.04
N ASP G 136 36.26 -8.97 18.37
CA ASP G 136 34.91 -8.46 18.20
C ASP G 136 34.08 -9.40 17.34
N ALA G 137 34.65 -9.88 16.23
CA ALA G 137 33.92 -10.78 15.34
C ALA G 137 33.71 -12.16 15.96
N MET G 138 34.52 -12.54 16.93
CA MET G 138 34.37 -13.82 17.59
C MET G 138 33.33 -13.81 18.70
N VAL G 139 32.72 -12.67 18.97
CA VAL G 139 31.65 -12.58 19.96
C VAL G 139 30.35 -12.85 19.24
N GLU G 140 29.79 -14.03 19.50
CA GLU G 140 28.60 -14.52 18.83
C GLU G 140 27.45 -14.41 19.80
N ASP G 141 26.43 -13.63 19.45
CA ASP G 141 25.25 -13.48 20.30
C ASP G 141 24.19 -14.38 19.69
N VAL G 142 24.17 -15.63 20.10
CA VAL G 142 23.43 -16.66 19.39
C VAL G 142 22.08 -16.86 20.05
N ASN G 143 21.09 -17.10 19.19
CA ASN G 143 19.71 -17.36 19.56
C ASN G 143 19.25 -18.58 18.78
N TYR G 144 18.88 -19.63 19.51
CA TYR G 144 18.34 -20.85 18.94
C TYR G 144 16.83 -20.80 19.05
N THR G 145 16.15 -20.90 17.92
CA THR G 145 14.69 -20.93 17.87
C THR G 145 14.26 -22.34 17.48
N MET G 146 13.38 -22.93 18.26
CA MET G 146 12.90 -24.27 18.04
C MET G 146 11.38 -24.27 17.90
N ILE G 147 10.89 -25.01 16.92
CA ILE G 147 9.45 -25.12 16.67
C ILE G 147 9.06 -26.56 16.88
N THR G 148 8.12 -26.78 17.80
CA THR G 148 7.58 -28.09 18.12
C THR G 148 6.10 -28.11 17.83
N ASP G 149 5.64 -29.18 17.17
CA ASP G 149 4.22 -29.37 16.90
C ASP G 149 3.68 -30.41 17.86
N VAL G 150 2.56 -30.09 18.51
CA VAL G 150 1.94 -30.98 19.47
C VAL G 150 0.56 -31.33 18.97
N GLN G 151 0.18 -32.60 19.11
CA GLN G 151 -1.14 -33.07 18.72
C GLN G 151 -1.67 -33.98 19.82
N ILE G 152 -2.67 -33.51 20.54
CA ILE G 152 -3.28 -34.22 21.65
C ILE G 152 -4.50 -34.95 21.13
N ALA G 153 -4.59 -36.24 21.39
CA ALA G 153 -5.77 -37.03 21.04
C ALA G 153 -6.46 -37.48 22.30
N GLU G 154 -7.74 -37.13 22.42
CA GLU G 154 -8.56 -37.47 23.56
C GLU G 154 -9.63 -38.46 23.13
N ARG G 155 -9.69 -39.61 23.80
CA ARG G 155 -10.66 -40.63 23.46
C ARG G 155 -12.01 -40.27 24.05
N THR G 156 -13.04 -40.26 23.22
CA THR G 156 -14.38 -39.87 23.61
C THR G 156 -15.37 -40.99 23.31
N LYS G 157 -16.63 -40.76 23.68
CA LYS G 157 -17.71 -41.65 23.30
C LYS G 157 -18.44 -41.16 22.06
N THR G 158 -18.13 -39.95 21.60
CA THR G 158 -18.75 -39.38 20.42
C THR G 158 -18.08 -39.93 19.17
N GLN G 159 -18.89 -40.31 18.18
CA GLN G 159 -18.34 -40.73 16.90
C GLN G 159 -17.73 -39.53 16.19
N VAL G 160 -16.46 -39.65 15.83
CA VAL G 160 -15.73 -38.58 15.16
C VAL G 160 -15.41 -39.03 13.75
N GLN G 161 -15.79 -38.23 12.77
CA GLN G 161 -15.52 -38.52 11.38
C GLN G 161 -14.34 -37.71 10.91
N THR G 162 -13.30 -38.39 10.43
CA THR G 162 -12.09 -37.77 9.92
C THR G 162 -12.13 -37.80 8.40
N ASP G 163 -12.08 -36.62 7.78
CA ASP G 163 -12.10 -36.49 6.33
C ASP G 163 -10.71 -36.05 5.88
N ASN G 164 -9.90 -37.02 5.48
CA ASN G 164 -8.57 -36.70 4.97
C ASN G 164 -8.71 -36.06 3.60
N VAL G 165 -8.11 -34.89 3.45
CA VAL G 165 -8.12 -34.12 2.20
C VAL G 165 -6.70 -33.64 1.96
N ALA G 166 -5.98 -34.31 1.08
CA ALA G 166 -4.61 -33.96 0.75
C ALA G 166 -4.53 -33.42 -0.66
N VAL G 167 -3.98 -32.22 -0.83
CA VAL G 167 -3.79 -31.64 -2.14
C VAL G 167 -2.33 -31.71 -2.51
N LEU G 168 -1.92 -32.80 -3.14
CA LEU G 168 -0.52 -33.02 -3.47
C LEU G 168 -0.15 -32.25 -4.72
N ARG G 169 0.81 -31.32 -4.59
CA ARG G 169 1.26 -30.57 -5.74
C ARG G 169 1.96 -31.49 -6.73
N GLN G 170 1.73 -31.25 -8.02
CA GLN G 170 2.29 -32.08 -9.09
C GLN G 170 2.82 -31.13 -10.16
N GLY G 171 4.09 -30.76 -10.04
CA GLY G 171 4.83 -30.08 -11.09
C GLY G 171 4.22 -28.81 -11.62
N THR G 172 4.10 -27.78 -10.78
CA THR G 172 3.84 -26.42 -11.23
C THR G 172 2.55 -26.28 -12.03
N SER G 173 1.85 -27.36 -12.25
CA SER G 173 0.65 -27.33 -13.08
C SER G 173 -0.55 -28.00 -12.44
N GLY G 174 -0.35 -29.10 -11.73
CA GLY G 174 -1.46 -29.92 -11.31
C GLY G 174 -1.45 -30.19 -9.82
N THR G 175 -2.51 -30.84 -9.37
CA THR G 175 -2.62 -31.36 -8.02
C THR G 175 -3.34 -32.69 -8.10
N LYS G 176 -2.88 -33.64 -7.31
CA LYS G 176 -3.62 -34.87 -7.05
C LYS G 176 -4.34 -34.70 -5.72
N VAL G 177 -5.66 -34.76 -5.75
CA VAL G 177 -6.46 -34.54 -4.55
C VAL G 177 -6.88 -35.90 -4.04
N GLN G 178 -6.36 -36.27 -2.87
CA GLN G 178 -6.71 -37.52 -2.22
C GLN G 178 -7.73 -37.22 -1.14
N THR G 179 -8.83 -37.96 -1.14
CA THR G 179 -9.88 -37.78 -0.15
C THR G 179 -10.26 -39.14 0.41
N SER G 180 -10.43 -39.20 1.72
CA SER G 180 -10.87 -40.44 2.35
C SER G 180 -11.64 -40.08 3.62
N THR G 181 -12.42 -41.04 4.10
CA THR G 181 -13.24 -40.85 5.29
C THR G 181 -13.05 -42.01 6.24
N GLU G 182 -12.79 -41.69 7.50
CA GLU G 182 -12.69 -42.70 8.55
C GLU G 182 -13.59 -42.29 9.71
N THR G 183 -13.91 -43.27 10.55
CA THR G 183 -14.72 -43.02 11.73
C THR G 183 -14.03 -43.62 12.94
N GLY G 184 -13.90 -42.83 14.00
CA GLY G 184 -13.26 -43.31 15.21
C GLY G 184 -13.62 -42.42 16.37
N ASN G 185 -13.35 -42.92 17.57
CA ASN G 185 -13.66 -42.21 18.80
CA ASN G 185 -13.67 -42.20 18.79
C ASN G 185 -12.40 -41.56 19.36
N GLN G 186 -11.99 -40.47 18.72
CA GLN G 186 -10.81 -39.75 19.17
C GLN G 186 -10.82 -38.35 18.59
N HIS G 187 -10.89 -37.35 19.46
CA HIS G 187 -10.77 -35.97 19.05
C HIS G 187 -9.30 -35.59 19.06
N LYS G 188 -8.82 -35.06 17.95
CA LYS G 188 -7.42 -34.65 17.84
C LYS G 188 -7.36 -33.13 17.74
N TYR G 189 -6.56 -32.52 18.61
CA TYR G 189 -6.33 -31.09 18.63
C TYR G 189 -4.85 -30.85 18.43
N GLN G 190 -4.51 -29.72 17.84
CA GLN G 190 -3.12 -29.40 17.58
C GLN G 190 -2.73 -28.15 18.35
N THR G 191 -1.43 -27.87 18.34
CA THR G 191 -0.88 -26.65 18.90
C THR G 191 0.60 -26.61 18.56
N ARG G 192 1.21 -25.47 18.81
CA ARG G 192 2.61 -25.25 18.48
C ARG G 192 3.31 -24.61 19.66
N VAL G 193 4.53 -25.05 19.93
CA VAL G 193 5.35 -24.50 21.00
C VAL G 193 6.62 -23.94 20.38
N VAL G 194 6.93 -22.70 20.71
CA VAL G 194 8.11 -22.02 20.21
C VAL G 194 9.07 -21.84 21.38
N SER G 195 10.27 -22.37 21.23
CA SER G 195 11.31 -22.26 22.24
C SER G 195 12.43 -21.37 21.74
N ASN G 196 13.06 -20.65 22.66
CA ASN G 196 14.18 -19.79 22.35
C ASN G 196 15.25 -20.00 23.41
N ALA G 197 16.50 -20.10 22.98
CA ALA G 197 17.64 -20.18 23.89
C ALA G 197 18.65 -19.12 23.44
N ASN G 198 18.90 -18.14 24.28
CA ASN G 198 19.74 -17.00 23.92
C ASN G 198 20.93 -16.93 24.87
N LYS G 199 22.11 -16.69 24.30
CA LYS G 199 23.31 -16.47 25.10
C LYS G 199 24.41 -16.00 24.17
N VAL G 200 25.48 -15.48 24.76
CA VAL G 200 26.66 -15.10 24.00
C VAL G 200 27.53 -16.33 23.80
N ASN G 201 27.90 -16.60 22.55
CA ASN G 201 28.70 -17.76 22.20
C ASN G 201 28.07 -19.04 22.73
N LEU G 202 26.75 -19.13 22.60
CA LEU G 202 26.03 -20.28 23.14
C LEU G 202 26.22 -21.49 22.23
N LYS G 203 26.57 -22.62 22.85
CA LYS G 203 26.62 -23.89 22.16
C LYS G 203 25.38 -24.68 22.54
N PHE G 204 24.71 -25.26 21.54
CA PHE G 204 23.42 -25.91 21.79
C PHE G 204 23.46 -26.97 22.89
N PRO G 205 24.47 -27.85 22.98
CA PRO G 205 24.41 -28.87 24.04
C PRO G 205 24.30 -28.31 25.43
N GLU G 206 24.67 -27.05 25.65
CA GLU G 206 24.44 -26.43 26.94
C GLU G 206 22.98 -26.07 27.13
N ALA G 207 22.33 -25.57 26.09
CA ALA G 207 20.93 -25.16 26.18
C ALA G 207 19.96 -26.32 26.06
N GLN G 208 20.41 -27.48 25.60
CA GLN G 208 19.49 -28.59 25.36
C GLN G 208 18.79 -29.08 26.63
N PRO G 209 19.47 -29.30 27.75
CA PRO G 209 18.74 -29.83 28.93
C PRO G 209 17.60 -28.93 29.38
N VAL G 210 17.85 -27.63 29.54
CA VAL G 210 16.80 -26.73 30.00
C VAL G 210 15.71 -26.58 28.94
N LEU G 211 16.10 -26.58 27.67
CA LEU G 211 15.12 -26.52 26.59
C LEU G 211 14.17 -27.70 26.67
N GLU G 212 14.71 -28.91 26.83
CA GLU G 212 13.87 -30.10 26.98
C GLU G 212 13.01 -30.01 28.23
N ASP G 213 13.58 -29.54 29.34
CA ASP G 213 12.83 -29.47 30.58
C ASP G 213 11.61 -28.57 30.43
N GLN G 214 11.82 -27.36 29.89
CA GLN G 214 10.72 -26.43 29.74
C GLN G 214 9.69 -26.94 28.74
N LEU G 215 10.14 -27.51 27.62
CA LEU G 215 9.21 -28.00 26.62
C LEU G 215 8.38 -29.15 27.18
N ALA G 216 9.02 -30.07 27.90
CA ALA G 216 8.29 -31.18 28.50
C ALA G 216 7.29 -30.69 29.54
N LYS G 217 7.69 -29.72 30.36
CA LYS G 217 6.76 -29.20 31.35
C LYS G 217 5.54 -28.57 30.70
N SER G 218 5.76 -27.80 29.63
CA SER G 218 4.63 -27.17 28.95
C SER G 218 3.71 -28.20 28.32
N ILE G 219 4.27 -29.17 27.60
CA ILE G 219 3.45 -30.17 26.93
C ILE G 219 2.68 -31.00 27.94
N ALA G 220 3.32 -31.36 29.05
CA ALA G 220 2.61 -32.11 30.08
C ALA G 220 1.55 -31.25 30.75
N ASN G 221 1.82 -29.97 30.96
CA ASN G 221 0.85 -29.08 31.58
C ASN G 221 -0.37 -28.86 30.70
N ILE G 222 -0.27 -29.17 29.41
CA ILE G 222 -1.46 -29.20 28.57
C ILE G 222 -2.53 -30.07 29.23
N LEU G 223 -2.12 -31.22 29.80
CA LEU G 223 -3.06 -32.11 30.44
C LEU G 223 -3.55 -31.56 31.77
N GLY G 224 -2.80 -30.67 32.39
CA GLY G 224 -3.19 -30.11 33.67
C GLY G 224 -2.98 -31.08 34.82
N SER G 225 -2.87 -30.57 36.03
CA SER G 225 -2.57 -31.41 37.19
C SER G 225 -3.78 -32.24 37.60
N GLY G 226 -4.15 -33.20 36.77
CA GLY G 226 -5.27 -34.07 37.06
C GLY G 226 -4.93 -35.17 38.03
N CYS H 1 38.63 -4.90 8.44
CA CYS H 1 38.42 -5.43 7.10
C CYS H 1 37.13 -6.26 7.05
N SER H 2 36.25 -5.92 6.11
CA SER H 2 35.02 -6.69 5.94
C SER H 2 35.32 -8.12 5.51
N ALA H 3 36.28 -8.29 4.60
CA ALA H 3 36.67 -9.61 4.14
C ALA H 3 37.24 -10.43 5.29
N MET H 4 38.12 -9.83 6.09
CA MET H 4 38.70 -10.54 7.22
C MET H 4 37.64 -10.85 8.27
N GLY H 5 36.71 -9.92 8.48
CA GLY H 5 35.62 -10.17 9.41
C GLY H 5 34.75 -11.33 8.97
N THR H 6 34.46 -11.42 7.67
CA THR H 6 33.72 -12.56 7.15
C THR H 6 34.51 -13.85 7.29
N ALA H 7 35.80 -13.82 6.96
CA ALA H 7 36.60 -15.03 7.06
C ALA H 7 36.73 -15.51 8.49
N ILE H 8 36.63 -14.60 9.45
CA ILE H 8 36.67 -14.99 10.86
C ILE H 8 35.32 -15.52 11.31
N LYS H 9 34.25 -14.78 10.98
CA LYS H 9 32.90 -15.17 11.39
C LYS H 9 32.56 -16.57 10.90
N LYS H 10 32.54 -16.76 9.59
CA LYS H 10 32.13 -18.02 8.99
C LYS H 10 33.35 -18.86 8.60
N ARG H 11 34.15 -19.21 9.60
CA ARG H 11 35.40 -19.91 9.34
C ARG H 11 35.22 -21.42 9.28
N ASN H 12 34.13 -21.95 9.83
CA ASN H 12 33.88 -23.38 9.79
C ASN H 12 32.50 -23.64 9.21
N LEU H 13 32.36 -24.82 8.60
CA LEU H 13 31.14 -25.15 7.87
C LEU H 13 29.94 -25.20 8.81
N GLU H 14 28.87 -24.53 8.40
CA GLU H 14 27.64 -24.50 9.20
C GLU H 14 26.49 -25.02 8.34
N VAL H 15 25.89 -26.13 8.77
CA VAL H 15 24.85 -26.80 8.01
C VAL H 15 23.56 -26.79 8.81
N LYS H 16 22.49 -26.32 8.20
CA LYS H 16 21.16 -26.28 8.78
C LYS H 16 20.21 -27.09 7.91
N THR H 17 19.25 -27.75 8.55
CA THR H 17 18.28 -28.58 7.85
C THR H 17 16.93 -28.43 8.53
N GLN H 18 15.97 -27.82 7.85
CA GLN H 18 14.69 -27.49 8.47
C GLN H 18 13.56 -28.07 7.64
N MET H 19 12.77 -28.95 8.26
CA MET H 19 11.55 -29.44 7.65
C MET H 19 10.48 -28.36 7.67
N SER H 20 9.66 -28.33 6.62
CA SER H 20 8.65 -27.27 6.52
C SER H 20 7.52 -27.48 7.51
N GLU H 21 6.83 -28.61 7.43
CA GLU H 21 5.72 -28.92 8.32
C GLU H 21 5.80 -30.37 8.74
N THR H 22 5.00 -30.70 9.76
CA THR H 22 5.01 -32.03 10.35
C THR H 22 4.02 -32.94 9.65
N ILE H 23 4.46 -34.15 9.35
CA ILE H 23 3.59 -35.20 8.83
C ILE H 23 3.27 -36.14 9.98
N TRP H 24 2.01 -36.18 10.38
CA TRP H 24 1.59 -37.01 11.49
C TRP H 24 1.25 -38.41 10.99
N LEU H 25 1.87 -39.42 11.60
CA LEU H 25 1.62 -40.80 11.26
C LEU H 25 1.07 -41.52 12.48
N GLU H 26 -0.01 -42.28 12.28
CA GLU H 26 -0.58 -43.04 13.37
C GLU H 26 0.39 -44.14 13.80
N PRO H 27 0.36 -44.54 15.06
CA PRO H 27 1.16 -45.70 15.48
C PRO H 27 0.76 -46.93 14.68
N SER H 28 1.76 -47.65 14.19
CA SER H 28 1.53 -48.75 13.27
C SER H 28 2.55 -49.85 13.51
N ASN H 29 2.21 -51.04 13.04
CA ASN H 29 3.11 -52.19 13.09
C ASN H 29 3.84 -52.42 11.78
N ASN H 30 3.67 -51.56 10.80
CA ASN H 30 4.37 -51.70 9.54
C ASN H 30 5.88 -51.56 9.76
N LYS H 31 6.65 -52.42 9.10
CA LYS H 31 8.09 -52.37 9.20
C LYS H 31 8.79 -52.23 7.86
N THR H 32 8.06 -52.33 6.75
CA THR H 32 8.64 -52.29 5.42
C THR H 32 8.56 -50.88 4.86
N VAL H 33 9.66 -50.42 4.29
CA VAL H 33 9.75 -49.09 3.70
C VAL H 33 10.33 -49.23 2.30
N TYR H 34 9.76 -48.50 1.34
CA TYR H 34 10.27 -48.45 -0.02
C TYR H 34 10.76 -47.05 -0.30
N LEU H 35 12.00 -46.94 -0.76
CA LEU H 35 12.64 -45.64 -0.98
C LEU H 35 12.71 -45.33 -2.46
N GLN H 36 12.33 -44.10 -2.82
CA GLN H 36 12.46 -43.61 -4.18
C GLN H 36 13.05 -42.20 -4.09
N ILE H 37 14.36 -42.10 -4.30
CA ILE H 37 15.09 -40.85 -4.13
C ILE H 37 15.58 -40.39 -5.50
N LYS H 38 15.24 -39.17 -5.88
CA LYS H 38 15.64 -38.60 -7.14
C LYS H 38 16.34 -37.27 -6.89
N ASN H 39 17.07 -36.80 -7.89
CA ASN H 39 17.87 -35.58 -7.76
C ASN H 39 17.80 -34.82 -9.08
N THR H 40 16.96 -33.81 -9.14
CA THR H 40 16.86 -32.95 -10.31
C THR H 40 17.63 -31.64 -10.13
N SER H 41 18.63 -31.63 -9.26
CA SER H 41 19.44 -30.46 -9.02
C SER H 41 20.81 -30.62 -9.67
N ASP H 42 21.50 -29.50 -9.86
CA ASP H 42 22.82 -29.53 -10.46
C ASP H 42 23.87 -30.10 -9.51
N LYS H 43 23.62 -30.04 -8.21
CA LYS H 43 24.55 -30.60 -7.25
C LYS H 43 24.40 -32.12 -7.22
N ASP H 44 25.36 -32.77 -6.56
CA ASP H 44 25.41 -34.23 -6.49
C ASP H 44 25.15 -34.68 -5.06
N MET H 45 24.08 -35.45 -4.87
CA MET H 45 23.85 -36.20 -3.64
C MET H 45 23.58 -37.64 -4.05
N SER H 46 24.65 -38.40 -4.24
CA SER H 46 24.49 -39.80 -4.63
C SER H 46 24.37 -40.71 -3.42
N GLY H 47 24.94 -40.32 -2.29
CA GLY H 47 24.87 -41.11 -1.09
C GLY H 47 23.65 -40.88 -0.24
N LEU H 48 22.73 -40.03 -0.68
CA LEU H 48 21.55 -39.73 0.12
C LEU H 48 20.64 -40.94 0.24
N GLN H 49 20.49 -41.71 -0.84
CA GLN H 49 19.61 -42.86 -0.81
C GLN H 49 20.10 -43.90 0.19
N ALA H 50 21.40 -44.19 0.16
CA ALA H 50 21.96 -45.17 1.09
C ALA H 50 21.91 -44.67 2.52
N LYS H 51 22.12 -43.38 2.72
CA LYS H 51 22.07 -42.83 4.08
C LYS H 51 20.65 -42.88 4.64
N ILE H 52 19.65 -42.59 3.80
CA ILE H 52 18.27 -42.71 4.24
C ILE H 52 17.96 -44.16 4.58
N ALA H 53 18.43 -45.10 3.74
CA ALA H 53 18.19 -46.50 4.02
C ALA H 53 18.83 -46.92 5.35
N SER H 54 20.05 -46.48 5.60
CA SER H 54 20.73 -46.83 6.85
C SER H 54 20.02 -46.24 8.04
N ALA H 55 19.61 -44.97 7.96
CA ALA H 55 18.92 -44.34 9.07
C ALA H 55 17.58 -45.01 9.35
N VAL H 56 16.85 -45.37 8.29
CA VAL H 56 15.58 -46.05 8.46
C VAL H 56 15.78 -47.42 9.09
N THR H 57 16.79 -48.17 8.64
CA THR H 57 17.06 -49.48 9.22
C THR H 57 17.48 -49.37 10.67
N SER H 58 18.15 -48.29 11.04
CA SER H 58 18.53 -48.09 12.44
C SER H 58 17.33 -47.99 13.36
N LYS H 59 16.17 -47.61 12.84
CA LYS H 59 14.96 -47.46 13.65
C LYS H 59 14.14 -48.73 13.76
N GLY H 60 14.59 -49.82 13.16
CA GLY H 60 13.86 -51.07 13.19
C GLY H 60 13.08 -51.37 11.94
N TYR H 61 12.91 -50.40 11.05
CA TYR H 61 12.23 -50.66 9.79
C TYR H 61 13.12 -51.49 8.87
N GLN H 62 12.49 -52.04 7.84
CA GLN H 62 13.18 -52.87 6.86
C GLN H 62 12.93 -52.30 5.47
N VAL H 63 14.00 -51.99 4.75
CA VAL H 63 13.88 -51.39 3.43
C VAL H 63 13.68 -52.49 2.41
N VAL H 64 12.63 -52.38 1.62
CA VAL H 64 12.26 -53.38 0.63
C VAL H 64 12.33 -52.75 -0.75
N SER H 65 12.47 -53.61 -1.76
CA SER H 65 12.57 -53.18 -3.14
C SER H 65 11.24 -53.32 -3.89
N ASN H 66 10.19 -53.81 -3.25
CA ASN H 66 8.92 -54.01 -3.91
C ASN H 66 7.95 -52.93 -3.46
N PRO H 67 7.61 -51.96 -4.30
CA PRO H 67 6.72 -50.87 -3.86
C PRO H 67 5.33 -51.34 -3.48
N ASP H 68 4.85 -52.45 -4.05
CA ASP H 68 3.48 -52.86 -3.82
C ASP H 68 3.27 -53.40 -2.42
N THR H 69 4.26 -54.11 -1.89
CA THR H 69 4.16 -54.75 -0.58
C THR H 69 4.94 -54.00 0.49
N ALA H 70 4.96 -52.67 0.41
CA ALA H 70 5.66 -51.84 1.37
C ALA H 70 4.65 -51.02 2.16
N GLY H 71 4.71 -51.12 3.48
CA GLY H 71 3.81 -50.34 4.31
C GLY H 71 4.00 -48.85 4.15
N TYR H 72 5.25 -48.42 4.01
CA TYR H 72 5.58 -47.01 3.86
C TYR H 72 6.34 -46.78 2.56
N TRP H 73 6.13 -45.62 1.96
CA TRP H 73 6.95 -45.12 0.88
C TRP H 73 7.61 -43.85 1.33
N ILE H 74 8.90 -43.73 1.09
CA ILE H 74 9.60 -42.47 1.24
C ILE H 74 10.01 -42.05 -0.15
N GLN H 75 9.30 -41.09 -0.71
CA GLN H 75 9.59 -40.53 -2.02
C GLN H 75 10.21 -39.16 -1.79
N ALA H 76 11.46 -39.00 -2.17
CA ALA H 76 12.18 -37.76 -1.97
C ALA H 76 12.77 -37.30 -3.28
N ASN H 77 12.79 -35.99 -3.48
CA ASN H 77 13.38 -35.39 -4.66
C ASN H 77 14.20 -34.19 -4.22
N VAL H 78 15.50 -34.24 -4.49
CA VAL H 78 16.34 -33.08 -4.22
C VAL H 78 16.09 -32.10 -5.35
N LEU H 79 15.10 -31.24 -5.17
CA LEU H 79 14.56 -30.50 -6.30
C LEU H 79 15.51 -29.41 -6.77
N LYS H 80 16.05 -28.62 -5.85
CA LYS H 80 16.74 -27.40 -6.25
C LYS H 80 18.00 -27.21 -5.42
N ALA H 81 18.93 -26.45 -5.99
CA ALA H 81 20.13 -26.03 -5.27
C ALA H 81 20.61 -24.72 -5.86
N ASP H 82 20.84 -23.75 -4.99
CA ASP H 82 21.32 -22.43 -5.38
C ASP H 82 22.55 -22.10 -4.55
N LYS H 83 23.45 -21.33 -5.13
CA LYS H 83 24.63 -20.85 -4.44
C LYS H 83 24.65 -19.33 -4.50
N MET H 84 24.80 -18.69 -3.35
CA MET H 84 24.87 -17.25 -3.32
C MET H 84 26.00 -16.80 -2.41
N ASP H 85 26.42 -15.56 -2.60
CA ASP H 85 27.35 -14.91 -1.69
C ASP H 85 26.58 -13.92 -0.83
N LEU H 86 26.69 -14.09 0.48
CA LEU H 86 25.95 -13.23 1.40
C LEU H 86 26.57 -11.84 1.52
N ARG H 87 27.87 -11.71 1.27
CA ARG H 87 28.51 -10.40 1.34
C ARG H 87 27.87 -9.41 0.37
N GLU H 88 27.39 -9.88 -0.78
CA GLU H 88 26.77 -8.98 -1.74
C GLU H 88 25.46 -8.41 -1.23
N SER H 89 24.93 -8.96 -0.13
CA SER H 89 23.78 -8.31 0.51
C SER H 89 24.14 -6.95 1.09
N GLN H 90 25.43 -6.65 1.23
CA GLN H 90 25.90 -5.34 1.69
C GLN H 90 26.16 -4.36 0.56
N GLY H 91 25.84 -4.74 -0.68
CA GLY H 91 26.09 -3.88 -1.81
C GLY H 91 27.56 -3.61 -2.01
N TRP H 92 27.97 -2.35 -1.87
CA TRP H 92 29.37 -1.97 -2.01
C TRP H 92 30.12 -2.38 -0.74
N LEU H 93 31.41 -2.02 -0.65
CA LEU H 93 32.31 -2.52 0.38
C LEU H 93 32.46 -4.04 0.31
N SER H 94 32.08 -4.64 -0.81
CA SER H 94 32.22 -6.07 -1.01
C SER H 94 32.78 -6.43 -2.38
N ARG H 95 33.10 -5.45 -3.21
CA ARG H 95 33.71 -5.70 -4.52
C ARG H 95 35.21 -5.43 -4.50
N GLY H 96 35.79 -5.19 -3.32
CA GLY H 96 37.21 -4.96 -3.18
C GLY H 96 37.60 -3.51 -2.99
N TYR H 97 36.64 -2.60 -2.87
CA TYR H 97 36.97 -1.19 -2.64
C TYR H 97 37.81 -1.02 -1.38
N GLU H 98 37.24 -1.39 -0.24
CA GLU H 98 37.95 -1.26 1.01
C GLU H 98 39.20 -2.15 1.04
N GLY H 99 39.17 -3.29 0.36
CA GLY H 99 40.36 -4.11 0.25
C GLY H 99 41.42 -3.46 -0.61
N ALA H 100 41.02 -2.63 -1.56
CA ALA H 100 42.00 -1.87 -2.34
C ALA H 100 42.59 -0.73 -1.52
N VAL H 101 41.74 -0.04 -0.75
CA VAL H 101 42.22 1.06 0.09
C VAL H 101 43.19 0.54 1.14
N THR H 102 42.85 -0.57 1.78
CA THR H 102 43.77 -1.24 2.70
C THR H 102 44.76 -2.00 1.85
N GLY H 103 45.88 -1.35 1.55
CA GLY H 103 46.87 -1.87 0.64
C GLY H 103 47.37 -0.75 -0.24
N ALA H 104 46.47 0.14 -0.67
CA ALA H 104 46.92 1.43 -1.18
C ALA H 104 47.59 2.22 -0.07
N ALA H 105 46.98 2.19 1.13
CA ALA H 105 47.64 2.78 2.29
C ALA H 105 48.92 2.05 2.65
N LEU H 106 48.91 0.72 2.58
CA LEU H 106 50.10 -0.06 2.91
C LEU H 106 51.23 0.15 1.91
N GLY H 107 50.91 0.64 0.71
CA GLY H 107 51.95 0.99 -0.23
C GLY H 107 52.78 2.18 0.22
N ALA H 108 52.21 3.02 1.10
CA ALA H 108 52.99 4.08 1.71
C ALA H 108 54.01 3.54 2.71
N GLY H 109 53.93 2.27 3.05
CA GLY H 109 54.92 1.62 3.89
C GLY H 109 56.27 1.44 3.23
N ILE H 110 56.45 2.00 2.03
CA ILE H 110 57.76 2.02 1.38
C ILE H 110 58.40 3.40 1.40
N THR H 111 57.60 4.47 1.56
CA THR H 111 58.17 5.82 1.63
C THR H 111 59.06 5.97 2.86
N ALA H 112 58.57 5.53 4.01
CA ALA H 112 59.35 5.60 5.25
C ALA H 112 60.40 4.51 5.34
N TYR H 113 60.70 3.81 4.24
CA TYR H 113 61.67 2.72 4.25
C TYR H 113 62.64 2.95 3.10
N ASN H 114 63.46 1.93 2.82
CA ASN H 114 64.67 1.98 1.98
C ASN H 114 64.48 2.92 0.79
N SER H 115 63.51 2.66 -0.10
CA SER H 115 63.37 3.49 -1.29
C SER H 115 62.11 4.33 -1.22
N SER H 116 62.29 5.65 -1.28
CA SER H 116 61.19 6.60 -1.26
C SER H 116 61.07 7.32 -2.60
N SER H 117 61.58 6.69 -3.66
CA SER H 117 61.47 7.26 -5.00
C SER H 117 60.00 7.36 -5.41
N ALA H 118 59.62 8.51 -5.95
CA ALA H 118 58.22 8.79 -6.25
C ALA H 118 57.65 7.76 -7.22
N GLY H 119 58.39 7.45 -8.28
CA GLY H 119 57.96 6.39 -9.18
C GLY H 119 57.89 5.04 -8.49
N ALA H 120 58.91 4.72 -7.70
CA ALA H 120 58.94 3.43 -7.00
C ALA H 120 57.80 3.32 -5.99
N THR H 121 57.58 4.38 -5.20
CA THR H 121 56.51 4.30 -4.22
C THR H 121 55.14 4.25 -4.90
N LEU H 122 54.97 4.98 -5.99
CA LEU H 122 53.70 4.92 -6.72
C LEU H 122 53.46 3.52 -7.26
N GLY H 123 54.49 2.92 -7.86
CA GLY H 123 54.33 1.57 -8.41
C GLY H 123 54.04 0.54 -7.34
N VAL H 124 54.77 0.59 -6.23
CA VAL H 124 54.55 -0.38 -5.16
C VAL H 124 53.19 -0.18 -4.52
N GLY H 125 52.77 1.08 -4.33
CA GLY H 125 51.45 1.33 -3.79
C GLY H 125 50.35 0.83 -4.70
N LEU H 126 50.51 1.04 -6.01
CA LEU H 126 49.51 0.55 -6.96
C LEU H 126 49.45 -0.97 -6.95
N ALA H 127 50.60 -1.63 -6.95
CA ALA H 127 50.60 -3.09 -6.93
C ALA H 127 49.99 -3.61 -5.64
N ALA H 128 50.30 -2.98 -4.50
CA ALA H 128 49.74 -3.41 -3.24
C ALA H 128 48.24 -3.19 -3.19
N GLY H 129 47.76 -2.07 -3.72
CA GLY H 129 46.32 -1.85 -3.78
C GLY H 129 45.62 -2.86 -4.67
N LEU H 130 46.24 -3.21 -5.80
CA LEU H 130 45.68 -4.22 -6.67
C LEU H 130 45.61 -5.57 -5.97
N VAL H 131 46.68 -5.94 -5.26
CA VAL H 131 46.70 -7.22 -4.57
C VAL H 131 45.67 -7.22 -3.45
N GLY H 132 45.52 -6.10 -2.74
CA GLY H 132 44.52 -6.02 -1.70
C GLY H 132 43.10 -6.14 -2.24
N MET H 133 42.82 -5.47 -3.35
CA MET H 133 41.52 -5.60 -3.98
C MET H 133 41.26 -7.03 -4.45
N ALA H 134 42.28 -7.67 -5.03
CA ALA H 134 42.13 -9.06 -5.45
C ALA H 134 41.85 -9.98 -4.28
N ALA H 135 42.59 -9.80 -3.18
CA ALA H 135 42.38 -10.66 -2.02
C ALA H 135 41.03 -10.43 -1.39
N ASP H 136 40.57 -9.18 -1.34
CA ASP H 136 39.24 -8.89 -0.80
C ASP H 136 38.17 -9.51 -1.68
N ALA H 137 38.28 -9.33 -3.00
CA ALA H 137 37.28 -9.88 -3.91
C ALA H 137 37.33 -11.40 -3.98
N MET H 138 38.46 -12.02 -3.64
CA MET H 138 38.57 -13.46 -3.67
C MET H 138 38.04 -14.12 -2.40
N VAL H 139 37.54 -13.35 -1.43
CA VAL H 139 36.95 -13.91 -0.23
C VAL H 139 35.46 -14.08 -0.51
N GLU H 140 35.05 -15.34 -0.67
CA GLU H 140 33.70 -15.70 -1.07
C GLU H 140 32.99 -16.22 0.17
N ASP H 141 31.91 -15.58 0.57
CA ASP H 141 31.15 -16.03 1.73
C ASP H 141 29.93 -16.75 1.16
N VAL H 142 30.10 -18.04 0.91
CA VAL H 142 29.15 -18.77 0.09
C VAL H 142 28.14 -19.50 0.97
N ASN H 143 26.90 -19.49 0.49
CA ASN H 143 25.78 -20.15 1.12
C ASN H 143 25.07 -20.97 0.05
N TYR H 144 25.02 -22.28 0.25
CA TYR H 144 24.31 -23.21 -0.62
C TYR H 144 22.95 -23.48 0.00
N THR H 145 21.89 -23.18 -0.72
CA THR H 145 20.53 -23.45 -0.29
C THR H 145 19.98 -24.57 -1.15
N MET H 146 19.50 -25.64 -0.51
CA MET H 146 19.02 -26.81 -1.20
C MET H 146 17.57 -27.08 -0.80
N ILE H 147 16.73 -27.38 -1.78
CA ILE H 147 15.32 -27.64 -1.55
C ILE H 147 15.02 -29.08 -1.93
N THR H 148 14.49 -29.84 -0.98
CA THR H 148 14.13 -31.24 -1.16
C THR H 148 12.63 -31.40 -0.92
N ASP H 149 11.96 -32.11 -1.81
CA ASP H 149 10.55 -32.42 -1.65
C ASP H 149 10.42 -33.86 -1.18
N VAL H 150 9.61 -34.08 -0.16
CA VAL H 150 9.41 -35.40 0.42
C VAL H 150 7.94 -35.75 0.30
N GLN H 151 7.65 -36.99 -0.06
CA GLN H 151 6.29 -37.48 -0.17
C GLN H 151 6.22 -38.86 0.48
N ILE H 152 5.58 -38.93 1.64
CA ILE H 152 5.44 -40.16 2.39
C ILE H 152 4.11 -40.79 2.04
N ALA H 153 4.14 -42.06 1.64
CA ALA H 153 2.92 -42.81 1.35
C ALA H 153 2.79 -43.91 2.37
N GLU H 154 1.67 -43.92 3.10
CA GLU H 154 1.40 -44.91 4.12
C GLU H 154 0.21 -45.75 3.68
N ARG H 155 0.37 -47.07 3.74
CA ARG H 155 -0.68 -47.98 3.29
C ARG H 155 -1.70 -48.17 4.39
N THR H 156 -2.97 -48.00 4.06
CA THR H 156 -4.07 -48.08 5.01
C THR H 156 -5.07 -49.13 4.55
N LYS H 157 -6.09 -49.32 5.38
CA LYS H 157 -7.24 -50.14 4.99
C LYS H 157 -8.39 -49.31 4.45
N THR H 158 -8.28 -47.98 4.55
CA THR H 158 -9.31 -47.09 4.06
C THR H 158 -9.16 -46.89 2.56
N GLN H 159 -10.28 -46.95 1.85
CA GLN H 159 -10.26 -46.65 0.42
C GLN H 159 -9.97 -45.18 0.22
N VAL H 160 -8.94 -44.88 -0.56
CA VAL H 160 -8.53 -43.51 -0.84
C VAL H 160 -8.78 -43.24 -2.31
N GLN H 161 -9.48 -42.14 -2.59
CA GLN H 161 -9.77 -41.74 -3.96
C GLN H 161 -8.85 -40.59 -4.35
N THR H 162 -8.08 -40.79 -5.41
CA THR H 162 -7.17 -39.80 -5.93
C THR H 162 -7.79 -39.14 -7.16
N ASP H 163 -7.94 -37.83 -7.13
CA ASP H 163 -8.52 -37.08 -8.23
C ASP H 163 -7.42 -36.25 -8.86
N ASN H 164 -6.81 -36.78 -9.90
CA ASN H 164 -5.78 -36.04 -10.63
C ASN H 164 -6.43 -34.90 -11.39
N VAL H 165 -5.95 -33.69 -11.14
CA VAL H 165 -6.45 -32.47 -11.78
C VAL H 165 -5.23 -31.67 -12.22
N ALA H 166 -4.91 -31.73 -13.50
CA ALA H 166 -3.76 -31.02 -14.05
C ALA H 166 -4.24 -29.91 -14.98
N VAL H 167 -3.77 -28.70 -14.73
CA VAL H 167 -4.11 -27.56 -15.58
C VAL H 167 -2.89 -27.19 -16.40
N LEU H 168 -2.75 -27.79 -17.58
CA LEU H 168 -1.57 -27.60 -18.40
C LEU H 168 -1.71 -26.30 -19.19
N ARG H 169 -0.80 -25.37 -18.94
CA ARG H 169 -0.81 -24.10 -19.67
C ARG H 169 -0.53 -24.36 -21.15
N GLN H 170 -1.23 -23.62 -22.01
CA GLN H 170 -1.12 -23.76 -23.46
C GLN H 170 -1.06 -22.35 -24.05
N GLY H 171 0.17 -21.84 -24.19
CA GLY H 171 0.45 -20.64 -24.95
C GLY H 171 -0.33 -19.41 -24.58
N THR H 172 -0.15 -18.89 -23.37
CA THR H 172 -0.59 -17.54 -23.00
C THR H 172 -2.08 -17.32 -23.18
N SER H 173 -2.80 -18.32 -23.64
CA SER H 173 -4.22 -18.15 -23.91
C SER H 173 -5.07 -19.26 -23.31
N GLY H 174 -4.60 -20.50 -23.32
CA GLY H 174 -5.46 -21.62 -23.00
C GLY H 174 -4.87 -22.50 -21.91
N THR H 175 -5.69 -23.46 -21.50
CA THR H 175 -5.27 -24.53 -20.61
C THR H 175 -5.96 -25.80 -21.05
N LYS H 176 -5.22 -26.90 -21.03
CA LYS H 176 -5.81 -28.23 -21.17
C LYS H 176 -5.96 -28.79 -19.76
N VAL H 177 -7.19 -29.09 -19.38
CA VAL H 177 -7.48 -29.58 -18.03
C VAL H 177 -7.65 -31.09 -18.13
N GLN H 178 -6.74 -31.82 -17.51
CA GLN H 178 -6.79 -33.27 -17.46
C GLN H 178 -7.32 -33.68 -16.10
N THR H 179 -8.36 -34.51 -16.09
CA THR H 179 -8.94 -34.99 -14.86
C THR H 179 -9.06 -36.50 -14.93
N SER H 180 -8.73 -37.17 -13.82
CA SER H 180 -8.89 -38.61 -13.75
C SER H 180 -9.13 -38.99 -12.30
N THR H 181 -9.68 -40.19 -12.10
CA THR H 181 -10.00 -40.68 -10.78
C THR H 181 -9.43 -42.09 -10.61
N GLU H 182 -8.74 -42.31 -9.50
CA GLU H 182 -8.17 -43.61 -9.16
C GLU H 182 -8.59 -43.95 -7.74
N THR H 183 -8.54 -45.24 -7.42
CA THR H 183 -8.87 -45.71 -6.09
C THR H 183 -7.76 -46.64 -5.62
N GLY H 184 -7.26 -46.39 -4.42
CA GLY H 184 -6.20 -47.22 -3.87
C GLY H 184 -6.09 -47.01 -2.38
N ASN H 185 -5.39 -47.94 -1.72
CA ASN H 185 -5.22 -47.89 -0.28
CA ASN H 185 -5.21 -47.88 -0.28
C ASN H 185 -3.83 -47.33 0.06
N GLN H 186 -3.71 -46.02 -0.08
CA GLN H 186 -2.43 -45.37 0.25
C GLN H 186 -2.68 -43.89 0.45
N HIS H 187 -2.41 -43.42 1.66
CA HIS H 187 -2.47 -41.99 1.95
C HIS H 187 -1.11 -41.39 1.65
N LYS H 188 -1.10 -40.33 0.83
CA LYS H 188 0.14 -39.66 0.48
C LYS H 188 0.15 -38.27 1.09
N TYR H 189 1.21 -37.97 1.83
CA TYR H 189 1.42 -36.67 2.44
C TYR H 189 2.72 -36.10 1.91
N GLN H 190 2.80 -34.78 1.84
CA GLN H 190 3.99 -34.13 1.33
C GLN H 190 4.64 -33.31 2.41
N THR H 191 5.84 -32.82 2.11
CA THR H 191 6.56 -31.89 2.98
C THR H 191 7.79 -31.43 2.22
N ARG H 192 8.45 -30.42 2.76
CA ARG H 192 9.61 -29.83 2.13
C ARG H 192 10.70 -29.64 3.16
N VAL H 193 11.94 -29.93 2.78
CA VAL H 193 13.10 -29.76 3.63
C VAL H 193 14.03 -28.76 2.97
N VAL H 194 14.44 -27.74 3.74
CA VAL H 194 15.35 -26.72 3.26
C VAL H 194 16.68 -26.89 3.98
N SER H 195 17.75 -27.07 3.21
CA SER H 195 19.08 -27.22 3.75
C SER H 195 19.92 -26.01 3.39
N ASN H 196 20.83 -25.65 4.28
CA ASN H 196 21.76 -24.55 4.05
C ASN H 196 23.14 -25.01 4.47
N ALA H 197 24.13 -24.67 3.66
CA ALA H 197 25.54 -24.93 3.98
C ALA H 197 26.28 -23.62 3.77
N ASN H 198 26.83 -23.07 4.85
CA ASN H 198 27.47 -21.76 4.82
C ASN H 198 28.92 -21.89 5.23
N LYS H 199 29.79 -21.20 4.50
CA LYS H 199 31.20 -21.13 4.87
C LYS H 199 31.88 -20.11 3.97
N VAL H 200 33.09 -19.71 4.35
CA VAL H 200 33.89 -18.83 3.51
C VAL H 200 34.62 -19.66 2.46
N ASN H 201 34.49 -19.27 1.20
CA ASN H 201 35.10 -20.01 0.09
C ASN H 201 34.72 -21.48 0.14
N LEU H 202 33.45 -21.74 0.43
CA LEU H 202 32.98 -23.11 0.55
C LEU H 202 32.84 -23.75 -0.83
N LYS H 203 33.39 -24.95 -0.98
CA LYS H 203 33.18 -25.76 -2.16
C LYS H 203 32.18 -26.84 -1.81
N PHE H 204 31.19 -27.05 -2.68
CA PHE H 204 30.11 -27.96 -2.37
C PHE H 204 30.55 -29.37 -1.98
N PRO H 205 31.53 -30.00 -2.66
CA PRO H 205 31.89 -31.37 -2.27
C PRO H 205 32.32 -31.51 -0.82
N GLU H 206 32.75 -30.42 -0.18
CA GLU H 206 33.07 -30.49 1.23
C GLU H 206 31.80 -30.49 2.08
N ALA H 207 30.78 -29.76 1.65
CA ALA H 207 29.53 -29.68 2.39
C ALA H 207 28.58 -30.83 2.08
N GLN H 208 28.83 -31.58 1.01
CA GLN H 208 27.87 -32.60 0.60
C GLN H 208 27.70 -33.72 1.61
N PRO H 209 28.76 -34.31 2.21
CA PRO H 209 28.52 -35.41 3.15
C PRO H 209 27.63 -35.04 4.32
N VAL H 210 27.91 -33.91 4.98
CA VAL H 210 27.12 -33.52 6.14
C VAL H 210 25.71 -33.12 5.70
N LEU H 211 25.59 -32.50 4.53
CA LEU H 211 24.27 -32.16 4.00
C LEU H 211 23.42 -33.42 3.82
N GLU H 212 24.01 -34.44 3.20
CA GLU H 212 23.30 -35.72 3.05
C GLU H 212 22.98 -36.34 4.39
N ASP H 213 23.91 -36.31 5.33
CA ASP H 213 23.68 -36.92 6.63
C ASP H 213 22.49 -36.29 7.32
N GLN H 214 22.48 -34.95 7.39
CA GLN H 214 21.39 -34.26 8.06
C GLN H 214 20.05 -34.47 7.35
N LEU H 215 20.06 -34.39 6.02
CA LEU H 215 18.82 -34.57 5.27
C LEU H 215 18.27 -35.98 5.47
N ALA H 216 19.14 -36.99 5.41
CA ALA H 216 18.71 -38.36 5.61
C ALA H 216 18.18 -38.57 7.01
N LYS H 217 18.84 -38.01 8.01
CA LYS H 217 18.36 -38.16 9.38
C LYS H 217 16.98 -37.54 9.54
N SER H 218 16.77 -36.35 8.96
CA SER H 218 15.46 -35.71 9.07
C SER H 218 14.38 -36.52 8.39
N ILE H 219 14.63 -36.94 7.14
CA ILE H 219 13.61 -37.67 6.40
C ILE H 219 13.30 -39.00 7.07
N ALA H 220 14.32 -39.68 7.60
CA ALA H 220 14.06 -40.93 8.32
C ALA H 220 13.32 -40.68 9.62
N ASN H 221 13.64 -39.58 10.31
CA ASN H 221 12.97 -39.25 11.55
C ASN H 221 11.51 -38.91 11.35
N ILE H 222 11.12 -38.58 10.12
CA ILE H 222 9.69 -38.48 9.83
C ILE H 222 8.96 -39.74 10.31
N LEU H 223 9.57 -40.91 10.09
CA LEU H 223 8.94 -42.15 10.50
C LEU H 223 8.98 -42.34 12.00
N GLY H 224 9.92 -41.69 12.69
CA GLY H 224 10.04 -41.84 14.12
C GLY H 224 10.71 -43.13 14.52
N SER H 225 11.22 -43.21 15.74
CA SER H 225 11.96 -44.38 16.19
C SER H 225 11.02 -45.55 16.47
N GLY H 226 10.38 -46.07 15.44
CA GLY H 226 9.47 -47.18 15.60
C GLY H 226 10.18 -48.50 15.86
N CYS I 1 38.99 -0.77 -8.27
CA CYS I 1 38.27 -0.69 -9.54
C CYS I 1 37.09 -1.64 -9.55
N SER I 2 35.90 -1.11 -9.85
CA SER I 2 34.71 -1.95 -9.93
C SER I 2 34.83 -2.96 -11.06
N ALA I 3 35.36 -2.53 -12.21
CA ALA I 3 35.54 -3.41 -13.33
C ALA I 3 36.52 -4.53 -13.00
N MET I 4 37.63 -4.19 -12.34
CA MET I 4 38.60 -5.21 -11.97
C MET I 4 38.02 -6.14 -10.91
N GLY I 5 37.25 -5.59 -9.97
CA GLY I 5 36.60 -6.43 -8.99
C GLY I 5 35.63 -7.42 -9.62
N THR I 6 34.88 -6.97 -10.61
CA THR I 6 33.99 -7.87 -11.34
C THR I 6 34.78 -8.92 -12.11
N ALA I 7 35.86 -8.51 -12.78
CA ALA I 7 36.65 -9.47 -13.55
C ALA I 7 37.30 -10.50 -12.65
N ILE I 8 37.56 -10.14 -11.40
CA ILE I 8 38.14 -11.10 -10.47
C ILE I 8 37.06 -12.01 -9.91
N LYS I 9 35.94 -11.42 -9.47
CA LYS I 9 34.86 -12.20 -8.87
C LYS I 9 34.36 -13.27 -9.82
N LYS I 10 33.84 -12.86 -10.97
CA LYS I 10 33.24 -13.79 -11.92
C LYS I 10 34.23 -14.11 -13.05
N ARG I 11 35.34 -14.72 -12.66
CA ARG I 11 36.40 -15.00 -13.63
C ARG I 11 36.23 -16.32 -14.34
N ASN I 12 35.47 -17.25 -13.76
CA ASN I 12 35.23 -18.54 -14.38
C ASN I 12 33.73 -18.77 -14.52
N LEU I 13 33.37 -19.55 -15.54
CA LEU I 13 31.97 -19.75 -15.89
C LEU I 13 31.22 -20.43 -14.76
N GLU I 14 30.07 -19.87 -14.39
CA GLU I 14 29.24 -20.43 -13.34
C GLU I 14 27.86 -20.72 -13.90
N VAL I 15 27.47 -21.99 -13.88
CA VAL I 15 26.21 -22.43 -14.48
C VAL I 15 25.33 -23.02 -13.38
N LYS I 16 24.10 -22.53 -13.31
CA LYS I 16 23.09 -23.01 -12.38
C LYS I 16 21.89 -23.51 -13.15
N THR I 17 21.24 -24.54 -12.62
CA THR I 17 20.07 -25.14 -13.27
C THR I 17 19.10 -25.56 -12.18
N GLN I 18 17.93 -24.92 -12.15
CA GLN I 18 16.97 -25.14 -11.08
C GLN I 18 15.62 -25.51 -11.65
N MET I 19 15.16 -26.72 -11.32
CA MET I 19 13.80 -27.11 -11.66
C MET I 19 12.81 -26.35 -10.79
N SER I 20 11.65 -26.04 -11.36
CA SER I 20 10.67 -25.23 -10.62
C SER I 20 10.00 -26.05 -9.54
N GLU I 21 9.33 -27.14 -9.90
CA GLU I 21 8.64 -27.99 -8.95
C GLU I 21 8.88 -29.44 -9.31
N THR I 22 8.53 -30.32 -8.37
CA THR I 22 8.77 -31.74 -8.51
C THR I 22 7.60 -32.42 -9.20
N ILE I 23 7.91 -33.30 -10.14
CA ILE I 23 6.91 -34.14 -10.78
C ILE I 23 7.06 -35.54 -10.19
N TRP I 24 6.04 -36.01 -9.49
CA TRP I 24 6.08 -37.31 -8.83
C TRP I 24 5.59 -38.37 -9.80
N LEU I 25 6.39 -39.41 -9.98
CA LEU I 25 6.04 -40.53 -10.83
C LEU I 25 6.00 -41.80 -10.00
N GLU I 26 4.94 -42.59 -10.16
CA GLU I 26 4.85 -43.84 -9.45
C GLU I 26 5.91 -44.81 -9.95
N PRO I 27 6.38 -45.72 -9.09
CA PRO I 27 7.28 -46.78 -9.56
C PRO I 27 6.61 -47.57 -10.67
N SER I 28 7.35 -47.75 -11.76
CA SER I 28 6.78 -48.37 -12.95
C SER I 28 7.82 -49.25 -13.62
N ASN I 29 7.34 -50.17 -14.44
CA ASN I 29 8.18 -51.04 -15.23
C ASN I 29 8.38 -50.54 -16.65
N ASN I 30 7.83 -49.38 -16.99
CA ASN I 30 8.02 -48.82 -18.32
C ASN I 30 9.48 -48.51 -18.57
N LYS I 31 9.95 -48.83 -19.77
CA LYS I 31 11.32 -48.56 -20.14
C LYS I 31 11.46 -47.73 -21.40
N THR I 32 10.36 -47.43 -22.09
CA THR I 32 10.40 -46.72 -23.35
C THR I 32 10.10 -45.25 -23.12
N VAL I 33 10.89 -44.38 -23.74
CA VAL I 33 10.75 -42.94 -23.62
C VAL I 33 10.76 -42.35 -25.02
N TYR I 34 9.86 -41.40 -25.27
CA TYR I 34 9.81 -40.66 -26.52
C TYR I 34 10.15 -39.21 -26.25
N LEU I 35 11.13 -38.68 -26.96
CA LEU I 35 11.62 -37.32 -26.73
C LEU I 35 11.12 -36.38 -27.82
N GLN I 36 10.62 -35.23 -27.41
CA GLN I 36 10.22 -34.17 -28.33
C GLN I 36 10.79 -32.86 -27.78
N ILE I 37 11.91 -32.43 -28.31
CA ILE I 37 12.64 -31.27 -27.82
C ILE I 37 12.59 -30.18 -28.88
N LYS I 38 12.11 -29.00 -28.49
CA LYS I 38 12.00 -27.87 -29.39
C LYS I 38 12.74 -26.69 -28.78
N ASN I 39 13.03 -25.70 -29.62
CA ASN I 39 13.82 -24.53 -29.20
C ASN I 39 13.26 -23.30 -29.89
N THR I 40 12.43 -22.55 -29.17
CA THR I 40 11.90 -21.30 -29.70
C THR I 40 12.65 -20.09 -29.16
N SER I 41 13.93 -20.25 -28.84
CA SER I 41 14.76 -19.17 -28.34
C SER I 41 15.79 -18.78 -29.40
N ASP I 42 16.33 -17.58 -29.25
CA ASP I 42 17.34 -17.10 -30.19
C ASP I 42 18.67 -17.82 -30.01
N LYS I 43 18.92 -18.40 -28.85
CA LYS I 43 20.15 -19.15 -28.64
C LYS I 43 20.05 -20.53 -29.29
N ASP I 44 21.19 -21.21 -29.37
CA ASP I 44 21.28 -22.50 -30.03
C ASP I 44 21.56 -23.58 -28.99
N MET I 45 20.63 -24.51 -28.85
CA MET I 45 20.85 -25.74 -28.08
C MET I 45 20.47 -26.90 -29.01
N SER I 46 21.41 -27.30 -29.86
CA SER I 46 21.13 -28.36 -30.82
C SER I 46 21.51 -29.72 -30.28
N GLY I 47 22.48 -29.79 -29.39
CA GLY I 47 22.87 -31.04 -28.78
C GLY I 47 22.07 -31.44 -27.57
N LEU I 48 21.03 -30.67 -27.23
CA LEU I 48 20.26 -30.97 -26.03
C LEU I 48 19.49 -32.27 -26.16
N GLN I 49 18.91 -32.53 -27.33
CA GLN I 49 18.13 -33.75 -27.51
C GLN I 49 19.01 -34.98 -27.38
N ALA I 50 20.19 -34.96 -28.01
CA ALA I 50 21.09 -36.10 -27.92
C ALA I 50 21.57 -36.30 -26.49
N LYS I 51 21.83 -35.21 -25.77
CA LYS I 51 22.28 -35.33 -24.39
C LYS I 51 21.17 -35.89 -23.50
N ILE I 52 19.92 -35.46 -23.71
CA ILE I 52 18.81 -36.02 -22.96
C ILE I 52 18.67 -37.50 -23.26
N ALA I 53 18.78 -37.88 -24.54
CA ALA I 53 18.68 -39.29 -24.89
C ALA I 53 19.78 -40.11 -24.23
N SER I 54 21.01 -39.59 -24.23
CA SER I 54 22.11 -40.32 -23.60
C SER I 54 21.90 -40.45 -22.10
N ALA I 55 21.48 -39.38 -21.44
CA ALA I 55 21.25 -39.44 -20.00
C ALA I 55 20.13 -40.40 -19.65
N VAL I 56 19.06 -40.39 -20.45
CA VAL I 56 17.95 -41.31 -20.22
C VAL I 56 18.39 -42.75 -20.42
N THR I 57 19.15 -43.02 -21.48
CA THR I 57 19.62 -44.37 -21.72
C THR I 57 20.58 -44.84 -20.63
N SER I 58 21.31 -43.91 -20.02
CA SER I 58 22.19 -44.27 -18.91
C SER I 58 21.42 -44.83 -17.73
N LYS I 59 20.15 -44.49 -17.58
CA LYS I 59 19.34 -44.94 -16.46
C LYS I 59 18.63 -46.25 -16.73
N GLY I 60 18.84 -46.87 -17.87
CA GLY I 60 18.19 -48.11 -18.22
C GLY I 60 16.97 -47.96 -19.11
N TYR I 61 16.49 -46.74 -19.30
CA TYR I 61 15.38 -46.54 -20.22
C TYR I 61 15.84 -46.69 -21.66
N GLN I 62 14.87 -46.86 -22.55
CA GLN I 62 15.14 -47.03 -23.97
C GLN I 62 14.38 -45.95 -24.73
N VAL I 63 15.09 -45.19 -25.54
CA VAL I 63 14.49 -44.10 -26.30
C VAL I 63 13.92 -44.66 -27.59
N VAL I 64 12.64 -44.41 -27.83
CA VAL I 64 11.95 -44.92 -29.02
C VAL I 64 11.48 -43.75 -29.85
N SER I 65 11.22 -44.03 -31.13
CA SER I 65 10.77 -43.02 -32.07
C SER I 65 9.28 -43.07 -32.32
N ASN I 66 8.55 -43.96 -31.66
CA ASN I 66 7.11 -44.09 -31.87
C ASN I 66 6.38 -43.53 -30.66
N PRO I 67 5.75 -42.36 -30.77
CA PRO I 67 5.09 -41.77 -29.61
C PRO I 67 3.94 -42.60 -29.07
N ASP I 68 3.29 -43.41 -29.91
CA ASP I 68 2.10 -44.13 -29.48
C ASP I 68 2.45 -45.26 -28.52
N THR I 69 3.58 -45.93 -28.75
CA THR I 69 3.98 -47.09 -27.95
C THR I 69 5.10 -46.74 -26.97
N ALA I 70 5.08 -45.53 -26.41
CA ALA I 70 6.08 -45.10 -25.46
C ALA I 70 5.45 -44.92 -24.10
N GLY I 71 6.02 -45.56 -23.08
CA GLY I 71 5.49 -45.42 -21.74
C GLY I 71 5.61 -44.00 -21.22
N TYR I 72 6.70 -43.32 -21.55
CA TYR I 72 6.95 -41.96 -21.12
C TYR I 72 7.15 -41.05 -22.32
N TRP I 73 6.70 -39.81 -22.19
CA TRP I 73 7.04 -38.74 -23.11
C TRP I 73 7.82 -37.69 -22.35
N ILE I 74 8.93 -37.26 -22.92
CA ILE I 74 9.63 -36.09 -22.42
C ILE I 74 9.48 -35.02 -23.50
N GLN I 75 8.61 -34.08 -23.25
CA GLN I 75 8.37 -32.95 -24.15
C GLN I 75 9.01 -31.74 -23.51
N ALA I 76 10.04 -31.20 -24.15
CA ALA I 76 10.76 -30.06 -23.62
C ALA I 76 10.81 -28.96 -24.67
N ASN I 77 10.74 -27.72 -24.22
CA ASN I 77 10.84 -26.57 -25.09
C ASN I 77 11.76 -25.57 -24.43
N VAL I 78 12.86 -25.24 -25.09
CA VAL I 78 13.73 -24.18 -24.60
C VAL I 78 13.05 -22.88 -24.98
N LEU I 79 12.19 -22.38 -24.10
CA LEU I 79 11.27 -21.34 -24.49
C LEU I 79 11.95 -19.99 -24.66
N LYS I 80 12.80 -19.60 -23.71
CA LYS I 80 13.30 -18.24 -23.68
C LYS I 80 14.77 -18.21 -23.34
N ALA I 81 15.42 -17.13 -23.76
CA ALA I 81 16.79 -16.86 -23.37
C ALA I 81 17.03 -15.35 -23.40
N ASP I 82 17.53 -14.83 -22.30
CA ASP I 82 17.83 -13.41 -22.15
C ASP I 82 19.28 -13.25 -21.73
N LYS I 83 19.87 -12.12 -22.10
CA LYS I 83 21.22 -11.79 -21.70
C LYS I 83 21.21 -10.43 -21.03
N MET I 84 21.79 -10.34 -19.84
CA MET I 84 21.85 -9.06 -19.16
C MET I 84 23.23 -8.85 -18.56
N ASP I 85 23.52 -7.59 -18.27
CA ASP I 85 24.73 -7.23 -17.53
C ASP I 85 24.35 -6.90 -16.10
N LEU I 86 24.96 -7.61 -15.16
CA LEU I 86 24.63 -7.42 -13.76
C LEU I 86 25.24 -6.14 -13.19
N ARG I 87 26.37 -5.68 -13.75
CA ARG I 87 26.97 -4.43 -13.30
C ARG I 87 25.99 -3.28 -13.43
N GLU I 88 25.12 -3.30 -14.44
CA GLU I 88 24.17 -2.22 -14.64
C GLU I 88 23.15 -2.14 -13.52
N SER I 89 23.08 -3.15 -12.66
CA SER I 89 22.23 -3.06 -11.47
C SER I 89 22.77 -2.03 -10.49
N GLN I 90 24.02 -1.58 -10.64
CA GLN I 90 24.62 -0.57 -9.79
C GLN I 90 24.42 0.84 -10.34
N GLY I 91 23.67 1.00 -11.42
CA GLY I 91 23.48 2.31 -12.01
C GLY I 91 24.77 2.91 -12.52
N TRP I 92 25.18 4.05 -11.95
CA TRP I 92 26.43 4.69 -12.33
C TRP I 92 27.58 3.90 -11.73
N LEU I 93 28.82 4.39 -11.92
CA LEU I 93 30.04 3.65 -11.63
C LEU I 93 30.13 2.37 -12.47
N SER I 94 29.35 2.30 -13.54
CA SER I 94 29.36 1.16 -14.43
C SER I 94 29.40 1.55 -15.90
N ARG I 95 29.43 2.85 -16.21
CA ARG I 95 29.50 3.32 -17.58
C ARG I 95 30.89 3.79 -17.96
N GLY I 96 31.87 3.59 -17.08
CA GLY I 96 33.23 4.00 -17.33
C GLY I 96 33.66 5.25 -16.60
N TYR I 97 32.82 5.82 -15.74
CA TYR I 97 33.19 7.01 -15.00
C TYR I 97 34.44 6.77 -14.17
N GLU I 98 34.36 5.84 -13.22
CA GLU I 98 35.50 5.53 -12.38
C GLU I 98 36.66 4.97 -13.18
N GLY I 99 36.37 4.25 -14.26
CA GLY I 99 37.44 3.80 -15.14
C GLY I 99 38.11 4.95 -15.88
N ALA I 100 37.37 6.03 -16.12
CA ALA I 100 37.98 7.21 -16.73
C ALA I 100 38.82 7.97 -15.71
N VAL I 101 38.33 8.08 -14.48
CA VAL I 101 39.07 8.77 -13.43
C VAL I 101 40.38 8.04 -13.14
N THR I 102 40.32 6.72 -13.03
CA THR I 102 41.52 5.90 -12.90
C THR I 102 42.12 5.79 -14.29
N GLY I 103 43.03 6.70 -14.58
CA GLY I 103 43.62 6.84 -15.90
C GLY I 103 43.73 8.30 -16.25
N ALA I 104 42.72 9.09 -15.89
CA ALA I 104 42.94 10.53 -15.84
C ALA I 104 43.96 10.87 -14.76
N ALA I 105 43.86 10.21 -13.60
CA ALA I 105 44.91 10.34 -12.59
C ALA I 105 46.23 9.77 -13.08
N LEU I 106 46.21 8.63 -13.76
CA LEU I 106 47.44 8.03 -14.25
C LEU I 106 48.09 8.85 -15.34
N GLY I 107 47.35 9.75 -15.98
CA GLY I 107 47.96 10.67 -16.92
C GLY I 107 48.88 11.68 -16.26
N ALA I 108 48.68 11.93 -14.96
CA ALA I 108 49.62 12.74 -14.21
C ALA I 108 50.94 12.02 -13.99
N GLY I 109 51.01 10.73 -14.29
CA GLY I 109 52.26 9.98 -14.23
C GLY I 109 53.25 10.36 -15.31
N ILE I 110 52.96 11.41 -16.08
CA ILE I 110 53.93 11.95 -17.04
C ILE I 110 54.52 13.28 -16.58
N THR I 111 53.85 14.00 -15.67
CA THR I 111 54.38 15.26 -15.17
C THR I 111 55.67 15.02 -14.39
N ALA I 112 55.66 14.03 -13.50
CA ALA I 112 56.85 13.69 -12.73
C ALA I 112 57.87 12.88 -13.52
N TYR I 113 57.73 12.82 -14.84
CA TYR I 113 58.63 12.03 -15.68
C TYR I 113 59.10 12.92 -16.83
N ASN I 114 59.75 12.30 -17.82
CA ASN I 114 60.56 12.93 -18.87
C ASN I 114 59.91 14.24 -19.33
N SER I 115 58.70 14.23 -19.85
CA SER I 115 58.10 15.44 -20.40
C SER I 115 56.96 15.93 -19.51
N SER I 116 57.10 17.14 -18.99
CA SER I 116 56.08 17.78 -18.17
C SER I 116 55.45 18.97 -18.87
N SER I 117 55.51 18.99 -20.21
CA SER I 117 54.89 20.06 -20.98
C SER I 117 53.37 20.05 -20.76
N ALA I 118 52.81 21.23 -20.52
CA ALA I 118 51.40 21.34 -20.16
C ALA I 118 50.51 20.76 -21.25
N GLY I 119 50.79 21.09 -22.50
CA GLY I 119 50.05 20.49 -23.60
C GLY I 119 50.27 18.99 -23.67
N ALA I 120 51.51 18.55 -23.51
CA ALA I 120 51.81 17.12 -23.59
C ALA I 120 51.15 16.37 -22.44
N THR I 121 51.24 16.89 -21.22
CA THR I 121 50.63 16.18 -20.10
C THR I 121 49.11 16.18 -20.23
N LEU I 122 48.52 17.28 -20.71
CA LEU I 122 47.08 17.30 -20.89
C LEU I 122 46.65 16.26 -21.93
N GLY I 123 47.38 16.19 -23.04
CA GLY I 123 47.03 15.23 -24.08
C GLY I 123 47.18 13.80 -23.62
N VAL I 124 48.28 13.48 -22.93
CA VAL I 124 48.49 12.12 -22.47
C VAL I 124 47.47 11.76 -21.39
N GLY I 125 47.16 12.69 -20.49
CA GLY I 125 46.14 12.43 -19.50
C GLY I 125 44.78 12.19 -20.11
N LEU I 126 44.42 12.99 -21.12
CA LEU I 126 43.14 12.79 -21.79
C LEU I 126 43.09 11.44 -22.50
N ALA I 127 44.16 11.07 -23.20
CA ALA I 127 44.19 9.78 -23.87
C ALA I 127 44.12 8.63 -22.87
N ALA I 128 44.82 8.75 -21.75
CA ALA I 128 44.79 7.71 -20.73
C ALA I 128 43.41 7.60 -20.10
N GLY I 129 42.76 8.73 -19.84
CA GLY I 129 41.40 8.69 -19.32
C GLY I 129 40.43 8.07 -20.29
N LEU I 130 40.57 8.38 -21.57
CA LEU I 130 39.72 7.75 -22.59
C LEU I 130 39.94 6.25 -22.64
N VAL I 131 41.20 5.81 -22.59
CA VAL I 131 41.50 4.39 -22.64
C VAL I 131 40.97 3.70 -21.38
N GLY I 132 41.08 4.35 -20.23
CA GLY I 132 40.56 3.77 -19.01
C GLY I 132 39.05 3.64 -19.05
N MET I 133 38.36 4.66 -19.54
CA MET I 133 36.91 4.59 -19.68
C MET I 133 36.52 3.48 -20.66
N ALA I 134 37.25 3.35 -21.77
CA ALA I 134 36.95 2.30 -22.72
C ALA I 134 37.14 0.92 -22.11
N ALA I 135 38.25 0.73 -21.39
CA ALA I 135 38.51 -0.57 -20.77
C ALA I 135 37.49 -0.90 -19.70
N ASP I 136 37.09 0.09 -18.90
CA ASP I 136 36.07 -0.15 -17.88
C ASP I 136 34.74 -0.49 -18.53
N ALA I 137 34.35 0.26 -19.56
CA ALA I 137 33.08 -0.01 -20.22
C ALA I 137 33.09 -1.29 -21.04
N MET I 138 34.27 -1.78 -21.42
CA MET I 138 34.36 -3.01 -22.18
C MET I 138 34.34 -4.25 -21.29
N VAL I 139 34.26 -4.09 -19.97
CA VAL I 139 34.17 -5.22 -19.06
C VAL I 139 32.69 -5.52 -18.87
N GLU I 140 32.24 -6.61 -19.49
CA GLU I 140 30.84 -7.01 -19.50
C GLU I 140 30.68 -8.16 -18.52
N ASP I 141 29.83 -7.98 -17.51
CA ASP I 141 29.58 -9.04 -16.55
C ASP I 141 28.25 -9.66 -16.96
N VAL I 142 28.31 -10.64 -17.84
CA VAL I 142 27.12 -11.10 -18.53
C VAL I 142 26.53 -12.31 -17.83
N ASN I 143 25.20 -12.35 -17.82
CA ASN I 143 24.40 -13.41 -17.25
C ASN I 143 23.35 -13.79 -18.27
N TYR I 144 23.40 -15.04 -18.71
CA TYR I 144 22.41 -15.60 -19.63
C TYR I 144 21.39 -16.38 -18.81
N THR I 145 20.13 -16.00 -18.92
CA THR I 145 19.03 -16.69 -18.25
C THR I 145 18.20 -17.41 -19.30
N MET I 146 18.06 -18.71 -19.13
CA MET I 146 17.34 -19.56 -20.08
C MET I 146 16.16 -20.19 -19.38
N ILE I 147 15.01 -20.21 -20.05
CA ILE I 147 13.78 -20.78 -19.50
C ILE I 147 13.36 -21.92 -20.40
N THR I 148 13.24 -23.11 -19.82
CA THR I 148 12.83 -24.32 -20.51
C THR I 148 11.54 -24.84 -19.90
N ASP I 149 10.60 -25.21 -20.75
CA ASP I 149 9.35 -25.81 -20.30
C ASP I 149 9.42 -27.31 -20.56
N VAL I 150 9.05 -28.10 -19.56
CA VAL I 150 9.09 -29.55 -19.64
C VAL I 150 7.68 -30.08 -19.43
N GLN I 151 7.29 -31.06 -20.23
CA GLN I 151 5.99 -31.71 -20.09
C GLN I 151 6.19 -33.22 -20.20
N ILE I 152 6.04 -33.90 -19.08
CA ILE I 152 6.20 -35.34 -19.00
C ILE I 152 4.84 -35.99 -19.16
N ALA I 153 4.72 -36.92 -20.10
CA ALA I 153 3.50 -37.68 -20.28
C ALA I 153 3.78 -39.12 -19.93
N GLU I 154 3.01 -39.66 -18.98
CA GLU I 154 3.15 -41.03 -18.51
C GLU I 154 1.89 -41.79 -18.88
N ARG I 155 2.08 -42.94 -19.53
CA ARG I 155 0.94 -43.74 -19.98
C ARG I 155 0.42 -44.59 -18.84
N THR I 156 -0.88 -44.52 -18.60
CA THR I 156 -1.53 -45.22 -17.50
C THR I 156 -2.62 -46.12 -18.03
N LYS I 157 -3.28 -46.84 -17.12
CA LYS I 157 -4.47 -47.60 -17.43
C LYS I 157 -5.75 -46.84 -17.09
N THR I 158 -5.63 -45.70 -16.42
CA THR I 158 -6.77 -44.88 -16.05
C THR I 158 -7.20 -44.03 -17.23
N GLN I 159 -8.50 -43.98 -17.47
CA GLN I 159 -9.03 -43.09 -18.51
C GLN I 159 -8.85 -41.65 -18.06
N VAL I 160 -8.18 -40.86 -18.89
CA VAL I 160 -7.91 -39.46 -18.60
C VAL I 160 -8.70 -38.62 -19.59
N GLN I 161 -9.47 -37.68 -19.07
CA GLN I 161 -10.26 -36.78 -19.90
C GLN I 161 -9.57 -35.43 -19.98
N THR I 162 -9.26 -34.99 -21.18
CA THR I 162 -8.63 -33.71 -21.43
C THR I 162 -9.68 -32.73 -21.93
N ASP I 163 -9.84 -31.62 -21.22
CA ASP I 163 -10.80 -30.58 -21.59
C ASP I 163 -10.01 -29.36 -22.06
N ASN I 164 -9.83 -29.26 -23.37
CA ASN I 164 -9.15 -28.10 -23.92
C ASN I 164 -10.05 -26.88 -23.79
N VAL I 165 -9.52 -25.83 -23.17
CA VAL I 165 -10.23 -24.58 -22.95
C VAL I 165 -9.28 -23.45 -23.32
N ALA I 166 -9.46 -22.88 -24.51
CA ALA I 166 -8.62 -21.80 -24.99
C ALA I 166 -9.41 -20.52 -25.05
N VAL I 167 -8.90 -19.47 -24.42
CA VAL I 167 -9.54 -18.17 -24.46
C VAL I 167 -8.73 -17.25 -25.35
N LEU I 168 -9.04 -17.25 -26.64
CA LEU I 168 -8.27 -16.49 -27.62
C LEU I 168 -8.69 -15.04 -27.58
N ARG I 169 -7.76 -14.14 -27.27
CA ARG I 169 -8.06 -12.72 -27.27
C ARG I 169 -8.37 -12.23 -28.68
N GLN I 170 -9.35 -11.34 -28.78
CA GLN I 170 -9.80 -10.80 -30.07
C GLN I 170 -9.97 -9.29 -29.90
N GLY I 171 -8.90 -8.56 -30.17
CA GLY I 171 -8.94 -7.12 -30.32
C GLY I 171 -9.53 -6.34 -29.17
N THR I 172 -8.89 -6.37 -28.00
CA THR I 172 -9.16 -5.43 -26.92
C THR I 172 -10.61 -5.45 -26.46
N SER I 173 -11.44 -6.26 -27.05
CA SER I 173 -12.86 -6.26 -26.73
C SER I 173 -13.41 -7.65 -26.47
N GLY I 174 -12.99 -8.65 -27.23
CA GLY I 174 -13.65 -9.93 -27.23
C GLY I 174 -12.69 -11.07 -26.96
N THR I 175 -13.28 -12.26 -26.80
CA THR I 175 -12.56 -13.50 -26.74
C THR I 175 -13.35 -14.54 -27.49
N LYS I 176 -12.64 -15.40 -28.21
CA LYS I 176 -13.23 -16.61 -28.75
C LYS I 176 -12.83 -17.77 -27.83
N VAL I 177 -13.82 -18.42 -27.25
CA VAL I 177 -13.58 -19.50 -26.30
C VAL I 177 -13.76 -20.81 -27.04
N GLN I 178 -12.67 -21.56 -27.18
CA GLN I 178 -12.70 -22.85 -27.83
C GLN I 178 -12.66 -23.92 -26.75
N THR I 179 -13.63 -24.83 -26.78
CA THR I 179 -13.69 -25.91 -25.80
C THR I 179 -13.83 -27.23 -26.55
N SER I 180 -13.09 -28.22 -26.09
CA SER I 180 -13.21 -29.56 -26.66
C SER I 180 -12.87 -30.58 -25.58
N THR I 181 -13.29 -31.82 -25.81
CA THR I 181 -13.06 -32.90 -24.86
C THR I 181 -12.50 -34.11 -25.60
N GLU I 182 -11.42 -34.66 -25.06
CA GLU I 182 -10.81 -35.87 -25.58
C GLU I 182 -10.60 -36.84 -24.44
N THR I 183 -10.44 -38.12 -24.79
CA THR I 183 -10.19 -39.16 -23.81
C THR I 183 -8.99 -39.98 -24.24
N GLY I 184 -8.06 -40.19 -23.32
CA GLY I 184 -6.87 -40.96 -23.61
C GLY I 184 -6.21 -41.43 -22.34
N ASN I 185 -5.31 -42.38 -22.48
CA ASN I 185 -4.61 -42.96 -21.34
CA ASN I 185 -4.61 -42.95 -21.33
C ASN I 185 -3.20 -42.37 -21.24
N GLN I 186 -3.15 -41.12 -20.78
CA GLN I 186 -1.85 -40.46 -20.63
C GLN I 186 -2.01 -39.30 -19.68
N HIS I 187 -1.30 -39.34 -18.56
CA HIS I 187 -1.26 -38.22 -17.63
C HIS I 187 -0.13 -37.29 -18.04
N LYS I 188 -0.42 -36.01 -18.19
CA LYS I 188 0.57 -35.03 -18.58
C LYS I 188 0.81 -34.08 -17.42
N TYR I 189 2.07 -33.95 -17.02
CA TYR I 189 2.49 -33.04 -15.97
C TYR I 189 3.48 -32.06 -16.56
N GLN I 190 3.51 -30.85 -16.03
CA GLN I 190 4.41 -29.83 -16.54
C GLN I 190 5.42 -29.46 -15.47
N THR I 191 6.41 -28.67 -15.87
CA THR I 191 7.40 -28.10 -14.96
C THR I 191 8.24 -27.14 -15.76
N ARG I 192 9.07 -26.37 -15.06
CA ARG I 192 9.90 -25.36 -15.67
C ARG I 192 11.31 -25.46 -15.10
N VAL I 193 12.30 -25.30 -15.96
CA VAL I 193 13.70 -25.31 -15.57
C VAL I 193 14.31 -23.96 -15.93
N VAL I 194 14.97 -23.33 -14.96
CA VAL I 194 15.62 -22.05 -15.16
C VAL I 194 17.12 -22.27 -15.10
N SER I 195 17.82 -21.91 -16.16
CA SER I 195 19.26 -22.03 -16.24
C SER I 195 19.89 -20.64 -16.24
N ASN I 196 21.07 -20.54 -15.64
CA ASN I 196 21.82 -19.31 -15.61
C ASN I 196 23.27 -19.63 -15.93
N ALA I 197 23.88 -18.80 -16.77
CA ALA I 197 25.29 -18.89 -17.09
C ALA I 197 25.90 -17.52 -16.88
N ASN I 198 26.82 -17.41 -15.92
CA ASN I 198 27.38 -16.12 -15.53
C ASN I 198 28.89 -16.14 -15.75
N LYS I 199 29.41 -15.05 -16.30
CA LYS I 199 30.85 -14.89 -16.45
C LYS I 199 31.12 -13.47 -16.92
N VAL I 200 32.38 -13.06 -16.82
CA VAL I 200 32.80 -11.76 -17.34
C VAL I 200 33.08 -11.90 -18.82
N ASN I 201 32.46 -11.03 -19.63
CA ASN I 201 32.60 -11.06 -21.08
C ASN I 201 32.29 -12.44 -21.64
N LEU I 202 31.24 -13.04 -21.11
CA LEU I 202 30.88 -14.40 -21.52
C LEU I 202 30.21 -14.37 -22.89
N LYS I 203 30.66 -15.26 -23.77
CA LYS I 203 30.00 -15.48 -25.05
C LYS I 203 29.22 -16.78 -24.95
N PHE I 204 27.98 -16.77 -25.43
CA PHE I 204 27.11 -17.93 -25.24
C PHE I 204 27.70 -19.24 -25.75
N PRO I 205 28.34 -19.31 -26.93
CA PRO I 205 28.84 -20.61 -27.39
C PRO I 205 29.78 -21.29 -26.41
N GLU I 206 30.40 -20.53 -25.51
CA GLU I 206 31.21 -21.15 -24.47
C GLU I 206 30.35 -21.80 -23.40
N ALA I 207 29.26 -21.14 -23.02
CA ALA I 207 28.38 -21.65 -21.98
C ALA I 207 27.39 -22.69 -22.48
N GLN I 208 27.21 -22.81 -23.79
CA GLN I 208 26.19 -23.72 -24.32
C GLN I 208 26.44 -25.18 -23.95
N PRO I 209 27.65 -25.75 -24.09
CA PRO I 209 27.80 -27.18 -23.77
C PRO I 209 27.44 -27.52 -22.35
N VAL I 210 27.93 -26.78 -21.37
CA VAL I 210 27.64 -27.09 -19.97
C VAL I 210 26.17 -26.81 -19.67
N LEU I 211 25.60 -25.77 -20.28
CA LEU I 211 24.18 -25.48 -20.11
C LEU I 211 23.33 -26.66 -20.58
N GLU I 212 23.64 -27.19 -21.77
CA GLU I 212 22.92 -28.36 -22.27
C GLU I 212 23.14 -29.56 -21.37
N ASP I 213 24.37 -29.77 -20.91
CA ASP I 213 24.65 -30.93 -20.07
C ASP I 213 23.82 -30.90 -18.79
N GLN I 214 23.81 -29.76 -18.10
CA GLN I 214 23.06 -29.67 -16.86
C GLN I 214 21.57 -29.78 -17.10
N LEU I 215 21.06 -29.12 -18.15
CA LEU I 215 19.63 -29.19 -18.43
C LEU I 215 19.21 -30.61 -18.77
N ALA I 216 20.00 -31.32 -19.58
CA ALA I 216 19.69 -32.69 -19.92
C ALA I 216 19.72 -33.58 -18.69
N LYS I 217 20.72 -33.40 -17.83
CA LYS I 217 20.79 -34.22 -16.62
C LYS I 217 19.57 -34.00 -15.75
N SER I 218 19.15 -32.75 -15.58
CA SER I 218 17.98 -32.47 -14.76
C SER I 218 16.72 -33.10 -15.35
N ILE I 219 16.49 -32.87 -16.65
CA ILE I 219 15.27 -33.38 -17.27
C ILE I 219 15.25 -34.90 -17.24
N ALA I 220 16.39 -35.54 -17.47
CA ALA I 220 16.43 -37.00 -17.40
C ALA I 220 16.25 -37.49 -15.97
N ASN I 221 16.80 -36.77 -14.99
CA ASN I 221 16.65 -37.17 -13.61
C ASN I 221 15.22 -37.03 -13.12
N ILE I 222 14.39 -36.28 -13.83
CA ILE I 222 12.95 -36.33 -13.55
C ILE I 222 12.48 -37.77 -13.51
N LEU I 223 12.95 -38.59 -14.45
CA LEU I 223 12.55 -39.99 -14.50
C LEU I 223 13.18 -40.80 -13.38
N GLY I 224 14.29 -40.34 -12.83
CA GLY I 224 14.96 -41.08 -11.78
C GLY I 224 15.71 -42.29 -12.30
N SER I 225 16.67 -42.78 -11.52
CA SER I 225 17.51 -43.89 -11.98
C SER I 225 16.75 -45.21 -11.95
N GLY I 226 15.79 -45.36 -12.85
CA GLY I 226 15.00 -46.58 -12.92
C GLY I 226 15.77 -47.74 -13.52
N CYS J 1 32.91 10.21 -20.00
CA CYS J 1 31.76 10.70 -20.76
C CYS J 1 30.67 9.65 -20.83
N SER J 2 29.45 10.02 -20.45
CA SER J 2 28.32 9.10 -20.53
C SER J 2 28.01 8.74 -21.97
N ALA J 3 28.10 9.72 -22.87
CA ALA J 3 27.87 9.47 -24.28
C ALA J 3 28.90 8.52 -24.84
N MET J 4 30.18 8.71 -24.47
CA MET J 4 31.22 7.81 -24.91
C MET J 4 31.03 6.42 -24.32
N GLY J 5 30.62 6.35 -23.05
CA GLY J 5 30.35 5.06 -22.45
C GLY J 5 29.25 4.31 -23.15
N THR J 6 28.19 5.02 -23.53
CA THR J 6 27.12 4.39 -24.30
C THR J 6 27.60 3.95 -25.68
N ALA J 7 28.36 4.81 -26.37
CA ALA J 7 28.82 4.47 -27.70
C ALA J 7 29.76 3.28 -27.68
N ILE J 8 30.47 3.08 -26.57
CA ILE J 8 31.37 1.93 -26.46
C ILE J 8 30.59 0.69 -26.06
N LYS J 9 29.72 0.81 -25.06
CA LYS J 9 28.94 -0.33 -24.58
C LYS J 9 28.13 -0.95 -25.71
N LYS J 10 27.20 -0.19 -26.26
CA LYS J 10 26.28 -0.68 -27.29
C LYS J 10 26.77 -0.28 -28.69
N ARG J 11 27.96 -0.77 -29.04
CA ARG J 11 28.57 -0.39 -30.30
C ARG J 11 28.16 -1.29 -31.45
N ASN J 12 27.67 -2.49 -31.17
CA ASN J 12 27.23 -3.40 -32.22
C ASN J 12 25.79 -3.83 -31.95
N LEU J 13 25.08 -4.13 -33.04
CA LEU J 13 23.65 -4.41 -32.96
C LEU J 13 23.39 -5.65 -32.10
N GLU J 14 22.45 -5.53 -31.17
CA GLU J 14 22.09 -6.63 -30.29
C GLU J 14 20.60 -6.90 -30.43
N VAL J 15 20.26 -8.10 -30.90
CA VAL J 15 18.88 -8.47 -31.19
C VAL J 15 18.48 -9.63 -30.28
N LYS J 16 17.36 -9.46 -29.59
CA LYS J 16 16.79 -10.46 -28.72
C LYS J 16 15.38 -10.80 -29.19
N THR J 17 14.99 -12.06 -29.02
CA THR J 17 13.68 -12.52 -29.45
C THR J 17 13.18 -13.56 -28.45
N GLN J 18 12.13 -13.22 -27.72
CA GLN J 18 11.66 -14.07 -26.62
C GLN J 18 10.19 -14.39 -26.83
N MET J 19 9.88 -15.68 -26.98
CA MET J 19 8.50 -16.13 -26.99
C MET J 19 7.92 -16.06 -25.58
N SER J 20 6.63 -15.73 -25.50
CA SER J 20 6.02 -15.54 -24.19
C SER J 20 5.83 -16.88 -23.48
N GLU J 21 5.07 -17.79 -24.07
CA GLU J 21 4.81 -19.09 -23.47
C GLU J 21 4.88 -20.16 -24.55
N THR J 22 4.92 -21.41 -24.10
CA THR J 22 5.10 -22.55 -24.99
C THR J 22 3.75 -23.04 -25.48
N ILE J 23 3.68 -23.35 -26.77
CA ILE J 23 2.52 -23.99 -27.36
C ILE J 23 2.89 -25.45 -27.61
N TRP J 24 2.23 -26.35 -26.89
CA TRP J 24 2.52 -27.77 -26.99
C TRP J 24 1.70 -28.38 -28.12
N LEU J 25 2.38 -29.06 -29.03
CA LEU J 25 1.73 -29.74 -30.14
C LEU J 25 2.01 -31.22 -30.06
N GLU J 26 0.97 -32.02 -30.21
CA GLU J 26 1.13 -33.46 -30.21
C GLU J 26 1.95 -33.90 -31.42
N PRO J 27 2.71 -34.99 -31.31
CA PRO J 27 3.38 -35.55 -32.48
C PRO J 27 2.36 -35.89 -33.55
N SER J 28 2.64 -35.48 -34.78
CA SER J 28 1.67 -35.59 -35.85
C SER J 28 2.39 -35.86 -37.16
N ASN J 29 1.63 -36.39 -38.12
CA ASN J 29 2.13 -36.65 -39.46
C ASN J 29 1.75 -35.55 -40.45
N ASN J 30 1.12 -34.48 -39.99
CA ASN J 30 0.79 -33.38 -40.86
C ASN J 30 2.05 -32.73 -41.41
N LYS J 31 2.02 -32.39 -42.69
CA LYS J 31 3.15 -31.73 -43.33
C LYS J 31 2.78 -30.41 -43.99
N THR J 32 1.51 -30.08 -44.06
CA THR J 32 1.04 -28.88 -44.75
C THR J 32 0.85 -27.75 -43.75
N VAL J 33 1.35 -26.57 -44.11
CA VAL J 33 1.24 -25.38 -43.27
C VAL J 33 0.72 -24.24 -44.13
N TYR J 34 -0.22 -23.47 -43.59
CA TYR J 34 -0.74 -22.28 -44.24
C TYR J 34 -0.33 -21.06 -43.43
N LEU J 35 0.29 -20.10 -44.09
CA LEU J 35 0.83 -18.92 -43.42
C LEU J 35 -0.06 -17.71 -43.69
N GLN J 36 -0.37 -16.97 -42.63
CA GLN J 36 -1.10 -15.70 -42.74
C GLN J 36 -0.37 -14.70 -41.86
N ILE J 37 0.48 -13.87 -42.47
CA ILE J 37 1.32 -12.94 -41.75
C ILE J 37 0.87 -11.52 -42.08
N LYS J 38 0.57 -10.74 -41.05
CA LYS J 38 0.12 -9.37 -41.20
C LYS J 38 1.02 -8.45 -40.38
N ASN J 39 0.96 -7.16 -40.67
CA ASN J 39 1.83 -6.18 -40.04
C ASN J 39 1.04 -4.90 -39.83
N THR J 40 0.53 -4.69 -38.63
CA THR J 40 -0.16 -3.46 -38.27
C THR J 40 0.73 -2.50 -37.51
N SER J 41 2.04 -2.54 -37.76
CA SER J 41 3.00 -1.67 -37.11
C SER J 41 3.54 -0.65 -38.11
N ASP J 42 4.11 0.43 -37.58
CA ASP J 42 4.67 1.46 -38.44
C ASP J 42 5.97 1.00 -39.11
N LYS J 43 6.65 0.01 -38.53
CA LYS J 43 7.86 -0.49 -39.13
C LYS J 43 7.53 -1.43 -40.28
N ASP J 44 8.55 -1.83 -41.01
CA ASP J 44 8.39 -2.65 -42.21
C ASP J 44 9.07 -4.00 -41.98
N MET J 45 8.28 -5.07 -42.05
CA MET J 45 8.81 -6.43 -42.16
C MET J 45 8.09 -7.09 -43.33
N SER J 46 8.59 -6.87 -44.54
CA SER J 46 7.99 -7.46 -45.71
C SER J 46 8.55 -8.85 -45.99
N GLY J 47 9.79 -9.11 -45.60
CA GLY J 47 10.41 -10.40 -45.81
C GLY J 47 10.12 -11.42 -44.74
N LEU J 48 9.30 -11.09 -43.75
CA LEU J 48 9.04 -12.04 -42.67
C LEU J 48 8.25 -13.24 -43.16
N GLN J 49 7.29 -13.02 -44.07
CA GLN J 49 6.49 -14.13 -44.60
C GLN J 49 7.38 -15.14 -45.32
N ALA J 50 8.26 -14.66 -46.20
CA ALA J 50 9.13 -15.56 -46.94
C ALA J 50 10.11 -16.27 -46.03
N LYS J 51 10.61 -15.56 -45.00
CA LYS J 51 11.55 -16.19 -44.09
C LYS J 51 10.88 -17.28 -43.25
N ILE J 52 9.64 -17.03 -42.80
CA ILE J 52 8.90 -18.07 -42.10
C ILE J 52 8.65 -19.25 -43.01
N ALA J 53 8.28 -19.00 -44.26
CA ALA J 53 8.06 -20.10 -45.20
C ALA J 53 9.33 -20.91 -45.40
N SER J 54 10.47 -20.24 -45.56
CA SER J 54 11.72 -20.95 -45.76
C SER J 54 12.11 -21.77 -44.54
N ALA J 55 11.96 -21.19 -43.35
CA ALA J 55 12.31 -21.92 -42.13
C ALA J 55 11.40 -23.12 -41.93
N VAL J 56 10.11 -22.97 -42.22
CA VAL J 56 9.18 -24.08 -42.09
C VAL J 56 9.52 -25.17 -43.09
N THR J 57 9.82 -24.80 -44.35
CA THR J 57 10.17 -25.79 -45.35
C THR J 57 11.47 -26.50 -44.99
N SER J 58 12.38 -25.83 -44.30
CA SER J 58 13.62 -26.47 -43.86
C SER J 58 13.37 -27.62 -42.91
N LYS J 59 12.24 -27.62 -42.20
CA LYS J 59 11.92 -28.67 -41.24
C LYS J 59 11.17 -29.83 -41.84
N GLY J 60 10.94 -29.84 -43.15
CA GLY J 60 10.22 -30.91 -43.79
C GLY J 60 8.76 -30.61 -44.06
N TYR J 61 8.21 -29.55 -43.47
CA TYR J 61 6.84 -29.17 -43.76
C TYR J 61 6.73 -28.59 -45.16
N GLN J 62 5.50 -28.51 -45.63
CA GLN J 62 5.20 -27.98 -46.95
C GLN J 62 4.20 -26.84 -46.81
N VAL J 63 4.54 -25.68 -47.34
CA VAL J 63 3.69 -24.50 -47.24
C VAL J 63 2.67 -24.54 -48.37
N VAL J 64 1.39 -24.43 -48.01
CA VAL J 64 0.31 -24.50 -48.98
C VAL J 64 -0.46 -23.20 -48.96
N SER J 65 -1.17 -22.93 -50.04
CA SER J 65 -1.95 -21.71 -50.20
C SER J 65 -3.43 -21.93 -49.94
N ASN J 66 -3.85 -23.14 -49.58
CA ASN J 66 -5.25 -23.43 -49.34
C ASN J 66 -5.48 -23.60 -47.84
N PRO J 67 -6.12 -22.64 -47.17
CA PRO J 67 -6.29 -22.77 -45.72
C PRO J 67 -7.13 -23.95 -45.30
N ASP J 68 -8.05 -24.42 -46.16
CA ASP J 68 -8.98 -25.47 -45.75
C ASP J 68 -8.29 -26.81 -45.63
N THR J 69 -7.32 -27.10 -46.50
CA THR J 69 -6.63 -28.39 -46.52
C THR J 69 -5.24 -28.29 -45.94
N ALA J 70 -5.04 -27.48 -44.91
CA ALA J 70 -3.75 -27.32 -44.26
C ALA J 70 -3.83 -27.88 -42.85
N GLY J 71 -2.91 -28.79 -42.53
CA GLY J 71 -2.90 -29.35 -41.19
C GLY J 71 -2.60 -28.31 -40.12
N TYR J 72 -1.72 -27.37 -40.43
CA TYR J 72 -1.34 -26.32 -39.50
C TYR J 72 -1.61 -24.96 -40.12
N TRP J 73 -1.97 -24.01 -39.27
CA TRP J 73 -2.02 -22.60 -39.63
C TRP J 73 -1.02 -21.86 -38.76
N ILE J 74 -0.19 -21.04 -39.38
CA ILE J 74 0.63 -20.10 -38.65
C ILE J 74 0.08 -18.72 -38.97
N GLN J 75 -0.65 -18.16 -38.03
CA GLN J 75 -1.21 -16.82 -38.14
C GLN J 75 -0.39 -15.91 -37.26
N ALA J 76 0.32 -14.97 -37.87
CA ALA J 76 1.18 -14.06 -37.13
C ALA J 76 0.83 -12.63 -37.49
N ASN J 77 0.91 -11.74 -36.50
CA ASN J 77 0.66 -10.33 -36.70
C ASN J 77 1.75 -9.56 -35.98
N VAL J 78 2.53 -8.79 -36.73
CA VAL J 78 3.51 -7.92 -36.11
C VAL J 78 2.74 -6.73 -35.58
N LEU J 79 2.27 -6.83 -34.34
CA LEU J 79 1.26 -5.91 -33.86
C LEU J 79 1.83 -4.53 -33.59
N LYS J 80 2.94 -4.45 -32.88
CA LYS J 80 3.40 -3.16 -32.38
C LYS J 80 4.91 -3.01 -32.58
N ALA J 81 5.34 -1.75 -32.61
CA ALA J 81 6.76 -1.43 -32.63
C ALA J 81 6.95 -0.06 -32.01
N ASP J 82 7.83 0.02 -31.04
CA ASP J 82 8.15 1.26 -30.33
C ASP J 82 9.65 1.48 -30.39
N LYS J 83 10.04 2.75 -30.37
CA LYS J 83 11.45 3.13 -30.33
C LYS J 83 11.68 4.03 -29.14
N MET J 84 12.67 3.71 -28.33
CA MET J 84 12.98 4.55 -27.18
C MET J 84 14.48 4.72 -27.06
N ASP J 85 14.88 5.76 -26.34
CA ASP J 85 16.28 5.95 -25.96
C ASP J 85 16.46 5.56 -24.51
N LEU J 86 17.37 4.63 -24.27
CA LEU J 86 17.57 4.13 -22.91
C LEU J 86 18.33 5.12 -22.04
N ARG J 87 19.14 6.00 -22.65
CA ARG J 87 19.88 7.00 -21.87
C ARG J 87 18.94 7.89 -21.08
N GLU J 88 17.75 8.14 -21.61
CA GLU J 88 16.79 9.00 -20.91
C GLU J 88 16.29 8.37 -19.63
N SER J 89 16.55 7.07 -19.43
CA SER J 89 16.25 6.46 -18.14
C SER J 89 17.12 7.02 -17.02
N GLN J 90 18.21 7.71 -17.37
CA GLN J 90 19.09 8.35 -16.39
C GLN J 90 18.69 9.78 -16.09
N GLY J 91 17.57 10.25 -16.64
CA GLY J 91 17.16 11.63 -16.43
C GLY J 91 18.15 12.63 -16.99
N TRP J 92 18.72 13.46 -16.13
CA TRP J 92 19.72 14.43 -16.55
C TRP J 92 21.04 13.70 -16.83
N LEU J 93 22.09 14.46 -17.16
CA LEU J 93 23.34 13.91 -17.68
C LEU J 93 23.14 13.17 -18.99
N SER J 94 22.00 13.41 -19.64
CA SER J 94 21.71 12.80 -20.93
C SER J 94 21.17 13.80 -21.95
N ARG J 95 21.04 15.08 -21.58
CA ARG J 95 20.56 16.11 -22.49
C ARG J 95 21.71 16.96 -23.03
N GLY J 96 22.95 16.58 -22.73
CA GLY J 96 24.11 17.31 -23.19
C GLY J 96 24.79 18.17 -22.14
N TYR J 97 24.33 18.14 -20.90
CA TYR J 97 24.95 18.94 -19.84
C TYR J 97 26.42 18.59 -19.70
N GLU J 98 26.71 17.34 -19.35
CA GLU J 98 28.09 16.91 -19.19
C GLU J 98 28.87 17.00 -20.51
N GLY J 99 28.20 16.80 -21.63
CA GLY J 99 28.86 16.99 -22.91
C GLY J 99 29.17 18.45 -23.19
N ALA J 100 28.38 19.36 -22.62
CA ALA J 100 28.70 20.77 -22.73
C ALA J 100 29.88 21.15 -21.83
N VAL J 101 29.89 20.63 -20.61
CA VAL J 101 30.98 20.90 -19.68
C VAL J 101 32.30 20.38 -20.24
N THR J 102 32.28 19.15 -20.76
CA THR J 102 33.45 18.60 -21.45
C THR J 102 33.47 19.22 -22.84
N GLY J 103 34.21 20.33 -22.94
CA GLY J 103 34.23 21.13 -24.15
C GLY J 103 34.20 22.59 -23.77
N ALA J 104 33.41 22.94 -22.76
CA ALA J 104 33.62 24.22 -22.11
C ALA J 104 34.98 24.24 -21.42
N ALA J 105 35.32 23.13 -20.76
CA ALA J 105 36.67 23.00 -20.21
C ALA J 105 37.72 22.96 -21.32
N LEU J 106 37.45 22.25 -22.41
CA LEU J 106 38.41 22.18 -23.51
C LEU J 106 38.59 23.50 -24.21
N GLY J 107 37.65 24.43 -24.07
CA GLY J 107 37.84 25.77 -24.60
C GLY J 107 38.94 26.53 -23.88
N ALA J 108 39.25 26.13 -22.64
CA ALA J 108 40.39 26.70 -21.94
C ALA J 108 41.71 26.22 -22.55
N GLY J 109 41.66 25.22 -23.42
CA GLY J 109 42.85 24.78 -24.15
C GLY J 109 43.35 25.77 -25.18
N ILE J 110 42.79 26.98 -25.20
CA ILE J 110 43.32 28.05 -26.04
C ILE J 110 44.01 29.13 -25.23
N THR J 111 43.73 29.24 -23.93
CA THR J 111 44.41 30.22 -23.09
C THR J 111 45.89 29.92 -22.99
N ALA J 112 46.24 28.66 -22.74
CA ALA J 112 47.63 28.25 -22.66
C ALA J 112 48.28 28.07 -24.02
N TYR J 113 47.66 28.56 -25.09
CA TYR J 113 48.17 28.40 -26.43
C TYR J 113 48.17 29.77 -27.10
N ASN J 114 48.42 29.78 -28.41
CA ASN J 114 48.76 30.95 -29.25
C ASN J 114 47.97 32.19 -28.79
N SER J 115 46.65 32.18 -28.82
CA SER J 115 45.88 33.37 -28.48
C SER J 115 45.15 33.20 -27.16
N SER J 116 45.46 34.07 -26.21
CA SER J 116 44.82 34.07 -24.90
C SER J 116 43.96 35.32 -24.70
N SER J 117 43.52 35.93 -25.80
CA SER J 117 42.64 37.09 -25.72
C SER J 117 41.33 36.71 -25.04
N ALA J 118 40.89 37.53 -24.09
CA ALA J 118 39.72 37.20 -23.29
C ALA J 118 38.49 37.00 -24.16
N GLY J 119 38.26 37.90 -25.10
CA GLY J 119 37.17 37.71 -26.04
C GLY J 119 37.35 36.47 -26.89
N ALA J 120 38.56 36.25 -27.39
CA ALA J 120 38.82 35.08 -28.22
C ALA J 120 38.65 33.79 -27.44
N THR J 121 39.20 33.73 -26.23
CA THR J 121 39.07 32.51 -25.45
C THR J 121 37.62 32.27 -25.05
N LEU J 122 36.88 33.33 -24.71
CA LEU J 122 35.47 33.16 -24.39
C LEU J 122 34.69 32.63 -25.58
N GLY J 123 34.95 33.19 -26.77
CA GLY J 123 34.25 32.74 -27.95
C GLY J 123 34.56 31.30 -28.30
N VAL J 124 35.85 30.93 -28.25
CA VAL J 124 36.24 29.56 -28.59
C VAL J 124 35.69 28.59 -27.55
N GLY J 125 35.73 28.96 -26.27
CA GLY J 125 35.18 28.10 -25.25
C GLY J 125 33.68 27.90 -25.41
N LEU J 126 32.95 28.98 -25.74
CA LEU J 126 31.52 28.86 -25.95
C LEU J 126 31.22 27.97 -27.15
N ALA J 127 31.95 28.16 -28.25
CA ALA J 127 31.72 27.31 -29.43
C ALA J 127 32.05 25.86 -29.13
N ALA J 128 33.13 25.61 -28.40
CA ALA J 128 33.49 24.23 -28.06
C ALA J 128 32.47 23.60 -27.13
N GLY J 129 31.95 24.36 -26.16
CA GLY J 129 30.90 23.85 -25.31
C GLY J 129 29.63 23.53 -26.08
N LEU J 130 29.27 24.40 -27.02
CA LEU J 130 28.10 24.13 -27.85
C LEU J 130 28.29 22.88 -28.69
N VAL J 131 29.48 22.71 -29.28
CA VAL J 131 29.74 21.54 -30.09
C VAL J 131 29.75 20.28 -29.24
N GLY J 132 30.29 20.36 -28.03
CA GLY J 132 30.28 19.21 -27.14
C GLY J 132 28.89 18.83 -26.72
N MET J 133 28.05 19.81 -26.39
CA MET J 133 26.67 19.52 -26.05
C MET J 133 25.92 18.92 -27.23
N ALA J 134 26.16 19.45 -28.44
CA ALA J 134 25.52 18.90 -29.62
C ALA J 134 25.93 17.45 -29.85
N ALA J 135 27.23 17.17 -29.72
CA ALA J 135 27.71 15.80 -29.95
C ALA J 135 27.18 14.85 -28.88
N ASP J 136 27.09 15.31 -27.63
CA ASP J 136 26.54 14.46 -26.58
C ASP J 136 25.06 14.19 -26.84
N ALA J 137 24.29 15.22 -27.19
CA ALA J 137 22.87 15.04 -27.45
C ALA J 137 22.60 14.26 -28.72
N MET J 138 23.55 14.24 -29.65
CA MET J 138 23.36 13.49 -30.89
C MET J 138 23.70 12.02 -30.76
N VAL J 139 24.11 11.57 -29.58
CA VAL J 139 24.38 10.15 -29.34
C VAL J 139 23.09 9.52 -28.84
N GLU J 140 22.46 8.72 -29.70
CA GLU J 140 21.16 8.14 -29.45
C GLU J 140 21.38 6.66 -29.12
N ASP J 141 20.98 6.24 -27.93
CA ASP J 141 21.12 4.83 -27.54
C ASP J 141 19.74 4.22 -27.75
N VAL J 142 19.47 3.76 -28.96
CA VAL J 142 18.11 3.44 -29.36
C VAL J 142 17.84 1.96 -29.17
N ASN J 143 16.62 1.68 -28.74
CA ASN J 143 16.10 0.35 -28.50
C ASN J 143 14.74 0.27 -29.18
N TYR J 144 14.62 -0.63 -30.15
CA TYR J 144 13.36 -0.92 -30.84
C TYR J 144 12.74 -2.14 -30.19
N THR J 145 11.53 -2.00 -29.67
CA THR J 145 10.79 -3.10 -29.09
C THR J 145 9.62 -3.42 -30.01
N MET J 146 9.57 -4.65 -30.48
CA MET J 146 8.53 -5.11 -31.40
C MET J 146 7.72 -6.21 -30.75
N ILE J 147 6.41 -6.17 -30.93
CA ILE J 147 5.51 -7.15 -30.35
C ILE J 147 4.75 -7.82 -31.47
N THR J 148 4.85 -9.16 -31.53
CA THR J 148 4.20 -9.98 -32.53
C THR J 148 3.26 -10.95 -31.86
N ASP J 149 2.06 -11.08 -32.40
CA ASP J 149 1.09 -12.04 -31.91
C ASP J 149 1.05 -13.22 -32.86
N VAL J 150 1.13 -14.43 -32.31
CA VAL J 150 1.14 -15.65 -33.09
C VAL J 150 -0.08 -16.47 -32.69
N GLN J 151 -0.73 -17.07 -33.69
CA GLN J 151 -1.87 -17.94 -33.45
C GLN J 151 -1.73 -19.17 -34.32
N ILE J 152 -1.45 -20.30 -33.70
CA ILE J 152 -1.26 -21.57 -34.39
C ILE J 152 -2.58 -22.32 -34.37
N ALA J 153 -3.03 -22.75 -35.54
CA ALA J 153 -4.23 -23.57 -35.63
C ALA J 153 -3.83 -24.95 -36.12
N GLU J 154 -4.17 -25.97 -35.35
CA GLU J 154 -3.86 -27.35 -35.67
C GLU J 154 -5.15 -28.10 -35.93
N ARG J 155 -5.22 -28.80 -37.05
CA ARG J 155 -6.43 -29.51 -37.44
C ARG J 155 -6.48 -30.86 -36.74
N THR J 156 -7.60 -31.14 -36.09
CA THR J 156 -7.77 -32.35 -35.31
C THR J 156 -8.99 -33.12 -35.81
N LYS J 157 -9.24 -34.26 -35.18
CA LYS J 157 -10.46 -35.02 -35.41
C LYS J 157 -11.52 -34.72 -34.35
N THR J 158 -11.15 -34.04 -33.28
CA THR J 158 -12.07 -33.69 -32.21
C THR J 158 -12.92 -32.51 -32.64
N GLN J 159 -14.22 -32.59 -32.38
CA GLN J 159 -15.10 -31.46 -32.62
C GLN J 159 -14.79 -30.34 -31.64
N VAL J 160 -14.46 -29.17 -32.16
CA VAL J 160 -14.11 -28.01 -31.34
C VAL J 160 -15.21 -26.98 -31.49
N GLN J 161 -15.75 -26.54 -30.36
CA GLN J 161 -16.80 -25.53 -30.35
C GLN J 161 -16.20 -24.18 -30.00
N THR J 162 -16.39 -23.21 -30.88
CA THR J 162 -15.89 -21.85 -30.67
C THR J 162 -17.05 -20.97 -30.26
N ASP J 163 -16.93 -20.34 -29.10
CA ASP J 163 -17.96 -19.45 -28.57
C ASP J 163 -17.44 -18.02 -28.63
N ASN J 164 -17.78 -17.32 -29.69
CA ASN J 164 -17.38 -15.92 -29.83
C ASN J 164 -18.16 -15.09 -28.84
N VAL J 165 -17.44 -14.34 -28.00
CA VAL J 165 -18.02 -13.45 -27.00
C VAL J 165 -17.28 -12.13 -27.10
N ALA J 166 -17.91 -11.14 -27.71
CA ALA J 166 -17.32 -9.82 -27.89
C ALA J 166 -18.09 -8.80 -27.06
N VAL J 167 -17.38 -8.06 -26.22
CA VAL J 167 -18.01 -7.01 -25.43
C VAL J 167 -17.61 -5.67 -26.00
N LEU J 168 -18.38 -5.16 -26.94
CA LEU J 168 -18.04 -3.92 -27.63
C LEU J 168 -18.43 -2.73 -26.76
N ARG J 169 -17.46 -1.92 -26.38
CA ARG J 169 -17.74 -0.74 -25.60
C ARG J 169 -18.57 0.25 -26.40
N GLN J 170 -19.50 0.92 -25.73
CA GLN J 170 -20.41 1.87 -26.36
C GLN J 170 -20.52 3.09 -25.46
N GLY J 171 -19.65 4.07 -25.70
CA GLY J 171 -19.75 5.39 -25.11
C GLY J 171 -19.87 5.45 -23.60
N THR J 172 -18.84 5.02 -22.89
CA THR J 172 -18.69 5.32 -21.46
C THR J 172 -19.84 4.84 -20.62
N SER J 173 -20.84 4.23 -21.22
CA SER J 173 -22.04 3.84 -20.49
C SER J 173 -22.44 2.40 -20.75
N GLY J 174 -22.32 1.91 -21.98
CA GLY J 174 -22.90 0.65 -22.36
C GLY J 174 -21.91 -0.28 -23.02
N THR J 175 -22.39 -1.49 -23.27
CA THR J 175 -21.68 -2.48 -24.05
C THR J 175 -22.69 -3.23 -24.89
N LYS J 176 -22.32 -3.51 -26.14
CA LYS J 176 -23.06 -4.45 -26.96
C LYS J 176 -22.35 -5.78 -26.89
N VAL J 177 -23.03 -6.79 -26.40
CA VAL J 177 -22.44 -8.12 -26.20
C VAL J 177 -22.88 -8.99 -27.36
N GLN J 178 -21.92 -9.38 -28.19
CA GLN J 178 -22.17 -10.25 -29.32
C GLN J 178 -21.73 -11.66 -28.95
N THR J 179 -22.62 -12.62 -29.12
CA THR J 179 -22.31 -14.01 -28.82
C THR J 179 -22.71 -14.87 -30.00
N SER J 180 -21.84 -15.81 -30.36
CA SER J 180 -22.15 -16.75 -31.43
C SER J 180 -21.42 -18.05 -31.15
N THR J 181 -21.88 -19.12 -31.81
CA THR J 181 -21.30 -20.44 -31.63
C THR J 181 -21.03 -21.07 -32.98
N GLU J 182 -19.82 -21.59 -33.16
CA GLU J 182 -19.45 -22.32 -34.36
C GLU J 182 -18.85 -23.66 -33.95
N THR J 183 -18.82 -24.58 -34.89
CA THR J 183 -18.23 -25.90 -34.67
C THR J 183 -17.27 -26.20 -35.81
N GLY J 184 -16.06 -26.62 -35.47
CA GLY J 184 -15.07 -26.95 -36.47
C GLY J 184 -13.97 -27.77 -35.87
N ASN J 185 -13.18 -28.39 -36.75
CA ASN J 185 -12.08 -29.25 -36.33
CA ASN J 185 -12.08 -29.25 -36.32
C ASN J 185 -10.75 -28.50 -36.44
N GLN J 186 -10.53 -27.60 -35.48
CA GLN J 186 -9.29 -26.84 -35.48
C GLN J 186 -9.08 -26.27 -34.09
N HIS J 187 -8.01 -26.68 -33.43
CA HIS J 187 -7.63 -26.10 -32.15
C HIS J 187 -6.73 -24.90 -32.42
N LYS J 188 -7.07 -23.77 -31.83
CA LYS J 188 -6.30 -22.55 -32.00
C LYS J 188 -5.65 -22.18 -30.69
N TYR J 189 -4.33 -21.99 -30.72
CA TYR J 189 -3.55 -21.57 -29.57
C TYR J 189 -2.85 -20.27 -29.91
N GLN J 190 -2.64 -19.44 -28.91
CA GLN J 190 -2.01 -18.15 -29.13
C GLN J 190 -0.66 -18.10 -28.43
N THR J 191 0.09 -17.05 -28.70
CA THR J 191 1.34 -16.76 -28.02
C THR J 191 1.82 -15.39 -28.50
N ARG J 192 2.84 -14.89 -27.83
CA ARG J 192 3.37 -13.56 -28.12
C ARG J 192 4.88 -13.64 -28.17
N VAL J 193 5.47 -12.95 -29.14
CA VAL J 193 6.92 -12.87 -29.28
C VAL J 193 7.34 -11.41 -29.15
N VAL J 194 8.30 -11.16 -28.27
CA VAL J 194 8.81 -9.82 -28.04
C VAL J 194 10.23 -9.76 -28.58
N SER J 195 10.47 -8.84 -29.50
CA SER J 195 11.78 -8.64 -30.10
C SER J 195 12.35 -7.31 -29.65
N ASN J 196 13.67 -7.25 -29.51
CA ASN J 196 14.37 -6.05 -29.14
C ASN J 196 15.58 -5.91 -30.04
N ALA J 197 15.82 -4.70 -30.52
CA ALA J 197 17.01 -4.38 -31.30
C ALA J 197 17.65 -3.14 -30.67
N ASN J 198 18.86 -3.30 -30.14
CA ASN J 198 19.52 -2.24 -29.40
C ASN J 198 20.84 -1.88 -30.08
N LYS J 199 21.10 -0.59 -30.19
CA LYS J 199 22.37 -0.10 -30.71
C LYS J 199 22.44 1.40 -30.50
N VAL J 200 23.63 1.95 -30.66
CA VAL J 200 23.81 3.40 -30.60
C VAL J 200 23.51 3.99 -31.96
N ASN J 201 22.64 4.99 -32.00
CA ASN J 201 22.22 5.63 -33.25
C ASN J 201 21.73 4.59 -34.25
N LEU J 202 20.97 3.62 -33.76
CA LEU J 202 20.48 2.55 -34.62
C LEU J 202 19.35 3.04 -35.50
N LYS J 203 19.44 2.74 -36.79
CA LYS J 203 18.36 2.98 -37.73
C LYS J 203 17.67 1.65 -38.01
N PHE J 204 16.34 1.65 -37.97
CA PHE J 204 15.62 0.39 -38.07
C PHE J 204 15.95 -0.43 -39.31
N PRO J 205 16.09 0.15 -40.52
CA PRO J 205 16.37 -0.70 -41.68
C PRO J 205 17.62 -1.57 -41.53
N GLU J 206 18.55 -1.18 -40.67
CA GLU J 206 19.69 -2.05 -40.41
C GLU J 206 19.32 -3.23 -39.53
N ALA J 207 18.45 -3.00 -38.54
CA ALA J 207 18.04 -4.06 -37.64
C ALA J 207 16.94 -4.94 -38.21
N GLN J 208 16.28 -4.53 -39.27
CA GLN J 208 15.15 -5.28 -39.78
C GLN J 208 15.52 -6.68 -40.27
N PRO J 209 16.58 -6.89 -41.06
CA PRO J 209 16.84 -8.26 -41.54
C PRO J 209 17.05 -9.27 -40.42
N VAL J 210 17.88 -8.94 -39.43
CA VAL J 210 18.14 -9.88 -38.34
C VAL J 210 16.90 -10.05 -37.48
N LEU J 211 16.13 -8.97 -37.29
CA LEU J 211 14.89 -9.06 -36.54
C LEU J 211 13.94 -10.05 -37.20
N GLU J 212 13.76 -9.93 -38.53
CA GLU J 212 12.93 -10.88 -39.25
C GLU J 212 13.48 -12.29 -39.16
N ASP J 213 14.79 -12.45 -39.30
CA ASP J 213 15.39 -13.79 -39.26
C ASP J 213 15.10 -14.47 -37.93
N GLN J 214 15.35 -13.78 -36.83
CA GLN J 214 15.13 -14.37 -35.52
C GLN J 214 13.66 -14.64 -35.28
N LEU J 215 12.78 -13.70 -35.64
CA LEU J 215 11.36 -13.91 -35.43
C LEU J 215 10.84 -15.09 -36.24
N ALA J 216 11.27 -15.20 -37.50
CA ALA J 216 10.86 -16.31 -38.33
C ALA J 216 11.36 -17.63 -37.78
N LYS J 217 12.62 -17.67 -37.33
CA LYS J 217 13.14 -18.91 -36.77
C LYS J 217 12.36 -19.33 -35.54
N SER J 218 12.02 -18.38 -34.67
CA SER J 218 11.25 -18.71 -33.47
C SER J 218 9.86 -19.24 -33.83
N ILE J 219 9.15 -18.52 -34.69
CA ILE J 219 7.79 -18.93 -35.04
C ILE J 219 7.80 -20.28 -35.74
N ALA J 220 8.76 -20.52 -36.61
CA ALA J 220 8.84 -21.82 -37.26
C ALA J 220 9.21 -22.91 -36.26
N ASN J 221 10.09 -22.61 -35.31
CA ASN J 221 10.48 -23.59 -34.31
C ASN J 221 9.34 -23.95 -33.39
N ILE J 222 8.29 -23.12 -33.34
CA ILE J 222 7.08 -23.55 -32.64
C ILE J 222 6.64 -24.92 -33.15
N LEU J 223 6.72 -25.13 -34.46
CA LEU J 223 6.34 -26.42 -35.03
C LEU J 223 7.33 -27.52 -34.70
N GLY J 224 8.58 -27.16 -34.44
CA GLY J 224 9.60 -28.15 -34.13
C GLY J 224 10.12 -28.83 -35.38
N SER J 225 11.30 -29.44 -35.29
CA SER J 225 11.93 -30.05 -36.45
C SER J 225 11.25 -31.36 -36.84
N GLY J 226 10.00 -31.28 -37.27
CA GLY J 226 9.25 -32.47 -37.66
C GLY J 226 9.69 -33.01 -39.00
CA1 DGA K . 20.84 32.47 -24.98
CA2 DGA K . 20.64 33.61 -25.94
CA3 DGA K . 20.20 34.88 -25.29
CA4 DGA K . 21.27 35.50 -24.42
CA5 DGA K . 22.40 36.17 -25.16
CA6 DGA K . 21.95 37.36 -25.98
CA7 DGA K . 23.09 38.10 -26.66
CA8 DGA K . 24.11 38.66 -25.71
OA1 DGA K . 21.66 32.44 -24.10
CB1 DGA K . 18.22 28.74 -27.04
CB2 DGA K . 18.37 29.02 -28.51
CB3 DGA K . 17.24 28.50 -29.34
CB4 DGA K . 17.28 26.99 -29.53
CB5 DGA K . 17.35 26.55 -30.97
CB6 DGA K . 16.11 26.85 -31.77
CB7 DGA K . 14.87 26.12 -31.30
CB8 DGA K . 13.64 26.34 -32.14
CB9 DGA K . 13.74 25.83 -33.55
CAB DGA K . 12.48 26.01 -34.36
CBB DGA K . 12.57 25.50 -35.78
OB1 DGA K . 17.34 28.09 -26.54
OG1 DGA K . 19.99 31.48 -25.21
CG1 DGA K . 20.13 30.31 -24.38
CG2 DGA K . 19.16 29.26 -24.87
OG2 DGA K . 19.19 29.34 -26.32
CG3 DGA K . 19.52 27.87 -24.39
CA1 DGA L . 9.56 43.41 -11.75
CA2 DGA L . 9.01 44.80 -11.93
CA3 DGA L . 8.84 45.55 -10.65
CA4 DGA L . 10.17 45.91 -9.99
CA5 DGA L . 10.91 47.02 -10.66
CA6 DGA L . 10.20 48.35 -10.62
CA7 DGA L . 10.98 49.51 -11.20
CA8 DGA L . 12.29 49.77 -10.48
OA1 DGA L . 10.66 43.14 -11.32
CB1 DGA L . 6.38 40.54 -14.33
CB2 DGA L . 5.95 41.46 -15.45
CB3 DGA L . 4.60 41.16 -16.02
CB4 DGA L . 4.60 39.93 -16.90
CB5 DGA L . 4.09 40.18 -18.30
CB6 DGA L . 2.63 40.55 -18.39
CB7 DGA L . 1.69 39.46 -17.94
CB8 DGA L . 0.23 39.80 -18.11
CB9 DGA L . -0.22 39.98 -19.54
CAB DGA L . -1.69 40.26 -19.69
CBB DGA L . -2.14 40.45 -21.12
OB1 DGA L . 5.74 39.59 -13.95
OG1 DGA L . 8.69 42.48 -12.12
CG1 DGA L . 9.13 41.12 -12.05
CG2 DGA L . 8.04 40.23 -12.62
OG2 DGA L . 7.53 40.94 -13.78
CG3 DGA L . 8.57 38.85 -13.01
CA1 DGA M . 4.09 45.09 7.95
CA2 DGA M . 3.51 46.28 8.66
CA3 DGA M . 3.86 46.35 10.11
CA4 DGA M . 5.32 46.64 10.36
CA5 DGA M . 5.72 48.08 10.11
CA6 DGA M . 5.06 49.07 11.02
CA7 DGA M . 5.54 50.49 10.85
CA8 DGA M . 7.02 50.67 11.13
OA1 DGA M . 5.28 44.88 7.80
CB1 DGA M . 0.17 43.11 5.55
CB2 DGA M . -0.64 44.33 5.21
CB3 DGA M . -2.10 44.05 5.08
CB4 DGA M . -2.46 43.35 3.78
CB5 DGA M . -3.45 44.10 2.93
CB6 DGA M . -4.84 44.21 3.50
CB7 DGA M . -5.54 42.88 3.65
CB8 DGA M . -6.96 42.97 4.15
CB9 DGA M . -7.90 43.69 3.22
CAB DGA M . -9.34 43.72 3.70
CBB DGA M . -10.29 44.42 2.77
OB1 DGA M . -0.24 41.99 5.63
OG1 DGA M . 3.15 44.28 7.50
CG1 DGA M . 3.61 43.12 6.75
CG2 DGA M . 2.39 42.40 6.22
OG2 DGA M . 1.47 43.43 5.79
CG3 DGA M . 2.73 41.45 5.08
CA1 DGA N . 6.51 36.92 26.62
CA2 DGA N . 6.23 37.52 27.97
CA3 DGA N . 7.12 37.01 29.06
CA4 DGA N . 8.56 37.46 28.90
CA5 DGA N . 8.82 38.90 29.25
CA6 DGA N . 8.57 39.23 30.70
CA7 DGA N . 8.94 40.64 31.09
CA8 DGA N . 10.38 40.98 30.87
OA1 DGA N . 7.54 37.03 26.01
CB1 DGA N . 1.98 35.50 25.01
CB2 DGA N . 1.08 36.56 25.58
CB3 DGA N . -0.32 36.10 25.83
CB4 DGA N . -1.14 35.98 24.56
CB5 DGA N . -2.38 36.83 24.54
CB6 DGA N . -3.44 36.42 25.51
CB7 DGA N . -4.03 35.05 25.25
CB8 DGA N . -5.15 34.65 26.18
CB9 DGA N . -6.38 35.51 26.07
CAB DGA N . -7.52 35.06 26.96
CBB DGA N . -8.76 35.91 26.86
OB1 DGA N . 1.62 34.40 24.68
OG1 DGA N . 5.46 36.22 26.17
CG1 DGA N . 5.61 35.63 24.87
CG2 DGA N . 4.29 35.00 24.49
OG2 DGA N . 3.26 35.92 24.93
CG3 DGA N . 4.17 34.73 23.01
CA1 DGA O . 15.89 21.98 37.11
CA2 DGA O . 16.12 21.91 38.59
CA3 DGA O . 17.33 21.12 38.96
CA4 DGA O . 18.63 21.79 38.55
CA5 DGA O . 19.02 22.97 39.41
CA6 DGA O . 19.31 22.61 40.84
CA7 DGA O . 19.82 23.76 41.68
CA8 DGA O . 21.11 24.37 41.18
OA1 DGA O . 16.61 22.52 36.31
CB1 DGA O . 11.09 20.63 36.62
CB2 DGA O . 10.48 21.15 37.88
CB3 DGA O . 9.27 20.38 38.34
CB4 DGA O . 8.03 20.68 37.51
CB5 DGA O . 6.86 21.20 38.31
CB6 DGA O . 6.26 20.20 39.27
CB7 DGA O . 5.64 19.00 38.60
CB8 DGA O . 4.98 18.03 39.55
CB9 DGA O . 3.78 18.60 40.27
CAB DGA O . 3.07 17.59 41.17
CBB DGA O . 1.88 18.14 41.89
OB1 DGA O . 10.64 19.73 35.95
OG1 DGA O . 14.75 21.38 36.76
CG1 DGA O . 14.40 21.43 35.36
CG2 DGA O . 13.03 20.81 35.19
OG2 DGA O . 12.24 21.26 36.32
CG3 DGA O . 12.36 21.21 33.89
CA1 DGA P . 28.66 6.01 35.42
CA2 DGA P . 29.43 5.33 36.52
CA3 DGA P . 30.71 4.70 36.04
CA4 DGA P . 31.75 5.72 35.61
CA5 DGA P . 32.43 6.44 36.74
CA6 DGA P . 33.25 5.55 37.65
CA7 DGA P . 34.01 6.27 38.71
CA8 DGA P . 35.01 7.28 38.19
OA1 DGA P . 29.03 6.96 34.79
CB1 DGA P . 24.05 4.13 35.95
CB2 DGA P . 23.97 3.91 37.44
CB3 DGA P . 23.03 2.80 37.83
CB4 DGA P . 21.57 3.22 37.72
CB5 DGA P . 20.80 3.11 39.02
CB6 DGA P . 20.61 1.69 39.51
CB7 DGA P . 19.77 0.83 38.61
CB8 DGA P . 19.52 -0.56 39.13
CB9 DGA P . 18.70 -0.61 40.40
CAB DGA P . 18.39 -2.01 40.87
CBB DGA P . 17.56 -2.07 42.13
OB1 DGA P . 23.38 3.56 35.13
OG1 DGA P . 27.48 5.43 35.23
CG1 DGA P . 26.62 6.03 34.23
CG2 DGA P . 25.30 5.31 34.25
OG2 DGA P . 25.00 5.03 35.65
CG3 DGA P . 24.18 6.12 33.61
CA1 DGA Q . 39.96 -4.93 22.21
CA2 DGA Q . 41.10 -5.85 22.51
CA3 DGA Q . 42.11 -5.95 21.40
CA4 DGA Q . 42.89 -4.67 21.19
CA5 DGA Q . 43.94 -4.39 22.24
CA6 DGA Q . 45.04 -5.42 22.29
CA7 DGA Q . 46.15 -5.10 23.26
CA8 DGA Q . 46.87 -3.80 22.96
OA1 DGA Q . 40.05 -3.73 22.03
CB1 DGA Q . 35.91 -7.68 23.26
CB2 DGA Q . 36.40 -8.54 24.40
CB3 DGA Q . 35.69 -9.85 24.51
CB4 DGA Q . 34.30 -9.71 25.10
CB5 DGA Q . 34.07 -10.52 26.36
CB6 DGA Q . 34.09 -12.02 26.15
CB7 DGA Q . 32.98 -12.53 25.27
CB8 DGA Q . 32.94 -14.03 25.12
CB9 DGA Q . 32.65 -14.78 26.39
CAB DGA Q . 32.55 -16.27 26.21
CBB DGA Q . 32.26 -17.04 27.48
OB1 DGA Q . 34.98 -7.94 22.55
OG1 DGA Q . 38.80 -5.57 22.15
CG1 DGA Q . 37.63 -4.77 21.92
CG2 DGA Q . 36.41 -5.67 22.00
OG2 DGA Q . 36.67 -6.58 23.11
CG3 DGA Q . 35.13 -4.90 22.24
CA1 DGA R . 45.43 -6.61 2.51
CA2 DGA R . 46.61 -7.34 1.93
CA3 DGA R . 47.11 -6.74 0.65
CA4 DGA R . 47.77 -5.38 0.84
CA5 DGA R . 49.13 -5.43 1.47
CA6 DGA R . 50.16 -6.15 0.64
CA7 DGA R . 51.56 -6.10 1.20
CA8 DGA R . 52.12 -4.70 1.36
OA1 DGA R . 45.44 -5.46 2.90
CB1 DGA R . 42.10 -10.25 3.38
CB2 DGA R . 42.99 -11.41 3.73
CB3 DGA R . 42.39 -12.75 3.43
CB4 DGA R . 41.31 -13.15 4.42
CB5 DGA R . 41.59 -14.45 5.13
CB6 DGA R . 41.55 -15.67 4.25
CB7 DGA R . 40.19 -15.95 3.66
CB8 DGA R . 40.10 -17.22 2.84
CB9 DGA R . 40.34 -18.49 3.63
CAB DGA R . 40.18 -19.74 2.81
CBB DGA R . 40.40 -21.02 3.59
OB1 DGA R . 40.97 -10.34 2.98
OG1 DGA R . 44.34 -7.37 2.53
CG1 DGA R . 43.16 -6.78 3.12
CG2 DGA R . 42.08 -7.83 3.17
OG2 DGA R . 42.75 -9.08 3.55
CG3 DGA R . 40.97 -7.49 4.13
CA1 DGA S . 43.02 1.57 -16.17
CA2 DGA S . 43.87 1.41 -17.39
CA3 DGA S . 43.86 2.61 -18.30
CA4 DGA S . 44.54 3.82 -17.69
CA5 DGA S . 46.05 3.74 -17.67
CA6 DGA S . 46.68 3.72 -19.04
CA7 DGA S . 48.19 3.76 -19.03
CA8 DGA S . 48.76 4.99 -18.39
OA1 DGA S . 43.18 2.39 -15.29
CB1 DGA S . 40.30 -2.64 -16.08
CB2 DGA S . 41.26 -3.66 -16.64
CB3 DGA S . 40.59 -4.81 -17.33
CB4 DGA S . 39.97 -5.80 -16.36
CB5 DGA S . 40.51 -7.20 -16.48
CB6 DGA S . 40.14 -7.90 -17.77
CB7 DGA S . 38.66 -8.14 -17.94
CB8 DGA S . 38.28 -8.90 -19.19
CB9 DGA S . 38.80 -10.32 -19.23
CAB DGA S . 38.36 -11.09 -20.45
CBB DGA S . 38.87 -12.51 -20.50
OB1 DGA S . 39.10 -2.75 -16.08
OG1 DGA S . 42.02 0.69 -16.16
CG1 DGA S . 41.16 0.72 -15.01
CG2 DGA S . 40.18 -0.43 -15.10
OG2 DGA S . 40.96 -1.57 -15.61
CG3 DGA S . 39.53 -0.77 -13.79
CA1 DGA T . 33.62 16.49 -26.66
CA2 DGA T . 33.98 17.02 -28.01
CA3 DGA T . 33.59 18.45 -28.23
CA4 DGA T . 34.40 19.41 -27.36
CA5 DGA T . 35.81 19.64 -27.83
CA6 DGA T . 35.91 20.30 -29.19
CA7 DGA T . 37.32 20.64 -29.61
CA8 DGA T . 38.02 21.60 -28.69
OA1 DGA T . 34.07 16.88 -25.61
CB1 DGA T . 31.19 12.23 -27.69
CB2 DGA T . 31.88 11.76 -28.94
CB3 DGA T . 31.01 10.93 -29.83
CB4 DGA T . 30.81 9.52 -29.30
CB5 DGA T . 31.25 8.43 -30.25
CB6 DGA T . 30.44 8.33 -31.52
CB7 DGA T . 29.00 7.93 -31.29
CB8 DGA T . 28.19 7.75 -32.55
CB9 DGA T . 28.65 6.62 -33.43
CAB DGA T . 27.80 6.40 -34.65
CBB DGA T . 28.23 5.26 -35.53
OB1 DGA T . 30.08 11.91 -27.35
OG1 DGA T . 32.73 15.52 -26.74
CG1 DGA T . 32.34 14.89 -25.50
CG2 DGA T . 31.42 13.74 -25.81
OG2 DGA T . 31.95 13.10 -27.00
CG3 DGA T . 31.31 12.74 -24.67
#